data_5YJ0
#
_entry.id   5YJ0
#
_cell.length_a   201.897
_cell.length_b   201.897
_cell.length_c   123.614
_cell.angle_alpha   90.00
_cell.angle_beta   90.00
_cell.angle_gamma   120.00
#
_symmetry.space_group_name_H-M   'H 3'
#
loop_
_entity.id
_entity.type
_entity.pdbx_description
1 polymer 'Protein cereblon'
2 non-polymer S-Thalidomide
3 non-polymer 'ZINC ION'
4 non-polymer 'SULFATE ION'
5 water water
#
_entity_poly.entity_id   1
_entity_poly.type   'polypeptide(L)'
_entity_poly.pdbx_seq_one_letter_code
;GPTSLCCKQCQETEITTKNEIFSLSLCGPMAAYVNPHGYVHETLTVYKASNLNLIGRPSTVHSWFPGYAWTIAQCKICAS
HIGWKFTATKKDMSPQKFWGLTRSALLPTIP
;
_entity_poly.pdbx_strand_id   A,D,G,J,M,P,S,V,Y,b,e,h,k,n,q,t
#
loop_
_chem_comp.id
_chem_comp.type
_chem_comp.name
_chem_comp.formula
EF2 non-polymer S-Thalidomide 'C13 H10 N2 O4'
SO4 non-polymer 'SULFATE ION' 'O4 S -2'
ZN non-polymer 'ZINC ION' 'Zn 2'
#
# COMPACT_ATOMS: atom_id res chain seq x y z
N PRO A 2 16.32 14.39 52.01
CA PRO A 2 16.49 15.85 52.08
C PRO A 2 15.23 16.58 52.52
N THR A 3 14.10 16.22 51.93
CA THR A 3 12.80 16.46 52.54
C THR A 3 12.27 15.18 53.18
N SER A 4 13.16 14.21 53.36
CA SER A 4 12.76 12.83 53.58
C SER A 4 12.76 12.52 55.08
N LEU A 5 11.69 11.88 55.54
CA LEU A 5 11.58 11.48 56.94
C LEU A 5 11.56 9.96 57.04
N CYS A 6 12.63 9.39 57.60
CA CYS A 6 12.83 7.95 57.57
C CYS A 6 12.66 7.33 58.95
N CYS A 7 12.33 6.04 58.97
CA CYS A 7 12.28 5.25 60.19
C CYS A 7 13.59 5.35 60.95
N LYS A 8 13.52 5.82 62.20
CA LYS A 8 14.73 6.09 62.97
C LYS A 8 15.45 4.79 63.31
N GLN A 9 14.66 3.73 63.49
CA GLN A 9 15.18 2.47 63.99
C GLN A 9 16.07 1.76 62.96
N CYS A 10 15.59 1.65 61.71
CA CYS A 10 16.36 0.93 60.68
C CYS A 10 16.96 1.85 59.62
N GLN A 11 16.41 3.05 59.50
CA GLN A 11 16.93 4.05 58.57
C GLN A 11 16.84 3.60 57.11
N GLU A 12 16.17 2.47 56.86
CA GLU A 12 16.03 1.97 55.50
C GLU A 12 14.95 2.72 54.75
N THR A 13 13.82 2.95 55.42
CA THR A 13 12.58 3.33 54.74
C THR A 13 12.33 4.82 54.87
N GLU A 14 11.94 5.45 53.78
CA GLU A 14 11.21 6.71 53.85
C GLU A 14 9.77 6.47 54.24
N ILE A 15 9.33 7.12 55.31
CA ILE A 15 7.96 6.97 55.79
C ILE A 15 7.09 8.12 55.29
N THR A 16 7.67 9.32 55.21
CA THR A 16 6.96 10.45 54.64
C THR A 16 7.94 11.53 54.23
N THR A 17 7.41 12.65 53.74
CA THR A 17 8.24 13.80 53.38
C THR A 17 7.69 15.07 54.01
N LYS A 18 8.55 16.08 54.14
CA LYS A 18 8.14 17.35 54.74
C LYS A 18 7.08 18.04 53.89
N ASN A 19 6.94 17.59 52.64
CA ASN A 19 5.93 18.15 51.74
C ASN A 19 4.52 17.73 52.13
N GLU A 20 4.41 16.62 52.86
CA GLU A 20 3.12 16.04 53.18
C GLU A 20 2.57 16.57 54.50
N ILE A 21 3.39 17.29 55.25
CA ILE A 21 2.99 17.76 56.57
C ILE A 21 1.84 18.76 56.47
N PHE A 22 0.82 18.57 57.31
CA PHE A 22 -0.21 19.58 57.50
C PHE A 22 -0.63 19.63 58.96
N SER A 23 -1.44 20.62 59.31
CA SER A 23 -1.78 20.86 60.71
C SER A 23 -3.29 20.82 60.93
N LEU A 24 -3.72 19.99 61.87
CA LEU A 24 -5.11 19.97 62.32
C LEU A 24 -5.30 20.81 63.58
N SER A 25 -4.21 21.29 64.16
CA SER A 25 -4.31 22.10 65.38
C SER A 25 -4.75 23.52 65.03
N LEU A 26 -5.49 24.14 65.95
CA LEU A 26 -6.15 25.41 65.68
C LEU A 26 -5.25 26.58 66.10
N CYS A 27 -5.34 27.68 65.36
CA CYS A 27 -4.33 28.74 65.44
C CYS A 27 -4.85 29.96 66.19
N GLY A 28 -6.08 29.88 66.69
CA GLY A 28 -6.68 30.97 67.44
C GLY A 28 -7.06 30.56 68.85
N PRO A 29 -8.03 31.26 69.45
CA PRO A 29 -8.35 31.01 70.86
C PRO A 29 -9.09 29.69 71.06
N MET A 30 -9.64 29.14 69.99
CA MET A 30 -10.34 27.85 70.07
C MET A 30 -9.36 26.74 70.39
N HIS A 41 4.76 20.41 68.08
CA HIS A 41 4.26 19.43 69.04
C HIS A 41 4.92 18.08 68.82
N GLU A 42 4.20 17.00 69.15
CA GLU A 42 4.82 15.70 69.37
C GLU A 42 4.40 14.71 68.28
N THR A 43 3.22 14.95 67.74
CA THR A 43 2.67 14.09 66.68
C THR A 43 2.61 14.85 65.37
N LEU A 44 3.41 14.39 64.42
CA LEU A 44 3.37 14.90 63.06
C LEU A 44 2.15 14.34 62.36
N THR A 45 1.37 15.22 61.72
CA THR A 45 0.29 14.78 60.86
C THR A 45 0.61 15.04 59.39
N VAL A 46 0.55 13.99 58.58
CA VAL A 46 0.83 14.11 57.15
C VAL A 46 -0.28 13.48 56.32
N TYR A 47 -0.47 14.02 55.11
CA TYR A 47 -1.53 13.56 54.22
C TYR A 47 -1.23 12.16 53.71
N LYS A 48 0.05 11.91 53.49
CA LYS A 48 0.48 10.72 52.76
C LYS A 48 1.71 10.14 53.45
N ALA A 49 1.81 8.81 53.44
CA ALA A 49 2.98 8.13 53.97
C ALA A 49 3.23 6.86 53.16
N SER A 50 4.36 6.22 53.43
CA SER A 50 4.79 5.06 52.66
C SER A 50 5.49 4.06 53.57
N ASN A 51 5.52 2.80 53.15
CA ASN A 51 6.37 1.79 53.78
C ASN A 51 5.89 1.47 55.19
N LEU A 52 4.60 1.69 55.44
CA LEU A 52 3.99 1.33 56.72
C LEU A 52 3.02 0.17 56.54
N ASN A 53 3.12 -0.80 57.43
CA ASN A 53 2.13 -1.87 57.52
C ASN A 53 1.09 -1.56 58.59
N LEU A 54 -0.19 -1.72 58.24
CA LEU A 54 -1.28 -1.51 59.17
C LEU A 54 -1.56 -2.79 59.97
N ILE A 55 -1.77 -2.62 61.27
CA ILE A 55 -2.06 -3.74 62.16
C ILE A 55 -3.50 -3.68 62.66
N GLY A 56 -4.27 -4.73 62.41
CA GLY A 56 -5.61 -4.86 62.95
C GLY A 56 -6.61 -3.95 62.26
N ARG A 57 -7.60 -3.48 63.02
CA ARG A 57 -8.74 -2.78 62.45
C ARG A 57 -8.91 -1.44 63.15
N PRO A 58 -9.57 -0.47 62.48
CA PRO A 58 -9.70 0.85 63.06
C PRO A 58 -10.44 0.82 64.40
N SER A 59 -10.02 1.68 65.33
CA SER A 59 -10.76 1.89 66.57
C SER A 59 -10.92 3.38 66.85
N THR A 60 -12.00 3.73 67.53
CA THR A 60 -12.22 5.12 67.94
C THR A 60 -11.87 5.38 69.41
N VAL A 61 -11.46 4.34 70.13
CA VAL A 61 -11.20 4.47 71.55
C VAL A 61 -10.03 5.42 71.83
N HIS A 62 -10.29 6.45 72.62
CA HIS A 62 -9.26 7.41 73.05
C HIS A 62 -8.69 8.21 71.88
N SER A 63 -9.45 8.30 70.79
CA SER A 63 -8.93 8.92 69.57
C SER A 63 -8.46 10.34 69.85
N TRP A 64 -7.24 10.65 69.44
CA TRP A 64 -6.67 11.98 69.63
C TRP A 64 -7.29 13.00 68.67
N PHE A 65 -8.00 12.50 67.66
CA PHE A 65 -8.61 13.36 66.65
C PHE A 65 -10.10 13.04 66.50
N PRO A 66 -10.93 13.70 67.30
CA PRO A 66 -12.35 13.35 67.37
C PRO A 66 -13.01 13.38 65.99
N GLY A 67 -13.64 12.26 65.65
CA GLY A 67 -14.20 12.08 64.32
C GLY A 67 -13.43 11.05 63.50
N TYR A 68 -12.22 10.73 63.94
CA TYR A 68 -11.39 9.73 63.27
C TYR A 68 -11.21 8.49 64.14
N ALA A 69 -11.03 7.36 63.48
CA ALA A 69 -10.55 6.15 64.13
C ALA A 69 -9.07 5.93 63.81
N TRP A 70 -8.41 5.11 64.60
CA TRP A 70 -6.98 4.88 64.43
C TRP A 70 -6.66 3.41 64.16
N THR A 71 -5.64 3.20 63.33
CA THR A 71 -5.07 1.88 63.11
C THR A 71 -3.56 1.96 63.28
N ILE A 72 -2.99 1.04 64.06
CA ILE A 72 -1.56 1.03 64.30
C ILE A 72 -0.78 0.87 62.99
N ALA A 73 0.27 1.67 62.84
CA ALA A 73 1.10 1.64 61.64
C ALA A 73 2.56 1.42 62.01
N GLN A 74 3.18 0.40 61.43
CA GLN A 74 4.58 0.10 61.72
C GLN A 74 5.42 -0.05 60.46
N CYS A 75 6.71 0.28 60.59
CA CYS A 75 7.64 0.18 59.47
C CYS A 75 7.66 -1.23 58.91
N LYS A 76 7.54 -1.34 57.60
CA LYS A 76 7.35 -2.64 56.97
C LYS A 76 8.62 -3.49 57.10
N ILE A 77 9.74 -2.85 57.36
CA ILE A 77 11.03 -3.54 57.41
C ILE A 77 11.32 -4.07 58.83
N CYS A 78 11.30 -3.18 59.81
CA CYS A 78 11.80 -3.51 61.14
C CYS A 78 10.69 -3.55 62.20
N ALA A 79 9.48 -3.19 61.79
CA ALA A 79 8.29 -3.31 62.63
C ALA A 79 8.23 -2.26 63.75
N SER A 80 9.09 -1.25 63.67
CA SER A 80 9.01 -0.13 64.60
C SER A 80 7.63 0.54 64.53
N HIS A 81 7.03 0.74 65.69
CA HIS A 81 5.75 1.44 65.78
C HIS A 81 5.94 2.93 65.53
N ILE A 82 5.61 3.38 64.32
CA ILE A 82 5.96 4.74 63.91
C ILE A 82 4.79 5.70 64.12
N GLY A 83 3.58 5.19 64.05
CA GLY A 83 2.39 6.00 64.29
C GLY A 83 1.09 5.28 64.02
N TRP A 84 0.12 6.02 63.48
CA TRP A 84 -1.22 5.47 63.21
C TRP A 84 -1.76 6.02 61.90
N LYS A 85 -2.65 5.26 61.29
CA LYS A 85 -3.51 5.78 60.24
C LYS A 85 -4.85 6.21 60.84
N PHE A 86 -5.23 7.47 60.60
CA PHE A 86 -6.51 7.97 61.07
C PHE A 86 -7.52 8.04 59.92
N THR A 87 -8.69 7.46 60.14
CA THR A 87 -9.72 7.35 59.11
C THR A 87 -11.03 7.95 59.59
N ALA A 88 -11.62 8.82 58.79
CA ALA A 88 -12.78 9.59 59.20
C ALA A 88 -13.99 8.68 59.43
N THR A 89 -14.81 9.03 60.41
CA THR A 89 -16.00 8.23 60.71
C THR A 89 -17.22 8.75 59.95
N LYS A 90 -17.10 9.93 59.35
CA LYS A 90 -18.20 10.53 58.61
C LYS A 90 -17.72 11.01 57.23
N LYS A 91 -18.60 10.96 56.26
CA LYS A 91 -18.23 11.21 54.86
C LYS A 91 -17.96 12.69 54.62
N ASP A 92 -18.51 13.55 55.48
CA ASP A 92 -18.46 14.99 55.23
C ASP A 92 -17.19 15.63 55.80
N MET A 93 -16.29 14.78 56.30
CA MET A 93 -15.04 15.27 56.87
C MET A 93 -13.93 15.33 55.82
N SER A 94 -13.00 16.26 56.00
CA SER A 94 -11.75 16.25 55.24
C SER A 94 -10.57 16.47 56.18
N PRO A 95 -9.45 15.80 55.90
CA PRO A 95 -9.38 14.70 54.95
C PRO A 95 -10.12 13.47 55.46
N GLN A 96 -10.40 12.54 54.56
CA GLN A 96 -11.02 11.28 54.96
C GLN A 96 -10.01 10.37 55.65
N LYS A 97 -8.73 10.66 55.45
CA LYS A 97 -7.67 9.85 56.03
C LYS A 97 -6.39 10.68 56.11
N PHE A 98 -5.64 10.51 57.20
CA PHE A 98 -4.28 11.02 57.29
C PHE A 98 -3.44 10.12 58.19
N TRP A 99 -2.17 10.48 58.36
CA TRP A 99 -1.28 9.74 59.24
C TRP A 99 -0.83 10.63 60.40
N GLY A 100 -0.93 10.10 61.62
CA GLY A 100 -0.31 10.73 62.77
C GLY A 100 0.91 9.97 63.23
N LEU A 101 2.08 10.59 63.07
CA LEU A 101 3.34 9.89 63.27
C LEU A 101 4.09 10.41 64.49
N THR A 102 4.61 9.48 65.28
CA THR A 102 5.45 9.83 66.42
C THR A 102 6.78 10.42 65.95
N ARG A 103 7.00 11.69 66.27
CA ARG A 103 8.14 12.41 65.71
C ARG A 103 9.46 11.73 66.09
N SER A 104 9.52 11.21 67.31
CA SER A 104 10.76 10.67 67.84
C SER A 104 11.08 9.33 67.20
N ALA A 105 10.15 8.82 66.38
CA ALA A 105 10.35 7.56 65.67
C ALA A 105 10.83 7.80 64.25
N LEU A 106 11.14 9.05 63.94
CA LEU A 106 11.55 9.44 62.59
C LEU A 106 12.89 10.14 62.62
N LEU A 107 13.65 10.00 61.53
CA LEU A 107 14.86 10.80 61.29
C LEU A 107 14.67 11.63 60.02
N PRO A 108 15.06 12.91 60.06
CA PRO A 108 15.58 13.57 61.26
C PRO A 108 14.47 13.97 62.22
N PRO B 2 3.64 29.07 57.57
CA PRO B 2 4.70 29.31 56.60
C PRO B 2 4.36 28.79 55.21
N THR B 3 3.94 27.53 55.14
CA THR B 3 3.41 26.97 53.90
C THR B 3 1.89 26.95 53.92
N SER B 4 1.33 27.54 54.97
CA SER B 4 0.00 27.16 55.44
C SER B 4 -1.03 28.19 54.95
N LEU B 5 -2.12 27.67 54.39
CA LEU B 5 -3.20 28.53 53.90
C LEU B 5 -4.44 28.37 54.77
N CYS B 6 -4.81 29.44 55.46
CA CYS B 6 -5.83 29.36 56.51
C CYS B 6 -7.11 30.09 56.11
N CYS B 7 -8.22 29.63 56.66
CA CYS B 7 -9.49 30.33 56.51
C CYS B 7 -9.37 31.80 56.88
N LYS B 8 -9.67 32.68 55.93
CA LYS B 8 -9.44 34.11 56.12
C LYS B 8 -10.37 34.66 57.17
N GLN B 9 -11.57 34.10 57.23
CA GLN B 9 -12.63 34.64 58.08
C GLN B 9 -12.33 34.45 59.57
N CYS B 10 -11.96 33.22 59.96
CA CYS B 10 -11.67 32.92 61.35
C CYS B 10 -10.21 32.75 61.74
N GLN B 11 -9.36 32.36 60.81
CA GLN B 11 -7.93 32.32 61.09
C GLN B 11 -7.59 31.22 62.09
N GLU B 12 -8.57 30.35 62.35
CA GLU B 12 -8.33 29.18 63.18
C GLU B 12 -7.78 27.98 62.46
N THR B 13 -8.31 27.73 61.28
CA THR B 13 -8.09 26.44 60.62
C THR B 13 -7.07 26.60 59.50
N GLU B 14 -6.11 25.69 59.43
CA GLU B 14 -5.42 25.40 58.17
C GLU B 14 -6.35 24.63 57.22
N ILE B 15 -6.49 25.14 56.01
CA ILE B 15 -7.33 24.50 55.01
C ILE B 15 -6.48 23.69 54.03
N THR B 16 -5.33 24.23 53.66
CA THR B 16 -4.39 23.52 52.81
C THR B 16 -2.99 24.08 52.97
N THR B 17 -2.05 23.54 52.21
CA THR B 17 -0.68 24.06 52.20
C THR B 17 -0.22 24.30 50.78
N LYS B 18 0.78 25.16 50.62
CA LYS B 18 1.32 25.48 49.30
C LYS B 18 1.88 24.23 48.63
N ASN B 19 2.18 23.21 49.44
CA ASN B 19 2.75 21.97 48.91
C ASN B 19 1.74 21.17 48.12
N GLU B 20 0.45 21.42 48.37
CA GLU B 20 -0.60 20.63 47.76
C GLU B 20 -1.05 21.22 46.42
N ILE B 21 -0.61 22.44 46.13
CA ILE B 21 -1.07 23.15 44.94
C ILE B 21 -0.65 22.40 43.68
N PHE B 22 -1.59 22.29 42.74
CA PHE B 22 -1.27 21.82 41.40
C PHE B 22 -2.17 22.53 40.40
N SER B 23 -1.92 22.30 39.11
CA SER B 23 -2.57 23.08 38.07
C SER B 23 -3.22 22.18 37.03
N LEU B 24 -4.51 22.40 36.80
CA LEU B 24 -5.24 21.72 35.74
C LEU B 24 -5.35 22.57 34.48
N SER B 25 -4.89 23.82 34.57
CA SER B 25 -4.91 24.71 33.41
C SER B 25 -3.77 24.35 32.45
N LEU B 26 -4.02 24.55 31.15
CA LEU B 26 -3.09 24.09 30.12
C LEU B 26 -2.11 25.20 29.76
N CYS B 27 -0.88 24.80 29.42
CA CYS B 27 0.24 25.72 29.35
C CYS B 27 0.62 26.07 27.91
N GLY B 28 -0.23 25.66 26.97
CA GLY B 28 0.00 25.93 25.55
C GLY B 28 -1.21 26.51 24.85
N PRO B 29 -1.26 26.38 23.52
CA PRO B 29 -2.32 27.03 22.73
C PRO B 29 -3.69 26.44 22.99
N MET B 30 -3.74 25.25 23.57
CA MET B 30 -5.01 24.62 23.91
C MET B 30 -5.67 25.35 25.08
N HIS B 41 -4.97 31.11 37.68
CA HIS B 41 -6.19 31.89 37.82
C HIS B 41 -6.39 32.31 39.26
N GLU B 42 -7.65 32.50 39.66
CA GLU B 42 -7.98 32.92 41.01
C GLU B 42 -8.46 31.74 41.85
N THR B 43 -8.79 30.64 41.17
CA THR B 43 -9.20 29.44 41.87
C THR B 43 -8.01 28.51 42.07
N LEU B 44 -7.64 28.35 43.33
CA LEU B 44 -6.55 27.47 43.69
C LEU B 44 -7.05 26.02 43.64
N THR B 45 -6.31 25.17 42.94
CA THR B 45 -6.60 23.74 42.98
C THR B 45 -5.51 22.99 43.74
N VAL B 46 -5.93 22.23 44.75
CA VAL B 46 -5.01 21.46 45.57
C VAL B 46 -5.44 20.00 45.67
N TYR B 47 -4.46 19.12 45.84
CA TYR B 47 -4.72 17.69 45.89
C TYR B 47 -5.43 17.32 47.19
N LYS B 48 -5.08 18.04 48.25
CA LYS B 48 -5.48 17.68 49.60
C LYS B 48 -5.86 18.93 50.36
N ALA B 49 -6.85 18.81 51.23
CA ALA B 49 -7.25 19.90 52.11
C ALA B 49 -7.74 19.34 53.43
N SER B 50 -7.93 20.23 54.41
CA SER B 50 -8.30 19.82 55.76
C SER B 50 -9.32 20.79 56.33
N ASN B 51 -10.09 20.34 57.31
CA ASN B 51 -10.88 21.23 58.15
C ASN B 51 -12.05 21.83 57.36
N LEU B 52 -12.44 21.14 56.30
CA LEU B 52 -13.60 21.54 55.51
C LEU B 52 -14.73 20.56 55.72
N ASN B 53 -15.94 21.08 55.89
CA ASN B 53 -17.14 20.26 55.88
C ASN B 53 -17.84 20.29 54.53
N LEU B 54 -18.24 19.12 54.06
CA LEU B 54 -18.95 19.01 52.79
C LEU B 54 -20.45 19.16 52.98
N ILE B 55 -21.06 20.00 52.16
CA ILE B 55 -22.51 20.23 52.18
C ILE B 55 -23.19 19.51 51.01
N GLY B 56 -24.18 18.69 51.31
CA GLY B 56 -25.03 18.11 50.29
C GLY B 56 -24.30 17.06 49.46
N ARG B 57 -24.66 16.98 48.18
CA ARG B 57 -24.21 15.87 47.33
C ARG B 57 -23.64 16.40 46.02
N PRO B 58 -22.76 15.63 45.38
CA PRO B 58 -22.07 16.14 44.20
C PRO B 58 -23.05 16.51 43.09
N SER B 59 -22.73 17.59 42.38
CA SER B 59 -23.47 17.97 41.18
C SER B 59 -22.50 18.26 40.04
N THR B 60 -22.94 18.02 38.80
CA THR B 60 -22.15 18.37 37.63
C THR B 60 -22.61 19.66 36.95
N VAL B 61 -23.68 20.27 37.48
CA VAL B 61 -24.23 21.47 36.87
C VAL B 61 -23.21 22.62 36.87
N HIS B 62 -22.94 23.16 35.68
CA HIS B 62 -22.05 24.31 35.53
C HIS B 62 -20.63 24.02 35.99
N SER B 63 -20.25 22.74 36.05
CA SER B 63 -18.95 22.37 36.58
C SER B 63 -17.83 23.11 35.85
N TRP B 64 -16.94 23.75 36.61
CA TRP B 64 -15.81 24.46 36.03
C TRP B 64 -14.73 23.51 35.52
N PHE B 65 -14.83 22.24 35.89
CA PHE B 65 -13.84 21.25 35.49
C PHE B 65 -14.51 20.05 34.85
N PRO B 66 -14.73 20.12 33.53
CA PRO B 66 -15.55 19.12 32.85
C PRO B 66 -15.05 17.71 33.10
N GLY B 67 -15.95 16.84 33.55
CA GLY B 67 -15.58 15.50 33.98
C GLY B 67 -15.69 15.32 35.47
N TYR B 68 -15.73 16.44 36.19
CA TYR B 68 -15.86 16.42 37.64
C TYR B 68 -17.22 16.96 38.09
N ALA B 69 -17.68 16.46 39.21
CA ALA B 69 -18.81 17.07 39.93
C ALA B 69 -18.28 17.84 41.14
N TRP B 70 -19.08 18.77 41.64
CA TRP B 70 -18.67 19.62 42.76
C TRP B 70 -19.56 19.43 43.97
N THR B 71 -18.94 19.53 45.14
CA THR B 71 -19.66 19.60 46.42
C THR B 71 -19.16 20.80 47.21
N ILE B 72 -20.09 21.60 47.75
CA ILE B 72 -19.71 22.77 48.53
C ILE B 72 -18.87 22.38 49.75
N ALA B 73 -17.83 23.15 50.01
CA ALA B 73 -16.94 22.89 51.15
C ALA B 73 -16.79 24.16 51.99
N GLN B 74 -17.07 24.04 53.28
CA GLN B 74 -16.99 25.19 54.18
C GLN B 74 -16.14 24.90 55.41
N CYS B 75 -15.50 25.95 55.92
CA CYS B 75 -14.67 25.83 57.10
C CYS B 75 -15.48 25.26 58.26
N LYS B 76 -14.94 24.25 58.91
CA LYS B 76 -15.70 23.51 59.90
C LYS B 76 -15.93 24.35 61.16
N ILE B 77 -15.16 25.41 61.33
CA ILE B 77 -15.29 26.26 62.51
C ILE B 77 -16.34 27.36 62.29
N CYS B 78 -16.14 28.18 61.27
CA CYS B 78 -16.92 29.40 61.10
C CYS B 78 -17.90 29.29 59.94
N ALA B 79 -17.81 28.20 59.18
CA ALA B 79 -18.75 27.91 58.10
C ALA B 79 -18.58 28.80 56.87
N SER B 80 -17.47 29.53 56.80
CA SER B 80 -17.13 30.28 55.60
C SER B 80 -17.07 29.36 54.38
N HIS B 81 -17.72 29.76 53.29
CA HIS B 81 -17.66 29.01 52.05
C HIS B 81 -16.31 29.20 51.38
N ILE B 82 -15.44 28.20 51.51
CA ILE B 82 -14.05 28.34 51.10
C ILE B 82 -13.87 27.86 49.66
N GLY B 83 -14.62 26.82 49.28
CA GLY B 83 -14.55 26.30 47.92
C GLY B 83 -15.39 25.06 47.71
N TRP B 84 -14.85 24.12 46.93
CA TRP B 84 -15.59 22.93 46.52
C TRP B 84 -14.66 21.71 46.53
N LYS B 85 -15.23 20.54 46.79
CA LYS B 85 -14.57 19.28 46.45
C LYS B 85 -15.02 18.81 45.07
N PHE B 86 -14.05 18.58 44.18
CA PHE B 86 -14.37 18.08 42.85
C PHE B 86 -14.07 16.60 42.73
N THR B 87 -15.05 15.84 42.27
CA THR B 87 -14.95 14.38 42.22
C THR B 87 -15.20 13.86 40.81
N ALA B 88 -14.31 12.98 40.33
CA ALA B 88 -14.32 12.56 38.93
C ALA B 88 -15.56 11.73 38.62
N THR B 89 -16.10 11.90 37.42
CA THR B 89 -17.28 11.16 37.01
C THR B 89 -16.90 9.84 36.33
N LYS B 90 -15.64 9.72 35.93
CA LYS B 90 -15.14 8.51 35.28
C LYS B 90 -13.89 8.00 35.99
N LYS B 91 -13.67 6.68 35.93
CA LYS B 91 -12.63 6.05 36.73
C LYS B 91 -11.26 6.18 36.08
N ASP B 92 -11.22 6.54 34.80
CA ASP B 92 -9.95 6.63 34.08
C ASP B 92 -9.33 8.02 34.19
N MET B 93 -9.94 8.89 34.99
CA MET B 93 -9.43 10.25 35.18
C MET B 93 -8.44 10.30 36.35
N SER B 94 -7.51 11.25 36.28
CA SER B 94 -6.70 11.61 37.44
C SER B 94 -6.60 13.13 37.56
N PRO B 95 -6.61 13.64 38.80
CA PRO B 95 -6.93 12.84 39.98
C PRO B 95 -8.40 12.47 40.04
N GLN B 96 -8.74 11.53 40.91
CA GLN B 96 -10.14 11.14 41.10
C GLN B 96 -10.87 12.18 41.94
N LYS B 97 -10.10 13.02 42.62
CA LYS B 97 -10.64 14.02 43.53
C LYS B 97 -9.61 15.14 43.73
N PHE B 98 -10.08 16.38 43.76
CA PHE B 98 -9.26 17.49 44.23
C PHE B 98 -10.14 18.58 44.84
N TRP B 99 -9.50 19.64 45.32
CA TRP B 99 -10.22 20.78 45.88
C TRP B 99 -9.97 22.03 45.05
N GLY B 100 -11.05 22.74 44.71
CA GLY B 100 -10.93 24.07 44.13
C GLY B 100 -11.35 25.13 45.12
N LEU B 101 -10.38 25.94 45.55
CA LEU B 101 -10.59 26.86 46.66
C LEU B 101 -10.59 28.30 46.19
N THR B 102 -11.53 29.08 46.69
CA THR B 102 -11.58 30.50 46.41
C THR B 102 -10.43 31.23 47.11
N ARG B 103 -9.53 31.77 46.29
CA ARG B 103 -8.27 32.29 46.78
C ARG B 103 -8.50 33.40 47.81
N SER B 104 -9.56 34.17 47.60
CA SER B 104 -9.83 35.34 48.44
C SER B 104 -10.38 34.91 49.80
N ALA B 105 -10.72 33.63 49.93
CA ALA B 105 -11.26 33.11 51.19
C ALA B 105 -10.16 32.49 52.06
N LEU B 106 -8.91 32.65 51.64
CA LEU B 106 -7.77 32.10 52.35
C LEU B 106 -6.77 33.21 52.70
N LEU B 107 -6.06 33.02 53.80
CA LEU B 107 -4.83 33.78 54.07
C LEU B 107 -3.63 32.85 54.12
N PRO B 108 -2.47 33.33 53.64
CA PRO B 108 -2.32 34.63 53.00
C PRO B 108 -2.85 34.62 51.57
N GLY C 1 4.53 26.52 37.28
CA GLY C 1 5.37 26.80 38.48
C GLY C 1 6.80 26.32 38.30
N PRO C 2 7.69 26.72 39.22
CA PRO C 2 9.04 26.15 39.31
C PRO C 2 9.06 24.70 39.76
N THR C 3 7.92 24.21 40.22
CA THR C 3 7.85 22.88 40.84
C THR C 3 7.06 21.92 39.96
N SER C 4 6.73 22.39 38.75
CA SER C 4 5.76 21.71 37.91
C SER C 4 6.47 20.79 36.92
N LEU C 5 6.00 19.56 36.84
CA LEU C 5 6.54 18.59 35.89
C LEU C 5 5.50 18.28 34.81
N CYS C 6 5.83 18.62 33.56
CA CYS C 6 4.85 18.59 32.49
C CYS C 6 5.19 17.53 31.45
N CYS C 7 4.17 17.05 30.76
CA CYS C 7 4.35 16.19 29.59
C CYS C 7 5.40 16.77 28.65
N LYS C 8 6.43 15.99 28.34
CA LYS C 8 7.50 16.49 27.48
C LYS C 8 7.02 16.64 26.05
N GLN C 9 6.09 15.77 25.64
CA GLN C 9 5.72 15.67 24.24
C GLN C 9 4.91 16.88 23.79
N CYS C 10 3.96 17.32 24.60
CA CYS C 10 3.09 18.43 24.22
C CYS C 10 3.23 19.66 25.11
N GLN C 11 3.82 19.47 26.29
CA GLN C 11 4.14 20.59 27.19
C GLN C 11 2.90 21.37 27.61
N GLU C 12 1.72 20.80 27.34
CA GLU C 12 0.46 21.45 27.71
C GLU C 12 0.13 21.18 29.17
N THR C 13 0.29 19.93 29.56
CA THR C 13 -0.29 19.43 30.81
C THR C 13 0.78 19.40 31.90
N GLU C 14 0.42 19.88 33.10
CA GLU C 14 1.08 19.45 34.32
C GLU C 14 0.65 18.03 34.69
N ILE C 15 1.64 17.15 34.88
CA ILE C 15 1.36 15.78 35.25
C ILE C 15 1.55 15.58 36.75
N THR C 16 2.56 16.22 37.31
CA THR C 16 2.79 16.18 38.75
C THR C 16 3.62 17.38 39.18
N THR C 17 3.94 17.43 40.47
CA THR C 17 4.81 18.47 41.01
C THR C 17 5.92 17.84 41.85
N LYS C 18 7.00 18.59 42.04
CA LYS C 18 8.13 18.12 42.83
C LYS C 18 7.70 17.86 44.28
N ASN C 19 6.58 18.45 44.68
CA ASN C 19 6.10 18.33 46.05
C ASN C 19 5.52 16.94 46.31
N GLU C 20 5.17 16.23 45.24
CA GLU C 20 4.52 14.93 45.38
C GLU C 20 5.52 13.79 45.39
N ILE C 21 6.78 14.09 45.06
CA ILE C 21 7.80 13.07 44.93
C ILE C 21 8.03 12.37 46.27
N PHE C 22 8.04 11.03 46.23
CA PHE C 22 8.50 10.26 47.38
C PHE C 22 9.28 9.05 46.89
N SER C 23 9.83 8.29 47.83
CA SER C 23 10.77 7.24 47.50
C SER C 23 10.37 5.91 48.13
N LEU C 24 10.24 4.88 47.31
CA LEU C 24 10.03 3.53 47.80
C LEU C 24 11.34 2.74 47.80
N SER C 25 12.43 3.38 47.39
CA SER C 25 13.73 2.72 47.37
C SER C 25 14.35 2.75 48.77
N LEU C 26 15.09 1.70 49.10
CA LEU C 26 15.59 1.50 50.45
C LEU C 26 16.98 2.11 50.58
N CYS C 27 17.25 2.73 51.72
CA CYS C 27 18.42 3.59 51.87
C CYS C 27 19.57 2.91 52.62
N GLY C 28 19.40 1.63 52.91
CA GLY C 28 20.44 0.85 53.58
C GLY C 28 20.84 -0.40 52.79
N PRO C 29 21.43 -1.38 53.47
CA PRO C 29 22.12 -2.47 52.78
C PRO C 29 21.15 -3.43 52.08
N HIS C 41 17.32 7.80 39.89
CA HIS C 41 16.92 6.65 39.08
C HIS C 41 16.03 7.08 37.93
N GLU C 42 15.48 6.12 37.21
CA GLU C 42 14.81 6.39 35.93
C GLU C 42 13.31 6.54 36.11
N THR C 43 12.80 6.07 37.25
CA THR C 43 11.37 6.10 37.51
C THR C 43 11.05 6.96 38.73
N LEU C 44 10.38 8.07 38.46
CA LEU C 44 9.89 8.94 39.52
C LEU C 44 8.64 8.33 40.13
N THR C 45 8.59 8.28 41.46
CA THR C 45 7.36 7.88 42.14
C THR C 45 6.76 9.06 42.90
N VAL C 46 5.48 9.34 42.60
CA VAL C 46 4.77 10.44 43.23
C VAL C 46 3.45 9.99 43.81
N TYR C 47 3.01 10.68 44.87
CA TYR C 47 1.77 10.33 45.56
C TYR C 47 0.56 10.66 44.69
N LYS C 48 0.69 11.75 43.95
CA LYS C 48 -0.44 12.34 43.25
C LYS C 48 0.00 12.79 41.86
N ALA C 49 -0.89 12.66 40.90
CA ALA C 49 -0.66 13.16 39.55
C ALA C 49 -1.96 13.64 38.93
N SER C 50 -1.85 14.29 37.78
CA SER C 50 -2.99 14.92 37.14
C SER C 50 -2.90 14.76 35.63
N ASN C 51 -4.05 14.86 34.95
CA ASN C 51 -4.08 14.99 33.50
C ASN C 51 -3.58 13.73 32.82
N LEU C 52 -3.63 12.63 33.56
CA LEU C 52 -3.33 11.31 33.00
C LEU C 52 -4.61 10.53 32.77
N ASN C 53 -4.62 9.78 31.68
CA ASN C 53 -5.69 8.85 31.40
C ASN C 53 -5.24 7.42 31.60
N LEU C 54 -6.06 6.63 32.29
CA LEU C 54 -5.75 5.23 32.55
C LEU C 54 -6.31 4.37 31.43
N ILE C 55 -5.49 3.44 30.94
CA ILE C 55 -5.96 2.50 29.93
C ILE C 55 -5.94 1.06 30.42
N GLY C 56 -7.09 0.40 30.27
CA GLY C 56 -7.23 -1.00 30.62
C GLY C 56 -7.41 -1.21 32.11
N ARG C 57 -6.91 -2.34 32.59
CA ARG C 57 -7.18 -2.78 33.96
C ARG C 57 -5.86 -3.13 34.65
N PRO C 58 -5.85 -3.14 35.98
CA PRO C 58 -4.59 -3.37 36.67
C PRO C 58 -4.02 -4.76 36.39
N SER C 59 -2.71 -4.84 36.30
CA SER C 59 -2.03 -6.13 36.19
C SER C 59 -0.88 -6.21 37.18
N THR C 60 -0.58 -7.41 37.65
CA THR C 60 0.58 -7.63 38.52
C THR C 60 1.76 -8.24 37.78
N VAL C 61 1.62 -8.48 36.48
CA VAL C 61 2.67 -9.13 35.70
C VAL C 61 3.92 -8.25 35.63
N HIS C 62 5.05 -8.80 36.07
CA HIS C 62 6.33 -8.12 35.99
C HIS C 62 6.37 -6.85 36.83
N SER C 63 5.48 -6.73 37.81
CA SER C 63 5.34 -5.49 38.56
C SER C 63 6.68 -5.08 39.17
N TRP C 64 7.07 -3.83 38.94
CA TRP C 64 8.32 -3.31 39.48
C TRP C 64 8.25 -3.06 40.98
N PHE C 65 7.03 -3.05 41.52
CA PHE C 65 6.84 -2.78 42.94
C PHE C 65 6.00 -3.89 43.58
N PRO C 66 6.67 -4.94 44.06
CA PRO C 66 5.99 -6.14 44.51
C PRO C 66 4.92 -5.82 45.56
N GLY C 67 3.70 -6.30 45.30
CA GLY C 67 2.56 -5.93 46.13
C GLY C 67 1.59 -5.01 45.42
N TYR C 68 2.08 -4.35 44.37
CA TYR C 68 1.25 -3.45 43.58
C TYR C 68 0.97 -4.02 42.19
N ALA C 69 -0.17 -3.62 41.64
CA ALA C 69 -0.46 -3.84 40.22
C ALA C 69 -0.33 -2.52 39.46
N TRP C 70 -0.18 -2.61 38.14
CA TRP C 70 0.06 -1.42 37.32
C TRP C 70 -1.05 -1.24 36.28
N THR C 71 -1.39 0.02 36.03
CA THR C 71 -2.24 0.41 34.91
C THR C 71 -1.56 1.50 34.09
N ILE C 72 -1.50 1.31 32.78
CA ILE C 72 -0.86 2.28 31.89
C ILE C 72 -1.51 3.66 32.02
N ALA C 73 -0.69 4.70 32.05
CA ALA C 73 -1.18 6.07 32.18
C ALA C 73 -0.64 6.97 31.07
N GLN C 74 -1.55 7.63 30.36
CA GLN C 74 -1.20 8.46 29.20
C GLN C 74 -1.57 9.91 29.47
N CYS C 75 -0.85 10.83 28.85
CA CYS C 75 -1.25 12.23 28.82
C CYS C 75 -2.61 12.38 28.14
N LYS C 76 -3.53 13.05 28.81
CA LYS C 76 -4.91 13.13 28.31
C LYS C 76 -5.00 13.92 27.01
N ILE C 77 -3.97 14.73 26.73
CA ILE C 77 -3.99 15.60 25.56
C ILE C 77 -3.39 14.92 24.33
N CYS C 78 -2.16 14.43 24.47
CA CYS C 78 -1.40 13.94 23.30
C CYS C 78 -1.21 12.43 23.33
N ALA C 79 -1.57 11.81 24.45
CA ALA C 79 -1.57 10.36 24.59
C ALA C 79 -0.16 9.78 24.77
N SER C 80 0.82 10.63 25.08
CA SER C 80 2.16 10.15 25.41
C SER C 80 2.10 9.21 26.61
N HIS C 81 2.73 8.04 26.46
CA HIS C 81 2.83 7.09 27.57
C HIS C 81 3.80 7.60 28.63
N ILE C 82 3.26 8.14 29.72
CA ILE C 82 4.08 8.87 30.67
C ILE C 82 4.48 8.01 31.87
N GLY C 83 3.67 7.02 32.19
CA GLY C 83 4.00 6.05 33.23
C GLY C 83 2.86 5.11 33.57
N TRP C 84 2.71 4.83 34.87
CA TRP C 84 1.71 3.88 35.34
C TRP C 84 1.11 4.37 36.66
N LYS C 85 -0.13 3.96 36.90
CA LYS C 85 -0.69 3.98 38.24
C LYS C 85 -0.48 2.63 38.92
N PHE C 86 0.12 2.65 40.11
CA PHE C 86 0.33 1.43 40.88
C PHE C 86 -0.67 1.34 42.03
N THR C 87 -1.37 0.21 42.11
CA THR C 87 -2.44 0.02 43.09
C THR C 87 -2.19 -1.21 43.95
N ALA C 88 -2.29 -1.02 45.26
CA ALA C 88 -1.88 -2.05 46.22
C ALA C 88 -2.81 -3.25 46.14
N THR C 89 -2.25 -4.45 46.29
CA THR C 89 -3.04 -5.68 46.23
C THR C 89 -3.55 -6.07 47.60
N LYS C 90 -3.01 -5.44 48.64
CA LYS C 90 -3.40 -5.74 50.02
C LYS C 90 -3.75 -4.46 50.76
N LYS C 91 -4.70 -4.54 51.69
CA LYS C 91 -5.25 -3.35 52.32
C LYS C 91 -4.34 -2.83 53.44
N ASP C 92 -3.37 -3.64 53.85
CA ASP C 92 -2.47 -3.23 54.92
C ASP C 92 -1.22 -2.53 54.40
N MET C 93 -1.21 -2.22 53.11
CA MET C 93 -0.09 -1.51 52.49
C MET C 93 -0.31 -0.01 52.50
N SER C 94 0.78 0.75 52.54
CA SER C 94 0.76 2.17 52.25
C SER C 94 1.92 2.54 51.32
N PRO C 95 1.67 3.45 50.37
CA PRO C 95 0.33 3.92 50.06
C PRO C 95 -0.50 2.86 49.35
N GLN C 96 -1.82 3.08 49.30
CA GLN C 96 -2.69 2.17 48.59
C GLN C 96 -2.59 2.39 47.08
N LYS C 97 -2.01 3.53 46.71
CA LYS C 97 -1.91 3.93 45.31
C LYS C 97 -0.79 4.98 45.17
N PHE C 98 -0.03 4.86 44.09
CA PHE C 98 0.90 5.93 43.70
C PHE C 98 1.14 5.89 42.19
N TRP C 99 1.92 6.84 41.70
CA TRP C 99 2.27 6.87 40.28
C TRP C 99 3.77 6.66 40.10
N GLY C 100 4.12 5.78 39.17
CA GLY C 100 5.51 5.65 38.73
C GLY C 100 5.67 6.21 37.33
N LEU C 101 6.40 7.31 37.22
CA LEU C 101 6.46 8.07 35.98
C LEU C 101 7.84 7.97 35.34
N THR C 102 7.85 7.77 34.03
CA THR C 102 9.10 7.75 33.27
C THR C 102 9.69 9.14 33.18
N ARG C 103 10.86 9.33 33.77
CA ARG C 103 11.43 10.66 33.97
C ARG C 103 11.63 11.36 32.63
N SER C 104 12.05 10.59 31.63
CA SER C 104 12.41 11.14 30.34
C SER C 104 11.17 11.60 29.57
N ALA C 105 10.00 11.27 30.11
CA ALA C 105 8.74 11.66 29.48
C ALA C 105 8.18 12.95 30.07
N LEU C 106 8.95 13.55 30.98
CA LEU C 106 8.53 14.77 31.67
C LEU C 106 9.51 15.90 31.43
N LEU C 107 9.00 17.14 31.48
CA LEU C 107 9.85 18.33 31.56
C LEU C 107 9.55 19.08 32.86
N PRO C 108 10.60 19.62 33.51
CA PRO C 108 11.99 19.41 33.15
C PRO C 108 12.47 18.01 33.50
N THR D 3 -5.11 -18.31 -3.40
CA THR D 3 -6.50 -18.70 -3.80
C THR D 3 -6.85 -20.12 -3.38
N SER D 4 -5.87 -21.02 -3.42
CA SER D 4 -6.14 -22.42 -3.14
C SER D 4 -6.26 -22.67 -1.65
N LEU D 5 -7.36 -23.31 -1.23
CA LEU D 5 -7.54 -23.68 0.16
C LEU D 5 -7.49 -25.19 0.30
N CYS D 6 -6.39 -25.69 0.87
CA CYS D 6 -6.10 -27.11 0.87
C CYS D 6 -6.37 -27.72 2.23
N CYS D 7 -6.56 -29.03 2.26
CA CYS D 7 -6.63 -29.75 3.50
C CYS D 7 -5.32 -29.59 4.25
N LYS D 8 -5.43 -29.12 5.49
CA LYS D 8 -4.25 -28.79 6.26
C LYS D 8 -3.44 -30.03 6.62
N GLN D 9 -4.14 -31.16 6.81
CA GLN D 9 -3.50 -32.39 7.24
C GLN D 9 -2.63 -33.02 6.15
N CYS D 10 -3.24 -33.34 5.01
CA CYS D 10 -2.49 -33.95 3.91
C CYS D 10 -1.87 -32.91 2.98
N GLN D 11 -2.25 -31.66 3.17
CA GLN D 11 -1.59 -30.51 2.56
C GLN D 11 -1.93 -30.32 1.08
N GLU D 12 -1.74 -31.37 0.28
CA GLU D 12 -1.81 -31.25 -1.17
C GLU D 12 -3.24 -31.05 -1.67
N THR D 13 -4.18 -31.68 -0.98
CA THR D 13 -5.51 -31.90 -1.52
C THR D 13 -6.33 -30.61 -1.43
N GLU D 14 -6.69 -30.06 -2.57
CA GLU D 14 -7.44 -28.81 -2.59
C GLU D 14 -8.90 -29.07 -2.27
N ILE D 15 -9.45 -28.32 -1.33
CA ILE D 15 -10.85 -28.49 -0.95
C ILE D 15 -11.76 -27.42 -1.55
N THR D 16 -11.29 -26.18 -1.57
CA THR D 16 -12.02 -25.09 -2.23
C THR D 16 -11.05 -23.98 -2.61
N THR D 17 -11.58 -22.91 -3.19
CA THR D 17 -10.75 -21.75 -3.50
C THR D 17 -11.38 -20.48 -2.91
N LYS D 18 -10.58 -19.43 -2.79
CA LYS D 18 -11.08 -18.17 -2.25
C LYS D 18 -12.16 -17.58 -3.15
N ASN D 19 -12.17 -18.00 -4.41
CA ASN D 19 -13.15 -17.50 -5.36
C ASN D 19 -14.57 -17.97 -5.07
N GLU D 20 -14.69 -19.06 -4.32
CA GLU D 20 -16.00 -19.66 -4.08
C GLU D 20 -16.65 -19.18 -2.78
N ILE D 21 -15.93 -18.32 -2.05
CA ILE D 21 -16.44 -17.82 -0.77
C ILE D 21 -17.64 -16.89 -0.98
N PHE D 22 -18.71 -17.16 -0.25
CA PHE D 22 -19.92 -16.34 -0.32
C PHE D 22 -20.47 -16.15 1.09
N SER D 23 -21.28 -15.11 1.28
CA SER D 23 -21.84 -14.85 2.60
C SER D 23 -23.34 -15.15 2.63
N LEU D 24 -23.74 -16.06 3.51
CA LEU D 24 -25.14 -16.44 3.66
C LEU D 24 -25.83 -15.55 4.69
N SER D 25 -27.11 -15.27 4.44
CA SER D 25 -27.92 -14.47 5.34
C SER D 25 -27.39 -13.04 5.42
N HIS D 41 -14.24 -15.42 11.46
CA HIS D 41 -15.32 -16.34 11.83
C HIS D 41 -14.96 -17.77 11.45
N GLU D 42 -15.45 -18.72 12.25
CA GLU D 42 -14.82 -20.04 12.36
C GLU D 42 -15.13 -20.90 11.14
N THR D 43 -16.26 -20.60 10.48
CA THR D 43 -16.79 -21.47 9.44
C THR D 43 -16.94 -20.71 8.13
N LEU D 44 -16.21 -21.17 7.12
CA LEU D 44 -16.21 -20.54 5.79
C LEU D 44 -17.34 -21.16 4.98
N THR D 45 -18.16 -20.33 4.32
CA THR D 45 -19.17 -20.87 3.40
C THR D 45 -18.80 -20.61 1.94
N VAL D 46 -18.73 -21.69 1.17
CA VAL D 46 -18.38 -21.61 -0.24
C VAL D 46 -19.43 -22.30 -1.11
N TYR D 47 -19.52 -21.85 -2.36
CA TYR D 47 -20.51 -22.37 -3.30
C TYR D 47 -20.11 -23.76 -3.78
N LYS D 48 -18.81 -23.97 -3.90
CA LYS D 48 -18.28 -25.16 -4.54
C LYS D 48 -17.08 -25.67 -3.75
N ALA D 49 -16.92 -27.00 -3.73
CA ALA D 49 -15.79 -27.62 -3.07
C ALA D 49 -15.44 -28.93 -3.77
N SER D 50 -14.25 -29.45 -3.50
CA SER D 50 -13.73 -30.60 -4.22
C SER D 50 -13.10 -31.59 -3.26
N ASN D 51 -13.01 -32.84 -3.69
CA ASN D 51 -12.17 -33.84 -3.04
C ASN D 51 -12.64 -34.14 -1.61
N LEU D 52 -13.94 -33.93 -1.39
CA LEU D 52 -14.58 -34.31 -0.13
C LEU D 52 -15.46 -35.55 -0.35
N ASN D 53 -15.43 -36.46 0.61
CA ASN D 53 -16.41 -37.53 0.68
C ASN D 53 -17.52 -37.20 1.67
N LEU D 54 -18.75 -37.55 1.30
CA LEU D 54 -19.90 -37.33 2.17
C LEU D 54 -20.17 -38.57 3.00
N ILE D 55 -20.35 -38.37 4.30
CA ILE D 55 -20.60 -39.44 5.24
C ILE D 55 -22.04 -39.36 5.75
N GLY D 56 -22.83 -40.39 5.46
CA GLY D 56 -24.16 -40.51 6.03
C GLY D 56 -25.21 -39.76 5.23
N ARG D 57 -26.33 -39.43 5.88
CA ARG D 57 -27.46 -38.80 5.22
C ARG D 57 -27.70 -37.42 5.83
N PRO D 58 -28.42 -36.55 5.11
CA PRO D 58 -28.64 -35.19 5.58
C PRO D 58 -29.48 -35.14 6.85
N SER D 59 -29.20 -34.16 7.72
CA SER D 59 -29.97 -33.96 8.93
C SER D 59 -30.14 -32.48 9.23
N THR D 60 -31.30 -32.10 9.75
CA THR D 60 -31.56 -30.72 10.13
C THR D 60 -31.27 -30.47 11.61
N VAL D 61 -30.96 -31.54 12.35
CA VAL D 61 -30.75 -31.43 13.79
C VAL D 61 -29.63 -30.44 14.11
N HIS D 62 -29.97 -29.40 14.87
CA HIS D 62 -28.99 -28.40 15.29
C HIS D 62 -28.39 -27.61 14.14
N SER D 63 -29.06 -27.58 12.99
CA SER D 63 -28.46 -26.95 11.81
C SER D 63 -28.15 -25.48 12.08
N TRP D 64 -26.93 -25.08 11.74
CA TRP D 64 -26.48 -23.71 11.98
C TRP D 64 -27.15 -22.75 10.99
N PHE D 65 -27.67 -23.31 9.92
CA PHE D 65 -28.25 -22.52 8.85
C PHE D 65 -29.70 -22.92 8.60
N PRO D 66 -30.65 -22.29 9.31
CA PRO D 66 -32.03 -22.75 9.27
C PRO D 66 -32.59 -22.78 7.85
N GLY D 67 -33.19 -23.92 7.49
CA GLY D 67 -33.65 -24.15 6.14
C GLY D 67 -32.72 -25.06 5.36
N TYR D 68 -31.57 -25.35 5.94
CA TYR D 68 -30.64 -26.32 5.36
C TYR D 68 -30.42 -27.52 6.28
N ALA D 69 -30.20 -28.68 5.68
CA ALA D 69 -29.71 -29.86 6.39
C ALA D 69 -28.21 -30.01 6.15
N TRP D 70 -27.53 -30.73 7.05
CA TRP D 70 -26.10 -30.94 6.93
C TRP D 70 -25.73 -32.40 6.70
N THR D 71 -24.64 -32.60 5.97
CA THR D 71 -24.04 -33.91 5.78
C THR D 71 -22.53 -33.78 6.00
N ILE D 72 -21.98 -34.64 6.87
CA ILE D 72 -20.56 -34.56 7.20
C ILE D 72 -19.69 -34.73 5.96
N ALA D 73 -18.66 -33.91 5.84
CA ALA D 73 -17.77 -33.94 4.68
C ALA D 73 -16.32 -34.06 5.12
N GLN D 74 -15.64 -35.11 4.67
CA GLN D 74 -14.25 -35.35 5.03
C GLN D 74 -13.36 -35.48 3.80
N CYS D 75 -12.08 -35.17 3.99
CA CYS D 75 -11.11 -35.21 2.91
C CYS D 75 -11.00 -36.63 2.34
N LYS D 76 -10.98 -36.74 1.01
CA LYS D 76 -10.99 -38.04 0.35
C LYS D 76 -9.65 -38.76 0.51
N ILE D 77 -8.60 -37.99 0.80
CA ILE D 77 -7.25 -38.56 0.94
C ILE D 77 -6.98 -39.03 2.36
N CYS D 78 -7.19 -38.16 3.35
CA CYS D 78 -6.73 -38.41 4.71
C CYS D 78 -7.88 -38.59 5.70
N ALA D 79 -9.11 -38.40 5.22
CA ALA D 79 -10.32 -38.62 6.03
C ALA D 79 -10.48 -37.61 7.16
N SER D 80 -9.69 -36.54 7.14
CA SER D 80 -9.91 -35.43 8.07
C SER D 80 -11.29 -34.82 7.84
N HIS D 81 -12.02 -34.55 8.93
CA HIS D 81 -13.33 -33.92 8.82
C HIS D 81 -13.17 -32.42 8.57
N ILE D 82 -13.53 -31.97 7.38
CA ILE D 82 -13.26 -30.59 6.98
C ILE D 82 -14.47 -29.70 7.28
N GLY D 83 -15.66 -30.27 7.17
CA GLY D 83 -16.88 -29.49 7.33
C GLY D 83 -18.12 -30.28 6.94
N TRP D 84 -19.08 -29.57 6.35
CA TRP D 84 -20.36 -30.18 6.02
C TRP D 84 -20.84 -29.64 4.68
N LYS D 85 -21.56 -30.48 3.95
CA LYS D 85 -22.43 -30.03 2.88
C LYS D 85 -23.79 -29.63 3.44
N PHE D 86 -24.23 -28.43 3.12
CA PHE D 86 -25.55 -27.96 3.49
C PHE D 86 -26.49 -27.98 2.28
N THR D 87 -27.64 -28.62 2.45
CA THR D 87 -28.60 -28.79 1.36
C THR D 87 -29.97 -28.24 1.75
N ALA D 88 -30.58 -27.47 0.85
CA ALA D 88 -31.79 -26.74 1.15
C ALA D 88 -32.96 -27.70 1.39
N THR D 89 -33.87 -27.30 2.28
CA THR D 89 -35.06 -28.11 2.56
C THR D 89 -36.25 -27.66 1.72
N LYS D 90 -36.11 -26.54 1.02
CA LYS D 90 -37.16 -26.06 0.14
C LYS D 90 -36.61 -25.64 -1.22
N LYS D 91 -37.44 -25.77 -2.24
CA LYS D 91 -36.99 -25.58 -3.62
C LYS D 91 -36.78 -24.10 -3.95
N ASP D 92 -37.39 -23.21 -3.16
CA ASP D 92 -37.42 -21.79 -3.53
C ASP D 92 -36.24 -21.03 -2.93
N MET D 93 -35.30 -21.78 -2.36
CA MET D 93 -34.14 -21.19 -1.68
C MET D 93 -32.96 -21.09 -2.65
N SER D 94 -32.04 -20.17 -2.37
CA SER D 94 -30.76 -20.13 -3.05
C SER D 94 -29.64 -19.78 -2.08
N PRO D 95 -28.47 -20.43 -2.23
CA PRO D 95 -28.27 -21.56 -3.15
C PRO D 95 -28.96 -22.82 -2.63
N GLN D 96 -29.14 -23.80 -3.50
CA GLN D 96 -29.77 -25.05 -3.10
C GLN D 96 -28.82 -25.92 -2.29
N LYS D 97 -27.53 -25.64 -2.40
CA LYS D 97 -26.55 -26.24 -1.51
C LYS D 97 -25.28 -25.40 -1.48
N PHE D 98 -24.54 -25.55 -0.39
CA PHE D 98 -23.24 -24.91 -0.25
C PHE D 98 -22.44 -25.75 0.73
N TRP D 99 -21.18 -25.37 0.92
CA TRP D 99 -20.35 -26.04 1.92
C TRP D 99 -20.00 -25.10 3.06
N GLY D 100 -20.12 -25.62 4.29
CA GLY D 100 -19.61 -24.92 5.46
C GLY D 100 -18.38 -25.61 6.00
N LEU D 101 -17.24 -24.94 5.88
CA LEU D 101 -15.94 -25.56 6.13
C LEU D 101 -15.27 -24.93 7.34
N THR D 102 -14.73 -25.77 8.20
CA THR D 102 -14.03 -25.32 9.40
C THR D 102 -12.68 -24.71 9.01
N ARG D 103 -12.54 -23.41 9.28
CA ARG D 103 -11.45 -22.64 8.68
C ARG D 103 -10.09 -23.19 9.09
N SER D 104 -10.01 -23.72 10.30
CA SER D 104 -8.75 -24.17 10.86
C SER D 104 -8.33 -25.51 10.26
N ALA D 105 -9.24 -26.13 9.51
CA ALA D 105 -8.97 -27.39 8.83
C ALA D 105 -8.32 -27.16 7.47
N LEU D 106 -8.09 -25.90 7.13
CA LEU D 106 -7.61 -25.54 5.81
C LEU D 106 -6.31 -24.74 5.87
N LEU D 107 -5.56 -24.78 4.77
CA LEU D 107 -4.33 -24.01 4.61
C LEU D 107 -4.43 -23.25 3.28
N PRO D 108 -4.02 -21.97 3.27
CA PRO D 108 -3.45 -21.22 4.39
C PRO D 108 -4.47 -20.98 5.49
N GLY E 1 -13.48 -9.51 -20.18
CA GLY E 1 -12.66 -8.97 -19.07
C GLY E 1 -11.42 -9.82 -18.84
N PRO E 2 -10.57 -9.40 -17.88
CA PRO E 2 -9.24 -10.00 -17.73
C PRO E 2 -9.30 -11.42 -17.15
N THR E 3 -10.46 -11.81 -16.65
CA THR E 3 -10.62 -13.16 -16.10
C THR E 3 -11.17 -14.14 -17.13
N SER E 4 -11.50 -13.64 -18.32
CA SER E 4 -12.19 -14.46 -19.32
C SER E 4 -11.24 -15.45 -19.97
N LEU E 5 -11.68 -16.70 -20.07
CA LEU E 5 -11.03 -17.65 -20.95
C LEU E 5 -11.93 -17.99 -22.14
N CYS E 6 -11.45 -17.66 -23.33
CA CYS E 6 -12.29 -17.64 -24.52
C CYS E 6 -11.91 -18.77 -25.47
N CYS E 7 -12.87 -19.20 -26.28
CA CYS E 7 -12.61 -20.16 -27.35
C CYS E 7 -11.59 -19.59 -28.32
N LYS E 8 -10.51 -20.35 -28.54
CA LYS E 8 -9.41 -19.90 -29.38
C LYS E 8 -9.88 -19.65 -30.81
N GLN E 9 -10.79 -20.48 -31.28
CA GLN E 9 -11.19 -20.47 -32.69
C GLN E 9 -12.05 -19.25 -33.05
N CYS E 10 -13.11 -19.00 -32.30
CA CYS E 10 -13.97 -17.86 -32.61
C CYS E 10 -13.68 -16.66 -31.71
N GLN E 11 -12.76 -16.86 -30.76
CA GLN E 11 -12.13 -15.75 -30.03
C GLN E 11 -13.06 -15.12 -29.00
N GLU E 12 -14.21 -14.64 -29.46
CA GLU E 12 -15.10 -13.83 -28.63
C GLU E 12 -15.72 -14.63 -27.48
N THR E 13 -16.08 -15.87 -27.78
CA THR E 13 -17.00 -16.63 -26.93
C THR E 13 -16.29 -17.04 -25.64
N GLU E 14 -16.79 -16.56 -24.52
CA GLU E 14 -16.27 -16.95 -23.22
C GLU E 14 -16.69 -18.37 -22.87
N ILE E 15 -15.73 -19.20 -22.49
CA ILE E 15 -16.03 -20.57 -22.10
C ILE E 15 -16.00 -20.75 -20.59
N THR E 16 -15.05 -20.10 -19.93
CA THR E 16 -15.02 -20.08 -18.46
C THR E 16 -14.23 -18.87 -18.00
N THR E 17 -14.07 -18.74 -16.68
CA THR E 17 -13.26 -17.66 -16.14
C THR E 17 -12.20 -18.22 -15.21
N LYS E 18 -11.19 -17.41 -14.93
CA LYS E 18 -10.13 -17.82 -14.00
C LYS E 18 -10.69 -18.04 -12.60
N ASN E 19 -11.81 -17.41 -12.31
CA ASN E 19 -12.47 -17.56 -11.02
C ASN E 19 -13.02 -18.97 -10.79
N GLU E 20 -13.19 -19.74 -11.87
CA GLU E 20 -13.83 -21.05 -11.77
C GLU E 20 -12.81 -22.18 -11.68
N ILE E 21 -11.53 -21.83 -11.81
CA ILE E 21 -10.47 -22.84 -11.84
C ILE E 21 -10.27 -23.45 -10.46
N PHE E 22 -10.27 -24.78 -10.41
CA PHE E 22 -9.91 -25.51 -9.20
C PHE E 22 -9.02 -26.71 -9.53
N SER E 23 -8.42 -27.29 -8.50
CA SER E 23 -7.55 -28.44 -8.68
C SER E 23 -8.21 -29.73 -8.19
N LEU E 24 -8.64 -30.55 -9.12
CA LEU E 24 -9.22 -31.85 -8.80
C LEU E 24 -8.12 -32.84 -8.43
N SER E 25 -7.21 -33.09 -9.37
CA SER E 25 -6.12 -34.03 -9.14
C SER E 25 -4.92 -33.32 -8.52
N LEU E 26 -3.82 -34.04 -8.38
CA LEU E 26 -2.60 -33.46 -7.84
C LEU E 26 -1.39 -34.36 -8.14
N HIS E 41 -0.68 -28.27 -16.47
CA HIS E 41 -0.74 -29.52 -17.22
C HIS E 41 -1.43 -29.30 -18.56
N GLU E 42 -2.28 -30.23 -18.95
CA GLU E 42 -2.90 -30.21 -20.27
C GLU E 42 -4.35 -29.74 -20.17
N THR E 43 -4.97 -30.08 -19.05
CA THR E 43 -6.42 -29.96 -18.90
C THR E 43 -6.75 -29.08 -17.70
N LEU E 44 -7.45 -28.00 -17.99
CA LEU E 44 -7.94 -27.10 -16.97
C LEU E 44 -9.25 -27.64 -16.40
N THR E 45 -9.36 -27.74 -15.08
CA THR E 45 -10.63 -28.13 -14.48
C THR E 45 -11.32 -26.95 -13.80
N VAL E 46 -12.55 -26.70 -14.21
CA VAL E 46 -13.34 -25.60 -13.67
C VAL E 46 -14.70 -26.07 -13.17
N TYR E 47 -15.26 -25.36 -12.21
CA TYR E 47 -16.53 -25.75 -11.60
C TYR E 47 -17.67 -25.45 -12.55
N LYS E 48 -17.52 -24.37 -13.31
CA LYS E 48 -18.58 -23.84 -14.14
C LYS E 48 -18.01 -23.45 -15.50
N ALA E 49 -18.83 -23.60 -16.53
CA ALA E 49 -18.47 -23.12 -17.86
C ALA E 49 -19.72 -22.71 -18.63
N SER E 50 -19.52 -21.97 -19.71
CA SER E 50 -20.63 -21.36 -20.44
C SER E 50 -20.48 -21.58 -21.94
N ASN E 51 -21.59 -21.49 -22.66
CA ASN E 51 -21.56 -21.39 -24.12
C ASN E 51 -20.98 -22.65 -24.74
N LEU E 52 -21.06 -23.75 -24.02
CA LEU E 52 -20.73 -25.06 -24.56
C LEU E 52 -22.01 -25.83 -24.90
N ASN E 53 -21.92 -26.65 -25.94
CA ASN E 53 -23.00 -27.56 -26.31
C ASN E 53 -22.55 -29.01 -26.11
N LEU E 54 -23.36 -29.78 -25.39
CA LEU E 54 -23.01 -31.16 -25.07
C LEU E 54 -23.38 -32.09 -26.22
N ILE E 55 -22.47 -33.02 -26.54
CA ILE E 55 -22.70 -34.02 -27.57
C ILE E 55 -22.79 -35.40 -26.93
N GLY E 56 -23.94 -36.06 -27.06
CA GLY E 56 -24.06 -37.47 -26.70
C GLY E 56 -24.35 -37.67 -25.23
N ARG E 57 -24.21 -38.91 -24.76
CA ARG E 57 -24.48 -39.25 -23.38
C ARG E 57 -23.18 -39.59 -22.65
N PRO E 58 -23.20 -39.55 -21.32
CA PRO E 58 -21.96 -39.73 -20.57
C PRO E 58 -21.36 -41.11 -20.77
N SER E 59 -20.03 -41.19 -20.75
CA SER E 59 -19.33 -42.47 -20.76
C SER E 59 -18.21 -42.47 -19.73
N THR E 60 -17.92 -43.65 -19.17
CA THR E 60 -16.82 -43.78 -18.22
C THR E 60 -15.57 -44.37 -18.88
N VAL E 61 -15.68 -44.71 -20.16
CA VAL E 61 -14.58 -45.38 -20.85
C VAL E 61 -13.37 -44.48 -21.01
N HIS E 62 -12.24 -44.94 -20.48
CA HIS E 62 -10.98 -44.21 -20.55
C HIS E 62 -10.99 -42.89 -19.76
N SER E 63 -11.91 -42.76 -18.81
CA SER E 63 -12.05 -41.49 -18.10
C SER E 63 -10.73 -41.09 -17.46
N TRP E 64 -10.36 -39.83 -17.63
CA TRP E 64 -9.14 -39.30 -17.03
C TRP E 64 -9.35 -38.98 -15.55
N PHE E 65 -10.61 -38.95 -15.14
CA PHE E 65 -10.94 -38.66 -13.74
C PHE E 65 -11.79 -39.78 -13.14
N PRO E 66 -11.11 -40.81 -12.60
CA PRO E 66 -11.80 -42.01 -12.13
C PRO E 66 -12.91 -41.68 -11.14
N GLY E 67 -14.09 -42.22 -11.39
CA GLY E 67 -15.28 -41.89 -10.61
C GLY E 67 -16.20 -40.95 -11.35
N TYR E 68 -15.70 -40.37 -12.44
CA TYR E 68 -16.51 -39.50 -13.29
C TYR E 68 -16.68 -40.10 -14.68
N ALA E 69 -17.83 -39.79 -15.30
CA ALA E 69 -18.05 -40.02 -16.71
C ALA E 69 -17.88 -38.71 -17.49
N TRP E 70 -17.60 -38.81 -18.79
CA TRP E 70 -17.40 -37.63 -19.62
C TRP E 70 -18.47 -37.49 -20.71
N THR E 71 -18.76 -36.25 -21.06
CA THR E 71 -19.57 -35.93 -22.24
C THR E 71 -18.87 -34.85 -23.05
N ILE E 72 -18.70 -35.08 -24.36
CA ILE E 72 -17.99 -34.14 -25.21
C ILE E 72 -18.66 -32.77 -25.20
N ALA E 73 -17.84 -31.73 -25.06
CA ALA E 73 -18.34 -30.37 -24.96
C ALA E 73 -17.70 -29.48 -26.02
N GLN E 74 -18.53 -28.91 -26.90
CA GLN E 74 -18.04 -28.09 -27.99
C GLN E 74 -18.56 -26.65 -27.85
N CYS E 75 -17.79 -25.71 -28.38
CA CYS E 75 -18.24 -24.32 -28.44
C CYS E 75 -19.54 -24.20 -29.22
N LYS E 76 -20.51 -23.52 -28.65
CA LYS E 76 -21.84 -23.45 -29.27
C LYS E 76 -21.81 -22.55 -30.51
N ILE E 77 -20.80 -21.70 -30.62
CA ILE E 77 -20.68 -20.78 -31.74
C ILE E 77 -20.02 -21.46 -32.95
N CYS E 78 -18.87 -22.09 -32.73
CA CYS E 78 -18.02 -22.54 -33.84
C CYS E 78 -17.84 -24.05 -33.86
N ALA E 79 -18.35 -24.72 -32.83
CA ALA E 79 -18.36 -26.18 -32.78
C ALA E 79 -16.97 -26.77 -32.52
N SER E 80 -16.00 -25.92 -32.21
CA SER E 80 -14.68 -26.39 -31.81
C SER E 80 -14.77 -27.20 -30.53
N HIS E 81 -14.20 -28.41 -30.54
CA HIS E 81 -14.24 -29.28 -29.38
C HIS E 81 -13.30 -28.76 -28.29
N ILE E 82 -13.89 -28.25 -27.21
CA ILE E 82 -13.12 -27.54 -26.20
C ILE E 82 -12.69 -28.49 -25.08
N GLY E 83 -13.55 -29.44 -24.74
CA GLY E 83 -13.28 -30.34 -23.62
C GLY E 83 -14.45 -31.25 -23.34
N TRP E 84 -14.67 -31.52 -22.06
CA TRP E 84 -15.74 -32.43 -21.63
C TRP E 84 -16.40 -31.94 -20.36
N LYS E 85 -17.68 -32.27 -20.21
CA LYS E 85 -18.33 -32.23 -18.91
C LYS E 85 -18.13 -33.57 -18.20
N PHE E 86 -17.63 -33.50 -16.96
CA PHE E 86 -17.44 -34.70 -16.15
C PHE E 86 -18.52 -34.77 -15.07
N THR E 87 -19.18 -35.92 -14.97
CA THR E 87 -20.31 -36.09 -14.06
C THR E 87 -20.09 -37.29 -13.15
N ALA E 88 -20.28 -37.08 -11.85
CA ALA E 88 -19.93 -38.08 -10.84
C ALA E 88 -20.78 -39.34 -11.03
N THR E 89 -20.18 -40.50 -10.83
CA THR E 89 -20.93 -41.76 -10.88
C THR E 89 -21.50 -42.13 -9.51
N LYS E 90 -21.01 -41.48 -8.46
CA LYS E 90 -21.48 -41.77 -7.10
C LYS E 90 -21.91 -40.49 -6.40
N LYS E 91 -22.92 -40.59 -5.54
CA LYS E 91 -23.53 -39.40 -4.95
C LYS E 91 -22.68 -38.81 -3.82
N ASP E 92 -21.69 -39.57 -3.36
CA ASP E 92 -20.92 -39.16 -2.18
C ASP E 92 -19.63 -38.44 -2.58
N MET E 93 -19.52 -38.12 -3.86
CA MET E 93 -18.34 -37.43 -4.39
C MET E 93 -18.58 -35.92 -4.43
N SER E 94 -17.49 -35.16 -4.44
CA SER E 94 -17.57 -33.74 -4.75
C SER E 94 -16.37 -33.30 -5.59
N PRO E 95 -16.60 -32.40 -6.56
CA PRO E 95 -17.93 -31.96 -6.97
C PRO E 95 -18.67 -33.06 -7.72
N GLN E 96 -19.99 -32.94 -7.84
CA GLN E 96 -20.77 -33.91 -8.60
C GLN E 96 -20.59 -33.71 -10.10
N LYS E 97 -20.16 -32.52 -10.49
CA LYS E 97 -19.99 -32.18 -11.90
C LYS E 97 -18.92 -31.11 -12.02
N PHE E 98 -18.10 -31.23 -13.05
CA PHE E 98 -17.15 -30.17 -13.41
C PHE E 98 -16.80 -30.27 -14.89
N TRP E 99 -16.04 -29.30 -15.36
CA TRP E 99 -15.59 -29.30 -16.75
C TRP E 99 -14.09 -29.52 -16.82
N GLY E 100 -13.67 -30.38 -17.74
CA GLY E 100 -12.26 -30.53 -18.06
C GLY E 100 -11.96 -30.02 -19.45
N LEU E 101 -11.24 -28.90 -19.51
CA LEU E 101 -11.08 -28.17 -20.77
C LEU E 101 -9.63 -28.27 -21.26
N THR E 102 -9.50 -28.48 -22.56
CA THR E 102 -8.18 -28.53 -23.19
C THR E 102 -7.59 -27.13 -23.27
N ARG E 103 -6.48 -26.93 -22.55
CA ARG E 103 -5.93 -25.60 -22.36
C ARG E 103 -5.64 -24.94 -23.70
N SER E 104 -5.18 -25.73 -24.66
CA SER E 104 -4.73 -25.19 -25.93
C SER E 104 -5.91 -24.73 -26.79
N ALA E 105 -7.12 -25.06 -26.36
CA ALA E 105 -8.31 -24.67 -27.10
C ALA E 105 -8.85 -23.32 -26.61
N LEU E 106 -8.19 -22.75 -25.62
CA LEU E 106 -8.64 -21.49 -25.01
C LEU E 106 -7.61 -20.37 -25.18
N LEU E 107 -8.10 -19.14 -25.15
CA LEU E 107 -7.24 -17.96 -24.99
C LEU E 107 -7.69 -17.16 -23.77
N PRO E 108 -6.74 -16.51 -23.10
CA PRO E 108 -5.32 -16.75 -23.29
C PRO E 108 -4.89 -18.08 -22.69
N GLY F 1 -16.87 -8.16 2.04
CA GLY F 1 -15.68 -8.31 1.17
C GLY F 1 -15.69 -7.31 0.02
N PRO F 2 -14.51 -7.11 -0.60
CA PRO F 2 -14.38 -6.23 -1.76
C PRO F 2 -15.14 -6.72 -2.98
N THR F 3 -15.56 -7.99 -2.97
CA THR F 3 -16.19 -8.59 -4.15
C THR F 3 -17.67 -8.90 -3.90
N SER F 4 -18.20 -8.49 -2.76
CA SER F 4 -19.59 -8.76 -2.44
C SER F 4 -20.53 -7.78 -3.14
N LEU F 5 -21.54 -8.31 -3.83
CA LEU F 5 -22.59 -7.50 -4.42
C LEU F 5 -23.87 -7.67 -3.63
N CYS F 6 -24.25 -6.63 -2.89
CA CYS F 6 -25.34 -6.74 -1.92
C CYS F 6 -26.62 -6.13 -2.45
N CYS F 7 -27.75 -6.61 -1.94
CA CYS F 7 -29.03 -5.96 -2.15
C CYS F 7 -28.97 -4.48 -1.81
N LYS F 8 -29.30 -3.65 -2.78
CA LYS F 8 -29.22 -2.22 -2.60
C LYS F 8 -30.21 -1.72 -1.55
N GLN F 9 -31.38 -2.35 -1.52
CA GLN F 9 -32.46 -1.90 -0.65
C GLN F 9 -32.13 -2.14 0.83
N CYS F 10 -31.75 -3.37 1.17
CA CYS F 10 -31.50 -3.69 2.57
C CYS F 10 -30.02 -3.71 2.93
N GLN F 11 -29.17 -3.53 1.92
CA GLN F 11 -27.77 -3.14 2.10
C GLN F 11 -26.88 -4.27 2.59
N GLU F 12 -27.36 -5.03 3.56
CA GLU F 12 -26.49 -5.94 4.31
C GLU F 12 -26.45 -7.33 3.69
N THR F 13 -27.45 -7.62 2.85
CA THR F 13 -27.66 -8.98 2.36
C THR F 13 -26.86 -9.20 1.08
N GLU F 14 -25.92 -10.14 1.10
CA GLU F 14 -25.13 -10.42 -0.10
C GLU F 14 -25.92 -11.29 -1.07
N ILE F 15 -25.95 -10.88 -2.33
CA ILE F 15 -26.72 -11.60 -3.35
C ILE F 15 -25.81 -12.43 -4.26
N THR F 16 -24.67 -11.85 -4.64
CA THR F 16 -23.66 -12.59 -5.39
C THR F 16 -22.29 -11.96 -5.16
N THR F 17 -21.27 -12.52 -5.78
CA THR F 17 -19.93 -11.92 -5.74
C THR F 17 -19.41 -11.68 -7.14
N LYS F 18 -18.41 -10.81 -7.24
CA LYS F 18 -17.80 -10.52 -8.53
C LYS F 18 -17.17 -11.78 -9.13
N ASN F 19 -16.79 -12.71 -8.27
CA ASN F 19 -16.17 -13.95 -8.73
C ASN F 19 -17.11 -14.81 -9.58
N GLU F 20 -18.42 -14.61 -9.42
CA GLU F 20 -19.40 -15.48 -10.08
C GLU F 20 -19.81 -14.96 -11.45
N ILE F 21 -19.34 -13.77 -11.80
CA ILE F 21 -19.73 -13.12 -13.06
C ILE F 21 -19.18 -13.89 -14.26
N PHE F 22 -20.02 -14.08 -15.27
CA PHE F 22 -19.57 -14.62 -16.55
C PHE F 22 -20.33 -13.98 -17.72
N SER F 23 -19.86 -14.27 -18.93
CA SER F 23 -20.40 -13.65 -20.13
C SER F 23 -21.15 -14.69 -20.96
N LEU F 24 -22.46 -14.53 -21.04
CA LEU F 24 -23.27 -15.43 -21.85
C LEU F 24 -23.37 -14.96 -23.30
N SER F 25 -23.05 -15.91 -24.19
CA SER F 25 -23.11 -15.71 -25.64
C SER F 25 -21.92 -14.90 -26.15
N HIS F 41 -23.64 -4.56 -18.78
CA HIS F 41 -24.54 -3.42 -18.91
C HIS F 41 -25.67 -3.50 -17.89
N GLU F 42 -26.90 -3.61 -18.37
CA GLU F 42 -28.06 -3.53 -17.49
C GLU F 42 -28.15 -4.74 -16.58
N THR F 43 -27.81 -5.91 -17.13
CA THR F 43 -28.13 -7.18 -16.49
C THR F 43 -26.85 -8.01 -16.30
N LEU F 44 -26.52 -8.27 -15.04
CA LEU F 44 -25.35 -9.06 -14.69
C LEU F 44 -25.74 -10.53 -14.71
N THR F 45 -24.93 -11.36 -15.37
CA THR F 45 -25.16 -12.80 -15.32
C THR F 45 -24.09 -13.49 -14.49
N VAL F 46 -24.53 -14.23 -13.47
CA VAL F 46 -23.62 -14.91 -12.54
C VAL F 46 -24.02 -16.38 -12.40
N TYR F 47 -23.02 -17.23 -12.20
CA TYR F 47 -23.25 -18.67 -12.08
C TYR F 47 -24.03 -18.99 -10.81
N LYS F 48 -23.78 -18.21 -9.76
CA LYS F 48 -24.24 -18.54 -8.42
C LYS F 48 -24.77 -17.29 -7.74
N ALA F 49 -25.75 -17.47 -6.87
CA ALA F 49 -26.29 -16.38 -6.07
C ALA F 49 -26.82 -16.92 -4.75
N SER F 50 -27.05 -16.02 -3.80
CA SER F 50 -27.45 -16.40 -2.46
C SER F 50 -28.56 -15.49 -1.95
N ASN F 51 -29.35 -16.00 -1.02
CA ASN F 51 -30.26 -15.17 -0.23
C ASN F 51 -31.40 -14.63 -1.10
N LEU F 52 -31.71 -15.35 -2.16
CA LEU F 52 -32.87 -15.05 -3.00
C LEU F 52 -33.99 -16.07 -2.81
N ASN F 53 -35.22 -15.59 -2.85
CA ASN F 53 -36.41 -16.44 -2.90
C ASN F 53 -37.00 -16.45 -4.31
N LEU F 54 -37.34 -17.63 -4.81
CA LEU F 54 -37.95 -17.77 -6.12
C LEU F 54 -39.47 -17.62 -6.03
N ILE F 55 -40.04 -16.88 -6.97
CA ILE F 55 -41.48 -16.63 -6.99
C ILE F 55 -42.07 -17.21 -8.27
N GLY F 56 -43.04 -18.12 -8.13
CA GLY F 56 -43.79 -18.64 -9.27
C GLY F 56 -43.03 -19.74 -9.99
N ARG F 57 -43.43 -20.00 -11.23
CA ARG F 57 -42.84 -21.07 -12.03
C ARG F 57 -42.14 -20.48 -13.25
N PRO F 58 -41.20 -21.24 -13.84
CA PRO F 58 -40.43 -20.70 -14.96
C PRO F 58 -41.31 -20.41 -16.16
N SER F 59 -40.99 -19.34 -16.89
CA SER F 59 -41.68 -19.02 -18.14
C SER F 59 -40.68 -18.61 -19.21
N THR F 60 -40.98 -18.90 -20.47
CA THR F 60 -40.11 -18.48 -21.57
C THR F 60 -40.64 -17.23 -22.28
N VAL F 61 -41.73 -16.69 -21.79
CA VAL F 61 -42.33 -15.49 -22.41
C VAL F 61 -41.37 -14.31 -22.33
N HIS F 62 -40.98 -13.80 -23.50
CA HIS F 62 -40.12 -12.63 -23.61
C HIS F 62 -38.70 -12.88 -23.12
N SER F 63 -38.29 -14.14 -23.02
CA SER F 63 -37.00 -14.45 -22.41
C SER F 63 -35.87 -13.71 -23.12
N TRP F 64 -35.02 -13.04 -22.36
CA TRP F 64 -33.91 -12.28 -22.92
C TRP F 64 -32.80 -13.22 -23.38
N PHE F 65 -32.81 -14.44 -22.87
CA PHE F 65 -31.75 -15.39 -23.17
C PHE F 65 -32.32 -16.64 -23.83
N PRO F 66 -32.37 -16.63 -25.17
CA PRO F 66 -33.10 -17.67 -25.89
C PRO F 66 -32.63 -19.07 -25.49
N GLY F 67 -33.59 -19.93 -25.19
CA GLY F 67 -33.30 -21.28 -24.74
C GLY F 67 -33.37 -21.42 -23.23
N TYR F 68 -33.54 -20.29 -22.54
CA TYR F 68 -33.77 -20.31 -21.10
C TYR F 68 -35.16 -19.80 -20.74
N ALA F 69 -35.71 -20.34 -19.66
CA ALA F 69 -36.85 -19.76 -18.97
C ALA F 69 -36.39 -18.93 -17.78
N TRP F 70 -37.27 -18.06 -17.30
CA TRP F 70 -36.96 -17.19 -16.16
C TRP F 70 -37.94 -17.38 -15.01
N THR F 71 -37.42 -17.29 -13.79
CA THR F 71 -38.24 -17.28 -12.58
C THR F 71 -37.85 -16.07 -11.75
N ILE F 72 -38.84 -15.27 -11.35
CA ILE F 72 -38.56 -14.06 -10.57
C ILE F 72 -37.80 -14.40 -9.29
N ALA F 73 -36.75 -13.63 -9.02
CA ALA F 73 -35.93 -13.85 -7.83
C ALA F 73 -35.86 -12.57 -6.99
N GLN F 74 -36.31 -12.67 -5.75
CA GLN F 74 -36.35 -11.51 -4.87
C GLN F 74 -35.56 -11.76 -3.59
N CYS F 75 -34.98 -10.68 -3.05
CA CYS F 75 -34.20 -10.77 -1.84
C CYS F 75 -35.01 -11.41 -0.71
N LYS F 76 -34.37 -12.31 0.04
CA LYS F 76 -35.08 -13.07 1.06
C LYS F 76 -35.30 -12.25 2.33
N ILE F 77 -34.64 -11.10 2.41
CA ILE F 77 -34.71 -10.26 3.60
C ILE F 77 -35.73 -9.14 3.44
N CYS F 78 -35.78 -8.54 2.25
CA CYS F 78 -36.60 -7.33 2.03
C CYS F 78 -37.52 -7.43 0.81
N ALA F 79 -37.41 -8.54 0.08
CA ALA F 79 -38.29 -8.82 -1.06
C ALA F 79 -38.11 -7.85 -2.23
N SER F 80 -36.98 -7.15 -2.25
CA SER F 80 -36.59 -6.40 -3.45
C SER F 80 -36.44 -7.33 -4.65
N HIS F 81 -37.00 -6.93 -5.79
CA HIS F 81 -36.91 -7.74 -7.00
C HIS F 81 -35.55 -7.54 -7.67
N ILE F 82 -34.63 -8.45 -7.41
CA ILE F 82 -33.23 -8.26 -7.81
C ILE F 82 -33.02 -8.70 -9.27
N GLY F 83 -33.67 -9.79 -9.64
CA GLY F 83 -33.63 -10.28 -11.01
C GLY F 83 -34.36 -11.59 -11.20
N TRP F 84 -33.73 -12.53 -11.90
CA TRP F 84 -34.37 -13.79 -12.27
C TRP F 84 -33.37 -14.94 -12.21
N LYS F 85 -33.88 -16.13 -11.88
CA LYS F 85 -33.19 -17.38 -12.19
C LYS F 85 -33.54 -17.81 -13.62
N PHE F 86 -32.51 -18.05 -14.42
CA PHE F 86 -32.69 -18.57 -15.77
C PHE F 86 -32.32 -20.04 -15.83
N THR F 87 -33.23 -20.86 -16.34
CA THR F 87 -33.05 -22.30 -16.37
C THR F 87 -33.18 -22.83 -17.80
N ALA F 88 -32.26 -23.70 -18.19
CA ALA F 88 -32.18 -24.17 -19.58
C ALA F 88 -33.39 -25.03 -19.92
N THR F 89 -33.93 -24.85 -21.12
CA THR F 89 -35.02 -25.69 -21.61
C THR F 89 -34.52 -26.99 -22.23
N LYS F 90 -33.22 -27.05 -22.52
CA LYS F 90 -32.63 -28.24 -23.13
C LYS F 90 -31.43 -28.72 -22.32
N LYS F 91 -31.20 -30.03 -22.35
CA LYS F 91 -30.19 -30.63 -21.47
C LYS F 91 -28.78 -30.49 -22.02
N ASP F 92 -28.67 -30.05 -23.28
CA ASP F 92 -27.36 -29.98 -23.92
C ASP F 92 -26.75 -28.59 -23.82
N MET F 93 -27.39 -27.71 -23.05
CA MET F 93 -26.92 -26.33 -22.90
C MET F 93 -26.01 -26.20 -21.68
N SER F 94 -25.20 -25.14 -21.67
CA SER F 94 -24.48 -24.75 -20.47
C SER F 94 -24.34 -23.23 -20.36
N PRO F 95 -24.38 -22.73 -19.12
CA PRO F 95 -24.79 -23.51 -17.95
C PRO F 95 -26.26 -23.90 -18.01
N GLN F 96 -26.65 -24.89 -17.22
CA GLN F 96 -28.04 -25.32 -17.14
C GLN F 96 -28.89 -24.28 -16.41
N LYS F 97 -28.23 -23.47 -15.58
CA LYS F 97 -28.91 -22.51 -14.72
C LYS F 97 -27.95 -21.34 -14.48
N PHE F 98 -28.47 -20.12 -14.51
CA PHE F 98 -27.72 -18.96 -14.04
C PHE F 98 -28.66 -17.87 -13.55
N TRP F 99 -28.10 -16.83 -12.96
CA TRP F 99 -28.89 -15.73 -12.44
C TRP F 99 -28.65 -14.48 -13.28
N GLY F 100 -29.74 -13.87 -13.74
CA GLY F 100 -29.68 -12.57 -14.38
C GLY F 100 -30.16 -11.48 -13.45
N LEU F 101 -29.24 -10.63 -13.02
CA LEU F 101 -29.51 -9.67 -11.97
C LEU F 101 -29.47 -8.24 -12.50
N THR F 102 -30.44 -7.45 -12.07
CA THR F 102 -30.50 -6.04 -12.44
C THR F 102 -29.46 -5.24 -11.68
N ARG F 103 -28.47 -4.72 -12.39
CA ARG F 103 -27.26 -4.21 -11.77
C ARG F 103 -27.58 -3.04 -10.84
N SER F 104 -28.65 -2.33 -11.15
CA SER F 104 -29.03 -1.14 -10.39
C SER F 104 -29.69 -1.54 -9.06
N ALA F 105 -29.97 -2.83 -8.90
CA ALA F 105 -30.58 -3.34 -7.67
C ALA F 105 -29.51 -3.88 -6.71
N LEU F 106 -28.25 -3.72 -7.09
CA LEU F 106 -27.14 -4.22 -6.29
C LEU F 106 -26.22 -3.08 -5.86
N LEU F 107 -25.58 -3.25 -4.70
CA LEU F 107 -24.40 -2.46 -4.35
C LEU F 107 -23.14 -3.25 -4.71
N PRO F 108 -22.02 -2.55 -4.90
CA PRO F 108 -21.92 -1.11 -5.16
C PRO F 108 -22.70 -0.69 -6.40
N GLY G 1 19.71 -16.40 -5.78
CA GLY G 1 18.63 -15.54 -5.21
C GLY G 1 18.71 -14.13 -5.75
N PRO G 2 17.57 -13.43 -5.74
CA PRO G 2 17.50 -12.00 -6.09
C PRO G 2 18.32 -11.13 -5.14
N THR G 3 18.61 -11.63 -3.95
CA THR G 3 19.25 -10.83 -2.91
C THR G 3 20.67 -11.31 -2.64
N SER G 4 21.14 -12.23 -3.49
CA SER G 4 22.47 -12.82 -3.32
C SER G 4 23.55 -11.84 -3.79
N LEU G 5 24.56 -11.63 -2.94
CA LEU G 5 25.74 -10.87 -3.35
C LEU G 5 26.95 -11.79 -3.43
N CYS G 6 27.40 -12.09 -4.65
CA CYS G 6 28.39 -13.14 -4.85
C CYS G 6 29.77 -12.58 -5.13
N CYS G 7 30.79 -13.35 -4.79
CA CYS G 7 32.16 -13.06 -5.20
C CYS G 7 32.23 -12.79 -6.70
N LYS G 8 32.73 -11.62 -7.07
CA LYS G 8 32.75 -11.21 -8.47
C LYS G 8 33.74 -12.06 -9.25
N GLN G 9 34.80 -12.50 -8.57
CA GLN G 9 35.86 -13.27 -9.22
C GLN G 9 35.39 -14.68 -9.59
N CYS G 10 34.87 -15.44 -8.63
CA CYS G 10 34.48 -16.82 -8.91
C CYS G 10 32.99 -16.99 -9.18
N GLN G 11 32.23 -15.91 -8.96
CA GLN G 11 30.88 -15.76 -9.49
C GLN G 11 29.82 -16.57 -8.77
N GLU G 12 30.15 -17.81 -8.40
CA GLU G 12 29.15 -18.74 -7.91
C GLU G 12 29.01 -18.70 -6.38
N THR G 13 30.02 -18.13 -5.73
CA THR G 13 30.12 -18.23 -4.28
C THR G 13 29.41 -17.05 -3.62
N GLU G 14 28.36 -17.32 -2.85
CA GLU G 14 27.63 -16.25 -2.19
C GLU G 14 28.36 -15.77 -0.95
N ILE G 15 28.56 -14.46 -0.84
CA ILE G 15 29.30 -13.88 0.28
C ILE G 15 28.36 -13.25 1.32
N THR G 16 27.32 -12.58 0.85
CA THR G 16 26.29 -12.07 1.74
C THR G 16 25.00 -11.85 0.97
N THR G 17 23.97 -11.37 1.65
CA THR G 17 22.72 -11.03 0.99
C THR G 17 22.33 -9.59 1.28
N LYS G 18 21.44 -9.04 0.46
CA LYS G 18 20.97 -7.68 0.65
C LYS G 18 20.26 -7.53 1.99
N ASN G 19 19.70 -8.63 2.49
CA ASN G 19 18.98 -8.61 3.76
C ASN G 19 19.87 -8.25 4.95
N GLU G 20 21.17 -8.50 4.81
CA GLU G 20 22.10 -8.35 5.95
C GLU G 20 22.68 -6.94 6.03
N ILE G 21 22.42 -6.12 5.02
CA ILE G 21 22.96 -4.76 4.94
C ILE G 21 22.42 -3.90 6.07
N PHE G 22 23.30 -3.13 6.70
CA PHE G 22 22.89 -2.12 7.67
C PHE G 22 23.78 -0.89 7.59
N SER G 23 23.40 0.16 8.32
CA SER G 23 24.11 1.43 8.26
C SER G 23 24.78 1.72 9.60
N LEU G 24 26.11 1.66 9.62
CA LEU G 24 26.87 1.97 10.83
C LEU G 24 27.12 3.47 10.97
N SER G 25 26.80 3.98 12.15
CA SER G 25 26.95 5.40 12.47
C SER G 25 25.95 6.26 11.71
N HIS G 41 28.52 5.03 -1.42
CA HIS G 41 29.70 4.65 -0.67
C HIS G 41 30.04 3.19 -0.90
N GLU G 42 31.32 2.85 -0.87
CA GLU G 42 31.85 1.72 -1.62
C GLU G 42 32.38 0.62 -0.71
N THR G 43 32.17 0.79 0.59
CA THR G 43 32.25 -0.33 1.53
C THR G 43 30.88 -0.66 2.11
N LEU G 44 30.40 -1.85 1.77
CA LEU G 44 29.13 -2.35 2.30
C LEU G 44 29.37 -2.91 3.70
N THR G 45 28.49 -2.58 4.64
CA THR G 45 28.53 -3.21 5.96
C THR G 45 27.32 -4.10 6.19
N VAL G 46 27.59 -5.36 6.50
CA VAL G 46 26.54 -6.36 6.69
C VAL G 46 26.75 -7.11 8.00
N TYR G 47 25.65 -7.53 8.63
CA TYR G 47 25.71 -8.20 9.91
C TYR G 47 26.35 -9.59 9.76
N LYS G 48 26.08 -10.24 8.64
CA LYS G 48 26.47 -11.62 8.45
C LYS G 48 27.08 -11.80 7.06
N ALA G 49 27.96 -12.79 6.96
CA ALA G 49 28.54 -13.17 5.68
C ALA G 49 28.90 -14.66 5.69
N SER G 50 29.14 -15.21 4.51
CA SER G 50 29.38 -16.63 4.37
C SER G 50 30.58 -16.86 3.45
N ASN G 51 31.22 -18.01 3.61
CA ASN G 51 32.16 -18.50 2.61
C ASN G 51 33.41 -17.62 2.54
N LEU G 52 33.72 -16.96 3.64
CA LEU G 52 34.96 -16.20 3.78
C LEU G 52 35.94 -16.90 4.73
N ASN G 53 37.22 -16.86 4.37
CA ASN G 53 38.30 -17.26 5.27
C ASN G 53 38.97 -16.04 5.88
N LEU G 54 39.22 -16.08 7.18
CA LEU G 54 39.93 -15.01 7.87
C LEU G 54 41.44 -15.22 7.80
N ILE G 55 42.16 -14.14 7.51
CA ILE G 55 43.62 -14.17 7.46
C ILE G 55 44.20 -13.28 8.55
N GLY G 56 45.05 -13.85 9.41
CA GLY G 56 45.79 -13.06 10.39
C GLY G 56 44.99 -12.79 11.65
N ARG G 57 45.52 -11.90 12.49
CA ARG G 57 44.81 -11.47 13.70
C ARG G 57 44.25 -10.07 13.49
N PRO G 58 43.33 -9.64 14.38
CA PRO G 58 42.74 -8.33 14.24
C PRO G 58 43.76 -7.21 14.46
N SER G 59 43.58 -6.08 13.78
CA SER G 59 44.39 -4.90 14.03
C SER G 59 43.51 -3.64 14.00
N THR G 60 43.88 -2.63 14.76
CA THR G 60 43.14 -1.37 14.75
C THR G 60 43.85 -0.28 13.95
N VAL G 61 44.97 -0.64 13.34
CA VAL G 61 45.73 0.30 12.52
C VAL G 61 44.89 0.79 11.34
N HIS G 62 44.70 2.10 11.28
CA HIS G 62 43.99 2.75 10.17
C HIS G 62 42.51 2.37 10.10
N SER G 63 41.97 1.84 11.20
CA SER G 63 40.60 1.31 11.14
C SER G 63 39.62 2.39 10.69
N TRP G 64 38.80 2.04 9.71
CA TRP G 64 37.83 2.97 9.14
C TRP G 64 36.66 3.16 10.10
N PHE G 65 36.48 2.21 11.01
CA PHE G 65 35.35 2.25 11.93
C PHE G 65 35.84 2.31 13.37
N PRO G 66 36.00 3.53 13.90
CA PRO G 66 36.64 3.71 15.19
C PRO G 66 35.99 2.86 16.28
N GLY G 67 36.82 2.13 17.03
CA GLY G 67 36.32 1.24 18.06
C GLY G 67 36.26 -0.20 17.61
N TYR G 68 36.52 -0.41 16.32
CA TYR G 68 36.62 -1.77 15.78
C TYR G 68 38.04 -2.07 15.29
N ALA G 69 38.42 -3.34 15.38
CA ALA G 69 39.59 -3.87 14.68
C ALA G 69 39.15 -4.61 13.41
N TRP G 70 40.08 -4.78 12.48
CA TRP G 70 39.78 -5.46 11.22
C TRP G 70 40.65 -6.70 11.03
N THR G 71 40.04 -7.73 10.44
CA THR G 71 40.78 -8.92 10.01
C THR G 71 40.47 -9.18 8.54
N ILE G 72 41.51 -9.37 7.73
CA ILE G 72 41.32 -9.57 6.30
C ILE G 72 40.44 -10.79 6.04
N ALA G 73 39.47 -10.62 5.14
CA ALA G 73 38.53 -11.68 4.81
C ALA G 73 38.56 -11.96 3.31
N GLN G 74 38.87 -13.21 2.95
CA GLN G 74 38.96 -13.58 1.54
C GLN G 74 38.06 -14.75 1.20
N CYS G 75 37.55 -14.74 -0.02
CA CYS G 75 36.68 -15.80 -0.50
C CYS G 75 37.33 -17.17 -0.32
N LYS G 76 36.58 -18.12 0.20
CA LYS G 76 37.14 -19.42 0.55
C LYS G 76 37.32 -20.30 -0.67
N ILE G 77 36.77 -19.87 -1.80
CA ILE G 77 36.85 -20.65 -3.04
C ILE G 77 38.00 -20.19 -3.94
N CYS G 78 38.19 -18.87 -4.06
CA CYS G 78 39.16 -18.33 -5.01
C CYS G 78 40.15 -17.36 -4.36
N ALA G 79 39.98 -17.12 -3.06
CA ALA G 79 40.89 -16.27 -2.28
C ALA G 79 40.90 -14.81 -2.74
N SER G 80 39.88 -14.39 -3.46
CA SER G 80 39.66 -12.96 -3.70
C SER G 80 39.51 -12.20 -2.38
N HIS G 81 40.21 -11.07 -2.26
CA HIS G 81 40.12 -10.25 -1.05
C HIS G 81 38.86 -9.40 -1.08
N ILE G 82 37.81 -9.86 -0.41
CA ILE G 82 36.50 -9.26 -0.54
C ILE G 82 36.32 -8.09 0.43
N GLY G 83 36.92 -8.22 1.61
CA GLY G 83 36.87 -7.16 2.61
C GLY G 83 37.49 -7.56 3.94
N TRP G 84 36.80 -7.22 5.03
CA TRP G 84 37.31 -7.43 6.38
C TRP G 84 36.20 -7.81 7.34
N LYS G 85 36.53 -8.62 8.34
CA LYS G 85 35.72 -8.73 9.55
C LYS G 85 36.10 -7.64 10.54
N PHE G 86 35.12 -6.87 10.98
CA PHE G 86 35.36 -5.84 11.99
C PHE G 86 34.82 -6.30 13.34
N THR G 87 35.69 -6.28 14.35
CA THR G 87 35.34 -6.77 15.68
C THR G 87 35.51 -5.68 16.73
N ALA G 88 34.53 -5.55 17.62
CA ALA G 88 34.50 -4.46 18.59
C ALA G 88 35.64 -4.62 19.59
N THR G 89 36.28 -3.50 19.94
CA THR G 89 37.32 -3.51 20.98
C THR G 89 36.72 -3.37 22.38
N LYS G 90 35.45 -2.99 22.46
CA LYS G 90 34.77 -2.86 23.76
C LYS G 90 33.47 -3.65 23.78
N LYS G 91 33.08 -4.06 24.99
CA LYS G 91 31.93 -4.95 25.17
C LYS G 91 30.61 -4.21 25.02
N ASP G 92 30.64 -2.89 25.17
CA ASP G 92 29.40 -2.12 25.26
C ASP G 92 28.93 -1.64 23.88
N MET G 93 29.61 -2.10 22.84
CA MET G 93 29.30 -1.66 21.48
C MET G 93 28.33 -2.62 20.80
N SER G 94 27.62 -2.12 19.79
CA SER G 94 26.85 -2.99 18.90
C SER G 94 26.90 -2.49 17.46
N PRO G 95 26.92 -3.43 16.50
CA PRO G 95 27.14 -4.84 16.79
C PRO G 95 28.56 -5.12 17.29
N GLN G 96 28.77 -6.28 17.89
CA GLN G 96 30.10 -6.67 18.36
C GLN G 96 31.01 -7.05 17.19
N LYS G 97 30.40 -7.45 16.09
CA LYS G 97 31.13 -7.87 14.89
C LYS G 97 30.28 -7.55 13.67
N PHE G 98 30.92 -7.09 12.60
CA PHE G 98 30.26 -7.00 11.30
C PHE G 98 31.28 -7.16 10.19
N TRP G 99 30.80 -7.24 8.96
CA TRP G 99 31.66 -7.39 7.80
C TRP G 99 31.64 -6.11 6.96
N GLY G 100 32.81 -5.57 6.68
CA GLY G 100 32.94 -4.48 5.74
C GLY G 100 33.50 -4.95 4.41
N LEU G 101 32.66 -4.93 3.39
CA LEU G 101 32.97 -5.58 2.13
C LEU G 101 33.14 -4.54 1.03
N THR G 102 34.14 -4.76 0.17
CA THR G 102 34.38 -3.87 -0.95
C THR G 102 33.37 -4.14 -2.06
N ARG G 103 32.50 -3.16 -2.32
CA ARG G 103 31.32 -3.41 -3.14
C ARG G 103 31.71 -3.86 -4.53
N SER G 104 32.87 -3.41 -4.99
CA SER G 104 33.31 -3.70 -6.36
C SER G 104 33.86 -5.12 -6.46
N ALA G 105 33.97 -5.79 -5.32
CA ALA G 105 34.43 -7.18 -5.28
C ALA G 105 33.25 -8.14 -5.27
N LEU G 106 32.05 -7.60 -5.37
CA LEU G 106 30.82 -8.39 -5.29
C LEU G 106 30.00 -8.25 -6.56
N LEU G 107 29.19 -9.26 -6.85
CA LEU G 107 28.22 -9.18 -7.94
C LEU G 107 26.83 -8.83 -7.39
N PRO G 108 26.09 -7.99 -8.12
CA PRO G 108 24.77 -7.54 -7.68
C PRO G 108 23.77 -8.67 -7.57
N GLY H 1 4.68 -11.83 9.61
CA GLY H 1 3.65 -12.73 9.03
C GLY H 1 4.11 -13.34 7.71
N PRO H 2 4.56 -12.49 6.78
CA PRO H 2 4.71 -12.84 5.38
C PRO H 2 6.12 -13.34 5.05
N THR H 3 7.09 -12.96 5.88
CA THR H 3 8.42 -13.53 5.79
C THR H 3 8.57 -14.73 6.70
N SER H 4 7.54 -14.98 7.51
CA SER H 4 7.67 -15.89 8.65
C SER H 4 7.68 -17.34 8.20
N LEU H 5 8.64 -18.10 8.70
CA LEU H 5 8.64 -19.55 8.50
C LEU H 5 8.40 -20.27 9.81
N CYS H 6 7.20 -20.81 9.96
CA CYS H 6 6.74 -21.33 11.24
C CYS H 6 6.84 -22.85 11.26
N CYS H 7 6.90 -23.40 12.47
CA CYS H 7 6.81 -24.84 12.65
C CYS H 7 5.46 -25.33 12.12
N LYS H 8 5.52 -26.28 11.21
CA LYS H 8 4.34 -26.73 10.49
C LYS H 8 3.37 -27.45 11.44
N GLN H 9 3.92 -28.07 12.47
CA GLN H 9 3.11 -28.87 13.37
C GLN H 9 2.25 -28.01 14.31
N CYS H 10 2.89 -27.14 15.10
CA CYS H 10 2.14 -26.31 16.05
C CYS H 10 1.69 -24.99 15.44
N GLN H 11 2.23 -24.67 14.26
CA GLN H 11 1.72 -23.61 13.41
C GLN H 11 2.08 -22.21 13.88
N GLU H 12 2.09 -21.98 15.18
CA GLU H 12 2.18 -20.62 15.71
C GLU H 12 3.63 -20.17 15.90
N THR H 13 4.52 -21.14 16.05
CA THR H 13 5.86 -20.87 16.56
C THR H 13 6.79 -20.55 15.40
N GLU H 14 7.26 -19.31 15.32
CA GLU H 14 8.18 -18.92 14.25
C GLU H 14 9.55 -19.52 14.50
N ILE H 15 10.12 -20.15 13.47
CA ILE H 15 11.45 -20.73 13.59
C ILE H 15 12.52 -19.86 12.92
N THR H 16 12.20 -19.30 11.76
CA THR H 16 13.10 -18.37 11.09
C THR H 16 12.31 -17.48 10.15
N THR H 17 12.99 -16.59 9.45
CA THR H 17 12.33 -15.78 8.42
C THR H 17 13.04 -15.92 7.09
N LYS H 18 12.36 -15.54 6.01
CA LYS H 18 12.94 -15.60 4.68
C LYS H 18 14.16 -14.70 4.59
N ASN H 19 14.22 -13.67 5.44
CA ASN H 19 15.32 -12.72 5.42
C ASN H 19 16.65 -13.34 5.85
N GLU H 20 16.59 -14.46 6.56
CA GLU H 20 17.79 -15.06 7.14
C GLU H 20 18.39 -16.14 6.23
N ILE H 21 17.75 -16.38 5.09
CA ILE H 21 18.22 -17.44 4.17
C ILE H 21 19.51 -17.02 3.47
N PHE H 22 20.47 -17.94 3.42
CA PHE H 22 21.69 -17.73 2.66
C PHE H 22 22.15 -19.03 2.00
N SER H 23 23.17 -18.94 1.15
CA SER H 23 23.66 -20.10 0.41
C SER H 23 25.10 -20.41 0.78
N LEU H 24 25.31 -21.58 1.39
CA LEU H 24 26.64 -22.01 1.79
C LEU H 24 27.37 -22.68 0.63
N SER H 25 28.68 -22.50 0.58
CA SER H 25 29.51 -23.09 -0.45
C SER H 25 29.19 -22.52 -1.82
N HIS H 41 16.32 -26.97 -2.73
CA HIS H 41 16.88 -28.07 -1.97
C HIS H 41 16.04 -28.35 -0.72
N GLU H 42 16.19 -29.54 -0.17
CA GLU H 42 15.30 -30.02 0.89
C GLU H 42 15.67 -29.40 2.23
N THR H 43 16.87 -28.81 2.30
CA THR H 43 17.38 -28.23 3.54
C THR H 43 17.69 -26.74 3.36
N LEU H 44 16.99 -25.92 4.15
CA LEU H 44 17.15 -24.47 4.09
C LEU H 44 18.25 -24.06 5.07
N THR H 45 19.21 -23.26 4.63
CA THR H 45 20.25 -22.76 5.54
C THR H 45 20.03 -21.29 5.86
N VAL H 46 19.90 -20.99 7.15
CA VAL H 46 19.66 -19.63 7.61
C VAL H 46 20.69 -19.21 8.66
N TYR H 47 20.95 -17.91 8.71
CA TYR H 47 21.92 -17.35 9.64
C TYR H 47 21.39 -17.40 11.08
N LYS H 48 20.09 -17.21 11.22
CA LYS H 48 19.47 -17.01 12.53
C LYS H 48 18.18 -17.81 12.60
N ALA H 49 17.87 -18.31 13.79
CA ALA H 49 16.61 -18.99 14.03
C ALA H 49 16.16 -18.82 15.48
N SER H 50 14.89 -19.11 15.73
CA SER H 50 14.30 -18.85 17.04
C SER H 50 13.52 -20.06 17.52
N ASN H 51 13.30 -20.14 18.83
CA ASN H 51 12.30 -21.03 19.41
C ASN H 51 12.63 -22.50 19.17
N LEU H 52 13.92 -22.78 19.00
CA LEU H 52 14.41 -24.15 18.92
C LEU H 52 15.16 -24.51 20.21
N ASN H 53 14.96 -25.74 20.67
CA ASN H 53 15.80 -26.33 21.70
C ASN H 53 16.85 -27.24 21.09
N LEU H 54 18.07 -27.15 21.61
CA LEU H 54 19.16 -28.00 21.15
C LEU H 54 19.21 -29.29 21.96
N ILE H 55 19.31 -30.41 21.26
CA ILE H 55 19.39 -31.72 21.90
C ILE H 55 20.79 -32.29 21.75
N GLY H 56 21.45 -32.58 22.87
CA GLY H 56 22.71 -33.31 22.85
C GLY H 56 23.89 -32.41 22.54
N ARG H 57 24.99 -33.03 22.11
CA ARG H 57 26.24 -32.31 21.88
C ARG H 57 26.58 -32.35 20.40
N PRO H 58 27.43 -31.41 19.95
CA PRO H 58 27.79 -31.32 18.53
C PRO H 58 28.53 -32.57 18.05
N SER H 59 28.29 -32.95 16.80
CA SER H 59 28.99 -34.08 16.19
C SER H 59 29.33 -33.79 14.74
N THR H 60 30.48 -34.29 14.28
CA THR H 60 30.89 -34.14 12.90
C THR H 60 30.49 -35.34 12.05
N VAL H 61 30.01 -36.39 12.69
CA VAL H 61 29.73 -37.65 12.01
C VAL H 61 28.68 -37.44 10.90
N HIS H 62 29.05 -37.82 9.68
CA HIS H 62 28.19 -37.67 8.52
C HIS H 62 27.74 -36.23 8.27
N SER H 63 28.57 -35.25 8.66
CA SER H 63 28.16 -33.86 8.52
C SER H 63 27.96 -33.51 7.05
N TRP H 64 26.81 -32.93 6.74
CA TRP H 64 26.49 -32.55 5.36
C TRP H 64 27.33 -31.37 4.92
N PHE H 65 27.87 -30.63 5.90
CA PHE H 65 28.62 -29.42 5.63
C PHE H 65 30.03 -29.52 6.22
N PRO H 66 30.98 -30.04 5.44
CA PRO H 66 32.31 -30.34 5.97
C PRO H 66 32.97 -29.12 6.60
N GLY H 67 33.48 -29.29 7.81
CA GLY H 67 34.01 -28.17 8.59
C GLY H 67 33.05 -27.73 9.66
N TYR H 68 31.82 -28.22 9.59
CA TYR H 68 30.82 -27.95 10.62
C TYR H 68 30.41 -29.23 11.34
N ALA H 69 30.09 -29.09 12.63
CA ALA H 69 29.42 -30.14 13.39
C ALA H 69 27.93 -29.81 13.49
N TRP H 70 27.12 -30.83 13.78
CA TRP H 70 25.68 -30.64 13.91
C TRP H 70 25.17 -30.94 15.32
N THR H 71 24.12 -30.22 15.69
CA THR H 71 23.36 -30.49 16.91
C THR H 71 21.88 -30.48 16.57
N ILE H 72 21.17 -31.53 16.96
CA ILE H 72 19.74 -31.64 16.69
C ILE H 72 18.98 -30.46 17.27
N ALA H 73 18.03 -29.94 16.50
CA ALA H 73 17.26 -28.77 16.90
C ALA H 73 15.77 -29.04 16.74
N GLN H 74 15.02 -28.95 17.84
CA GLN H 74 13.59 -29.21 17.80
C GLN H 74 12.79 -28.01 18.31
N CYS H 75 11.53 -27.94 17.89
CA CYS H 75 10.63 -26.87 18.28
C CYS H 75 10.42 -26.88 19.79
N LYS H 76 10.52 -25.70 20.41
CA LYS H 76 10.42 -25.61 21.87
C LYS H 76 9.00 -25.88 22.35
N ILE H 77 8.02 -25.73 21.46
CA ILE H 77 6.62 -25.90 21.81
C ILE H 77 6.17 -27.36 21.65
N CYS H 78 6.38 -27.92 20.47
CA CYS H 78 5.79 -29.22 20.14
C CYS H 78 6.83 -30.34 20.01
N ALA H 79 8.10 -29.97 20.13
CA ALA H 79 9.21 -30.93 20.11
C ALA H 79 9.44 -31.58 18.74
N SER H 80 8.78 -31.06 17.71
CA SER H 80 9.05 -31.53 16.35
C SER H 80 10.50 -31.25 15.95
N HIS H 81 11.14 -32.23 15.33
CA HIS H 81 12.52 -32.07 14.87
C HIS H 81 12.57 -31.23 13.60
N ILE H 82 13.06 -30.01 13.70
CA ILE H 82 13.00 -29.07 12.58
C ILE H 82 14.27 -29.13 11.74
N GLY H 83 15.39 -29.39 12.40
CA GLY H 83 16.68 -29.41 11.73
C GLY H 83 17.85 -29.48 12.70
N TRP H 84 18.92 -28.79 12.35
CA TRP H 84 20.17 -28.85 13.12
C TRP H 84 20.81 -27.48 13.19
N LYS H 85 21.46 -27.21 14.32
CA LYS H 85 22.46 -26.17 14.41
C LYS H 85 23.81 -26.68 13.94
N PHE H 86 24.40 -25.99 12.97
CA PHE H 86 25.74 -26.30 12.50
C PHE H 86 26.75 -25.31 13.07
N THR H 87 27.80 -25.84 13.69
CA THR H 87 28.80 -25.02 14.35
C THR H 87 30.20 -25.32 13.79
N ALA H 88 30.94 -24.26 13.47
CA ALA H 88 32.22 -24.39 12.79
C ALA H 88 33.23 -25.12 13.67
N THR H 89 34.11 -25.88 13.03
CA THR H 89 35.17 -26.58 13.76
C THR H 89 36.45 -25.75 13.78
N LYS H 90 36.51 -24.70 12.97
CA LYS H 90 37.69 -23.84 12.93
C LYS H 90 37.31 -22.37 13.05
N LYS H 91 38.22 -21.58 13.63
CA LYS H 91 37.92 -20.20 13.98
C LYS H 91 37.86 -19.31 12.73
N ASP H 92 38.51 -19.74 11.66
CA ASP H 92 38.75 -18.86 10.52
C ASP H 92 37.62 -18.97 9.49
N MET H 93 36.58 -19.69 9.85
CA MET H 93 35.44 -19.92 8.96
C MET H 93 34.37 -18.85 9.16
N SER H 94 33.51 -18.67 8.16
CA SER H 94 32.30 -17.88 8.31
C SER H 94 31.14 -18.49 7.51
N PRO H 95 29.92 -18.44 8.06
CA PRO H 95 29.67 -18.04 9.44
C PRO H 95 30.19 -19.08 10.43
N GLN H 96 30.30 -18.69 11.69
CA GLN H 96 30.74 -19.63 12.73
C GLN H 96 29.63 -20.60 13.12
N LYS H 97 28.40 -20.22 12.83
CA LYS H 97 27.28 -21.14 12.99
C LYS H 97 26.12 -20.71 12.11
N PHE H 98 25.30 -21.69 11.73
CA PHE H 98 24.08 -21.43 11.00
C PHE H 98 23.11 -22.55 11.31
N TRP H 99 21.89 -22.45 10.80
CA TRP H 99 20.93 -23.53 10.95
C TRP H 99 20.62 -24.17 9.61
N GLY H 100 20.57 -25.51 9.61
CA GLY H 100 20.04 -26.25 8.48
C GLY H 100 18.70 -26.86 8.80
N LEU H 101 17.66 -26.34 8.18
CA LEU H 101 16.29 -26.68 8.53
C LEU H 101 15.61 -27.46 7.42
N THR H 102 14.91 -28.51 7.81
CA THR H 102 14.17 -29.35 6.87
C THR H 102 12.94 -28.61 6.34
N ARG H 103 12.93 -28.33 5.05
CA ARG H 103 11.98 -27.38 4.47
C ARG H 103 10.54 -27.82 4.71
N SER H 104 10.31 -29.13 4.72
CA SER H 104 8.95 -29.66 4.83
C SER H 104 8.44 -29.57 6.26
N ALA H 105 9.34 -29.21 7.19
CA ALA H 105 8.97 -29.04 8.59
C ALA H 105 8.45 -27.64 8.87
N LEU H 106 8.41 -26.81 7.83
CA LEU H 106 8.07 -25.40 7.99
C LEU H 106 6.87 -24.99 7.12
N LEU H 107 6.13 -24.00 7.61
CA LEU H 107 5.08 -23.34 6.82
C LEU H 107 5.45 -21.87 6.65
N PRO H 108 5.17 -21.31 5.45
CA PRO H 108 4.81 -22.05 4.25
C PRO H 108 5.97 -22.90 3.73
N GLY I 1 17.89 3.81 3.70
CA GLY I 1 17.09 2.72 3.05
C GLY I 1 15.67 2.68 3.59
N PRO I 2 14.76 2.11 2.80
CA PRO I 2 13.37 2.00 3.24
C PRO I 2 13.13 0.85 4.23
N THR I 3 14.18 0.06 4.49
CA THR I 3 14.11 -0.96 5.53
C THR I 3 14.65 -0.44 6.86
N SER I 4 15.16 0.79 6.86
CA SER I 4 15.83 1.33 8.05
C SER I 4 14.81 1.66 9.14
N LEU I 5 15.11 1.23 10.36
CA LEU I 5 14.42 1.74 11.54
C LEU I 5 15.36 2.61 12.37
N CYS I 6 15.04 3.88 12.50
CA CYS I 6 15.97 4.86 13.05
C CYS I 6 15.52 5.34 14.43
N CYS I 7 16.47 5.82 15.21
CA CYS I 7 16.17 6.46 16.49
C CYS I 7 15.30 7.70 16.28
N LYS I 8 14.16 7.73 16.96
CA LYS I 8 13.17 8.79 16.77
C LYS I 8 13.74 10.15 17.20
N GLN I 9 14.63 10.13 18.19
CA GLN I 9 15.16 11.38 18.76
C GLN I 9 16.18 12.06 17.85
N CYS I 10 17.20 11.33 17.39
CA CYS I 10 18.21 11.95 16.53
C CYS I 10 17.99 11.64 15.05
N GLN I 11 16.98 10.82 14.76
CA GLN I 11 16.39 10.77 13.42
C GLN I 11 17.31 10.08 12.42
N GLU I 12 18.61 10.34 12.53
CA GLU I 12 19.59 9.90 11.54
C GLU I 12 20.06 8.48 11.76
N THR I 13 20.12 8.08 13.02
CA THR I 13 20.89 6.90 13.43
C THR I 13 20.05 5.64 13.25
N GLU I 14 20.52 4.75 12.39
CA GLU I 14 19.84 3.48 12.18
C GLU I 14 20.06 2.56 13.37
N ILE I 15 18.99 2.01 13.91
CA ILE I 15 19.12 1.09 15.05
C ILE I 15 18.95 -0.37 14.62
N THR I 16 18.05 -0.61 13.69
CA THR I 16 17.90 -1.93 13.10
C THR I 16 17.20 -1.80 11.75
N THR I 17 16.98 -2.93 11.08
CA THR I 17 16.26 -2.91 9.82
C THR I 17 15.09 -3.87 9.87
N LYS I 18 14.13 -3.69 8.97
CA LYS I 18 12.97 -4.57 8.90
C LYS I 18 13.40 -6.00 8.60
N ASN I 19 14.57 -6.16 8.01
CA ASN I 19 15.09 -7.48 7.68
C ASN I 19 15.46 -8.30 8.91
N GLU I 20 15.64 -7.63 10.05
CA GLU I 20 16.12 -8.31 11.26
C GLU I 20 14.96 -8.71 12.16
N ILE I 21 13.75 -8.28 11.82
CA ILE I 21 12.59 -8.51 12.67
C ILE I 21 12.22 -9.99 12.69
N PHE I 22 12.03 -10.54 13.88
CA PHE I 22 11.51 -11.89 14.04
C PHE I 22 10.52 -11.96 15.19
N SER I 23 9.78 -13.07 15.26
CA SER I 23 8.78 -13.26 16.31
C SER I 23 9.24 -14.27 17.34
N LEU I 24 9.64 -13.76 18.51
CA LEU I 24 10.04 -14.62 19.61
C LEU I 24 8.81 -15.19 20.30
N SER I 25 7.88 -14.32 20.66
CA SER I 25 6.58 -14.73 21.14
C SER I 25 5.70 -15.20 19.97
N LEU I 26 4.93 -16.26 20.21
CA LEU I 26 4.25 -16.96 19.12
C LEU I 26 4.48 -18.47 19.22
N HIS I 41 2.22 -5.02 18.65
CA HIS I 41 2.69 -5.12 20.03
C HIS I 41 3.30 -3.79 20.47
N GLU I 42 4.21 -3.86 21.43
CA GLU I 42 4.86 -2.66 21.96
C GLU I 42 6.38 -2.81 21.89
N THR I 43 6.85 -4.05 21.78
CA THR I 43 8.28 -4.33 21.70
C THR I 43 8.60 -5.11 20.43
N LEU I 44 9.46 -4.53 19.61
CA LEU I 44 9.94 -5.17 18.39
C LEU I 44 11.16 -6.02 18.71
N THR I 45 11.13 -7.31 18.34
CA THR I 45 12.31 -8.15 18.55
C THR I 45 13.07 -8.41 17.26
N VAL I 46 14.36 -8.11 17.29
CA VAL I 46 15.23 -8.25 16.13
C VAL I 46 16.48 -9.06 16.48
N TYR I 47 17.04 -9.74 15.49
CA TYR I 47 18.21 -10.58 15.70
C TYR I 47 19.46 -9.72 15.86
N LYS I 48 19.47 -8.58 15.17
CA LYS I 48 20.65 -7.73 15.11
C LYS I 48 20.23 -6.27 15.25
N ALA I 49 21.10 -5.48 15.85
CA ALA I 49 20.92 -4.03 15.91
C ALA I 49 22.27 -3.32 15.93
N SER I 50 22.24 -2.02 15.66
CA SER I 50 23.46 -1.25 15.47
C SER I 50 23.39 0.07 16.24
N ASN I 51 24.56 0.63 16.52
CA ASN I 51 24.65 2.01 17.01
C ASN I 51 23.97 2.16 18.36
N LEU I 52 23.90 1.05 19.10
CA LEU I 52 23.45 1.07 20.48
C LEU I 52 24.63 0.93 21.44
N ASN I 53 24.52 1.59 22.59
CA ASN I 53 25.51 1.49 23.65
C ASN I 53 24.90 0.79 24.86
N LEU I 54 25.57 -0.26 25.33
CA LEU I 54 25.06 -1.05 26.45
C LEU I 54 25.42 -0.41 27.80
N ILE I 55 24.43 -0.34 28.68
CA ILE I 55 24.61 0.19 30.03
C ILE I 55 24.50 -0.95 31.05
N GLY I 56 25.57 -1.19 31.80
CA GLY I 56 25.49 -2.07 32.95
C GLY I 56 25.63 -3.53 32.57
N ARG I 57 25.25 -4.42 33.49
CA ARG I 57 25.40 -5.85 33.28
C ARG I 57 24.04 -6.54 33.29
N PRO I 58 23.97 -7.75 32.70
CA PRO I 58 22.68 -8.39 32.48
C PRO I 58 21.91 -8.63 33.78
N SER I 59 20.60 -8.46 33.74
CA SER I 59 19.75 -8.88 34.85
C SER I 59 18.57 -9.71 34.36
N THR I 60 18.12 -10.65 35.18
CA THR I 60 16.94 -11.45 34.85
C THR I 60 15.68 -10.92 35.53
N VAL I 61 15.83 -9.90 36.36
CA VAL I 61 14.72 -9.39 37.17
C VAL I 61 13.64 -8.77 36.30
N HIS I 62 12.42 -9.29 36.42
CA HIS I 62 11.26 -8.79 35.69
C HIS I 62 11.37 -9.00 34.19
N SER I 63 12.21 -9.95 33.76
CA SER I 63 12.46 -10.13 32.34
C SER I 63 11.16 -10.44 31.60
N TRP I 64 10.95 -9.74 30.49
CA TRP I 64 9.74 -9.94 29.69
C TRP I 64 9.86 -11.20 28.84
N PHE I 65 11.08 -11.73 28.73
CA PHE I 65 11.32 -12.93 27.95
C PHE I 65 12.00 -14.00 28.80
N PRO I 66 11.19 -14.82 29.50
CA PRO I 66 11.72 -15.77 30.47
C PRO I 66 12.76 -16.69 29.85
N GLY I 67 13.88 -16.85 30.55
CA GLY I 67 15.03 -17.53 29.99
C GLY I 67 16.12 -16.58 29.54
N TYR I 68 15.76 -15.31 29.36
CA TYR I 68 16.73 -14.29 28.98
C TYR I 68 16.94 -13.27 30.09
N ALA I 69 18.15 -12.71 30.12
CA ALA I 69 18.44 -11.52 30.90
C ALA I 69 18.49 -10.29 29.99
N TRP I 70 18.32 -9.11 30.58
CA TRP I 70 18.32 -7.86 29.81
C TRP I 70 19.46 -6.93 30.20
N THR I 71 19.95 -6.18 29.22
CA THR I 71 20.87 -5.07 29.46
C THR I 71 20.34 -3.83 28.72
N ILE I 72 20.27 -2.70 29.43
CA ILE I 72 19.73 -1.49 28.84
C ILE I 72 20.56 -1.04 27.64
N ALA I 73 19.86 -0.70 26.56
CA ALA I 73 20.50 -0.29 25.32
C ALA I 73 20.04 1.12 24.95
N GLN I 74 20.99 2.03 24.79
CA GLN I 74 20.66 3.39 24.38
C GLN I 74 21.33 3.72 23.06
N CYS I 75 20.75 4.67 22.34
CA CYS I 75 21.37 5.22 21.15
C CYS I 75 22.74 5.82 21.49
N LYS I 76 23.75 5.46 20.70
CA LYS I 76 25.11 5.90 20.98
C LYS I 76 25.28 7.38 20.63
N ILE I 77 24.37 7.90 19.81
CA ILE I 77 24.45 9.30 19.39
C ILE I 77 23.80 10.23 20.43
N CYS I 78 22.57 9.93 20.82
CA CYS I 78 21.77 10.88 21.59
C CYS I 78 21.41 10.34 22.98
N ALA I 79 21.78 9.09 23.24
CA ALA I 79 21.61 8.46 24.55
C ALA I 79 20.15 8.20 24.91
N SER I 80 19.25 8.30 23.93
CA SER I 80 17.86 7.93 24.14
C SER I 80 17.73 6.43 24.36
N HIS I 81 17.04 6.04 25.43
CA HIS I 81 16.88 4.63 25.77
C HIS I 81 15.95 3.95 24.77
N ILE I 82 16.50 3.07 23.95
CA ILE I 82 15.75 2.51 22.83
C ILE I 82 15.14 1.16 23.21
N GLY I 83 15.85 0.40 24.03
CA GLY I 83 15.41 -0.96 24.37
C GLY I 83 16.42 -1.70 25.20
N TRP I 84 16.52 -3.00 24.96
CA TRP I 84 17.41 -3.88 25.72
C TRP I 84 18.03 -4.92 24.79
N LYS I 85 19.27 -5.30 25.11
CA LYS I 85 19.82 -6.56 24.65
C LYS I 85 19.36 -7.70 25.56
N PHE I 86 18.83 -8.76 24.97
CA PHE I 86 18.44 -9.94 25.73
C PHE I 86 19.41 -11.09 25.47
N THR I 87 19.91 -11.69 26.54
CA THR I 87 20.95 -12.71 26.44
C THR I 87 20.53 -13.99 27.16
N ALA I 88 20.65 -15.12 26.47
CA ALA I 88 20.11 -16.39 26.97
C ALA I 88 20.81 -16.80 28.26
N THR I 89 20.06 -17.37 29.19
CA THR I 89 20.65 -17.88 30.43
C THR I 89 21.09 -19.34 30.29
N LYS I 90 20.61 -20.01 29.25
CA LYS I 90 20.95 -21.42 29.01
C LYS I 90 21.46 -21.63 27.59
N LYS I 91 22.38 -22.57 27.42
CA LYS I 91 23.07 -22.73 26.15
C LYS I 91 22.18 -23.39 25.08
N ASP I 92 21.08 -23.99 25.52
CA ASP I 92 20.28 -24.82 24.63
C ASP I 92 19.13 -24.04 23.99
N MET I 93 19.10 -22.74 24.27
CA MET I 93 18.06 -21.86 23.73
C MET I 93 18.49 -21.29 22.39
N SER I 94 17.52 -20.83 21.61
CA SER I 94 17.81 -20.02 20.43
C SER I 94 16.74 -18.95 20.25
N PRO I 95 17.15 -17.75 19.82
CA PRO I 95 18.54 -17.34 19.69
C PRO I 95 19.20 -17.17 21.05
N GLN I 96 20.53 -17.22 21.09
CA GLN I 96 21.26 -16.96 22.33
C GLN I 96 21.24 -15.49 22.71
N LYS I 97 20.98 -14.62 21.74
CA LYS I 97 20.89 -13.19 21.98
C LYS I 97 19.96 -12.54 20.96
N PHE I 98 19.22 -11.52 21.42
CA PHE I 98 18.46 -10.68 20.52
C PHE I 98 18.22 -9.32 21.15
N TRP I 99 17.62 -8.42 20.39
CA TRP I 99 17.27 -7.10 20.92
C TRP I 99 15.75 -6.95 21.02
N GLY I 100 15.31 -6.38 22.14
CA GLY I 100 13.93 -5.98 22.29
C GLY I 100 13.81 -4.47 22.34
N LEU I 101 13.23 -3.90 21.29
CA LEU I 101 13.24 -2.46 21.10
C LEU I 101 11.85 -1.87 21.28
N THR I 102 11.78 -0.74 21.96
CA THR I 102 10.52 -0.03 22.15
C THR I 102 10.08 0.65 20.86
N ARG I 103 8.96 0.21 20.32
CA ARG I 103 8.55 0.61 18.98
C ARG I 103 8.41 2.12 18.88
N SER I 104 8.00 2.74 19.98
CA SER I 104 7.71 4.17 19.97
C SER I 104 9.00 5.00 19.98
N ALA I 105 10.13 4.34 20.19
CA ALA I 105 11.43 5.02 20.17
C ALA I 105 12.05 5.00 18.78
N LEU I 106 11.36 4.37 17.82
CA LEU I 106 11.90 4.22 16.47
C LEU I 106 11.03 4.93 15.43
N LEU I 107 11.65 5.34 14.33
CA LEU I 107 10.94 5.74 13.12
C LEU I 107 11.37 4.88 11.93
N PRO I 108 10.45 4.64 11.00
CA PRO I 108 9.04 5.00 11.15
C PRO I 108 8.34 4.13 12.19
N GLY J 1 -15.25 10.93 -11.15
CA GLY J 1 -13.90 10.40 -10.78
C GLY J 1 -13.99 9.37 -9.68
N PRO J 2 -12.90 8.62 -9.47
CA PRO J 2 -12.78 7.63 -8.39
C PRO J 2 -12.75 8.27 -7.01
N THR J 3 -12.55 9.58 -6.96
CA THR J 3 -12.43 10.29 -5.69
C THR J 3 -13.65 11.14 -5.39
N SER J 4 -14.68 11.03 -6.23
CA SER J 4 -15.91 11.80 -6.03
C SER J 4 -16.71 11.23 -4.86
N LEU J 5 -17.16 12.12 -3.98
CA LEU J 5 -18.15 11.76 -2.97
C LEU J 5 -19.45 12.49 -3.24
N CYS J 6 -20.45 11.77 -3.72
CA CYS J 6 -21.66 12.38 -4.23
C CYS J 6 -22.80 12.30 -3.22
N CYS J 7 -23.78 13.17 -3.37
CA CYS J 7 -25.03 13.08 -2.63
C CYS J 7 -25.68 11.73 -2.85
N LYS J 8 -25.94 11.01 -1.77
CA LYS J 8 -26.48 9.66 -1.86
C LYS J 8 -27.93 9.69 -2.36
N GLN J 9 -28.63 10.78 -2.05
CA GLN J 9 -30.04 10.90 -2.44
C GLN J 9 -30.20 11.10 -3.95
N CYS J 10 -29.56 12.11 -4.51
CA CYS J 10 -29.72 12.39 -5.94
C CYS J 10 -28.61 11.82 -6.80
N GLN J 11 -27.58 11.26 -6.16
CA GLN J 11 -26.64 10.34 -6.80
C GLN J 11 -25.64 11.03 -7.73
N GLU J 12 -26.10 12.04 -8.47
CA GLU J 12 -25.30 12.61 -9.55
C GLU J 12 -24.47 13.81 -9.09
N THR J 13 -24.88 14.39 -7.96
CA THR J 13 -24.32 15.67 -7.52
C THR J 13 -23.10 15.44 -6.64
N GLU J 14 -21.93 15.91 -7.09
CA GLU J 14 -20.70 15.79 -6.30
C GLU J 14 -20.68 16.83 -5.19
N ILE J 15 -20.41 16.38 -3.96
CA ILE J 15 -20.39 17.26 -2.81
C ILE J 15 -18.97 17.57 -2.35
N THR J 16 -18.10 16.57 -2.39
CA THR J 16 -16.68 16.77 -2.11
C THR J 16 -15.87 15.66 -2.76
N THR J 17 -14.55 15.74 -2.61
CA THR J 17 -13.68 14.67 -3.11
C THR J 17 -12.82 14.12 -1.97
N LYS J 18 -12.28 12.92 -2.17
CA LYS J 18 -11.41 12.32 -1.17
C LYS J 18 -10.17 13.18 -0.94
N ASN J 19 -9.79 13.96 -1.94
CA ASN J 19 -8.61 14.80 -1.85
C ASN J 19 -8.75 15.89 -0.80
N GLU J 20 -9.98 16.25 -0.44
CA GLU J 20 -10.22 17.38 0.45
C GLU J 20 -10.28 16.95 1.93
N ILE J 21 -10.25 15.63 2.17
CA ILE J 21 -10.36 15.11 3.51
C ILE J 21 -9.15 15.50 4.36
N PHE J 22 -9.42 15.93 5.59
CA PHE J 22 -8.36 16.12 6.58
C PHE J 22 -8.84 15.73 7.97
N SER J 23 -7.93 15.89 8.94
CA SER J 23 -8.12 15.36 10.28
C SER J 23 -8.06 16.50 11.29
N LEU J 24 -9.21 16.91 11.80
CA LEU J 24 -9.26 18.00 12.78
C LEU J 24 -8.80 17.50 14.15
N SER J 25 -8.21 18.42 14.93
CA SER J 25 -7.72 18.10 16.27
C SER J 25 -6.89 16.83 16.26
N HIS J 41 -14.80 8.43 11.32
CA HIS J 41 -16.00 7.73 11.75
C HIS J 41 -17.24 8.32 11.09
N GLU J 42 -18.14 8.87 11.89
CA GLU J 42 -19.48 9.22 11.42
C GLU J 42 -19.44 10.47 10.53
N THR J 43 -18.52 11.37 10.85
CA THR J 43 -18.52 12.71 10.26
C THR J 43 -17.19 12.99 9.56
N LEU J 44 -17.27 13.19 8.25
CA LEU J 44 -16.10 13.47 7.43
C LEU J 44 -15.83 14.97 7.46
N THR J 45 -14.57 15.36 7.69
CA THR J 45 -14.21 16.77 7.62
C THR J 45 -13.33 17.06 6.41
N VAL J 46 -13.81 17.97 5.56
CA VAL J 46 -13.11 18.32 4.32
C VAL J 46 -12.92 19.82 4.22
N TYR J 47 -11.81 20.23 3.62
CA TYR J 47 -11.49 21.65 3.47
C TYR J 47 -12.48 22.34 2.54
N LYS J 48 -12.95 21.61 1.53
CA LYS J 48 -13.70 22.20 0.44
C LYS J 48 -14.88 21.30 0.08
N ALA J 49 -15.96 21.93 -0.38
CA ALA J 49 -17.14 21.20 -0.83
C ALA J 49 -17.87 22.01 -1.89
N SER J 50 -18.75 21.35 -2.63
CA SER J 50 -19.43 21.98 -3.76
C SER J 50 -20.92 21.63 -3.73
N ASN J 51 -21.72 22.48 -4.35
CA ASN J 51 -23.11 22.14 -4.67
C ASN J 51 -23.97 22.04 -3.42
N LEU J 52 -23.56 22.77 -2.37
CA LEU J 52 -24.34 22.87 -1.14
C LEU J 52 -24.94 24.26 -0.99
N ASN J 53 -26.16 24.31 -0.46
CA ASN J 53 -26.79 25.55 -0.04
C ASN J 53 -26.75 25.68 1.47
N LEU J 54 -26.41 26.87 1.96
CA LEU J 54 -26.42 27.13 3.40
C LEU J 54 -27.79 27.59 3.87
N ILE J 55 -28.21 27.07 5.02
CA ILE J 55 -29.50 27.42 5.61
C ILE J 55 -29.27 28.07 6.97
N GLY J 56 -29.76 29.29 7.14
CA GLY J 56 -29.73 29.95 8.44
C GLY J 56 -28.42 30.65 8.72
N ARG J 57 -28.22 31.05 9.98
CA ARG J 57 -26.98 31.70 10.40
C ARG J 57 -26.18 30.76 11.31
N PRO J 58 -24.88 31.04 11.49
CA PRO J 58 -24.05 30.14 12.27
C PRO J 58 -24.45 30.11 13.74
N SER J 59 -24.39 28.93 14.36
CA SER J 59 -24.63 28.79 15.79
C SER J 59 -23.54 27.93 16.44
N THR J 60 -23.23 28.20 17.71
CA THR J 60 -22.26 27.39 18.43
C THR J 60 -22.93 26.40 19.37
N VAL J 61 -24.25 26.38 19.39
CA VAL J 61 -24.99 25.47 20.27
C VAL J 61 -24.69 24.01 19.94
N HIS J 62 -24.12 23.31 20.91
CA HIS J 62 -23.85 21.88 20.78
C HIS J 62 -22.72 21.57 19.80
N SER J 63 -21.91 22.58 19.47
CA SER J 63 -20.93 22.40 18.41
C SER J 63 -20.00 21.24 18.72
N TRP J 64 -19.84 20.34 17.75
CA TRP J 64 -19.00 19.16 17.91
C TRP J 64 -17.52 19.55 17.85
N PHE J 65 -17.25 20.71 17.29
CA PHE J 65 -15.87 21.15 17.11
C PHE J 65 -15.62 22.48 17.85
N PRO J 66 -15.17 22.38 19.10
CA PRO J 66 -15.10 23.55 19.97
C PRO J 66 -14.32 24.69 19.31
N GLY J 67 -14.91 25.88 19.32
CA GLY J 67 -14.30 27.04 18.70
C GLY J 67 -14.82 27.30 17.31
N TYR J 68 -15.66 26.39 16.81
CA TYR J 68 -16.38 26.61 15.55
C TYR J 68 -17.87 26.73 15.77
N ALA J 69 -18.52 27.51 14.91
CA ALA J 69 -19.97 27.50 14.76
C ALA J 69 -20.36 26.65 13.55
N TRP J 70 -21.62 26.22 13.51
CA TRP J 70 -22.12 25.40 12.40
C TRP J 70 -23.28 26.08 11.68
N THR J 71 -23.30 25.91 10.36
CA THR J 71 -24.45 26.30 9.54
C THR J 71 -24.91 25.10 8.72
N ILE J 72 -26.20 24.82 8.76
CA ILE J 72 -26.75 23.66 8.05
C ILE J 72 -26.44 23.76 6.55
N ALA J 73 -25.98 22.66 5.99
CA ALA J 73 -25.64 22.61 4.56
C ALA J 73 -26.40 21.48 3.86
N GLN J 74 -27.17 21.85 2.85
CA GLN J 74 -27.98 20.87 2.13
C GLN J 74 -27.68 20.88 0.63
N CYS J 75 -27.85 19.72 0.01
CA CYS J 75 -27.60 19.57 -1.41
C CYS J 75 -28.43 20.56 -2.21
N LYS J 76 -27.81 21.23 -3.18
CA LYS J 76 -28.47 22.29 -3.91
C LYS J 76 -29.44 21.73 -4.96
N ILE J 77 -29.38 20.41 -5.17
CA ILE J 77 -30.21 19.76 -6.19
C ILE J 77 -31.45 19.11 -5.58
N CYS J 78 -31.28 18.45 -4.44
CA CYS J 78 -32.38 17.67 -3.84
C CYS J 78 -32.65 18.04 -2.39
N ALA J 79 -31.88 18.99 -1.86
CA ALA J 79 -32.07 19.50 -0.50
C ALA J 79 -31.88 18.43 0.59
N SER J 80 -31.19 17.34 0.25
CA SER J 80 -30.72 16.41 1.27
C SER J 80 -29.79 17.10 2.27
N HIS J 81 -30.01 16.86 3.55
CA HIS J 81 -29.17 17.46 4.59
C HIS J 81 -27.86 16.68 4.73
N ILE J 82 -26.80 17.18 4.12
CA ILE J 82 -25.57 16.42 4.00
C ILE J 82 -24.68 16.63 5.21
N GLY J 83 -24.65 17.86 5.72
CA GLY J 83 -23.94 18.16 6.96
C GLY J 83 -23.98 19.63 7.31
N TRP J 84 -22.82 20.19 7.64
CA TRP J 84 -22.71 21.58 8.11
C TRP J 84 -21.44 22.23 7.60
N LYS J 85 -21.50 23.54 7.39
CA LYS J 85 -20.29 24.38 7.32
C LYS J 85 -19.90 24.81 8.73
N PHE J 86 -18.64 24.56 9.09
CA PHE J 86 -18.11 25.01 10.37
C PHE J 86 -17.19 26.21 10.17
N THR J 87 -17.47 27.29 10.90
CA THR J 87 -16.70 28.51 10.77
C THR J 87 -16.08 28.92 12.10
N ALA J 88 -14.82 29.32 12.05
CA ALA J 88 -14.06 29.62 13.26
C ALA J 88 -14.62 30.86 13.94
N THR J 89 -14.70 30.83 15.27
CA THR J 89 -15.11 32.00 16.03
C THR J 89 -13.94 32.94 16.34
N LYS J 90 -12.72 32.45 16.10
CA LYS J 90 -11.53 33.24 16.37
C LYS J 90 -10.61 33.27 15.15
N LYS J 91 -9.89 34.38 14.99
CA LYS J 91 -9.11 34.63 13.78
C LYS J 91 -7.82 33.82 13.78
N ASP J 92 -7.40 33.34 14.94
CA ASP J 92 -6.10 32.69 15.07
C ASP J 92 -6.18 31.18 14.85
N MET J 93 -7.36 30.72 14.41
CA MET J 93 -7.58 29.29 14.19
C MET J 93 -7.32 28.89 12.73
N SER J 94 -7.01 27.61 12.53
CA SER J 94 -7.00 27.05 11.19
C SER J 94 -7.55 25.63 11.17
N PRO J 95 -8.25 25.27 10.10
CA PRO J 95 -8.71 26.21 9.09
C PRO J 95 -9.79 27.15 9.65
N GLN J 96 -10.00 28.28 9.00
CA GLN J 96 -11.03 29.23 9.41
C GLN J 96 -12.42 28.67 9.13
N LYS J 97 -12.49 27.75 8.17
CA LYS J 97 -13.75 27.19 7.71
C LYS J 97 -13.49 25.77 7.24
N PHE J 98 -14.41 24.85 7.54
CA PHE J 98 -14.40 23.54 6.91
C PHE J 98 -15.82 22.96 6.87
N TRP J 99 -15.96 21.81 6.22
CA TRP J 99 -17.26 21.15 6.11
C TRP J 99 -17.24 19.85 6.89
N GLY J 100 -18.22 19.70 7.78
CA GLY J 100 -18.45 18.42 8.44
C GLY J 100 -19.64 17.69 7.86
N LEU J 101 -19.35 16.59 7.16
CA LEU J 101 -20.36 15.91 6.35
C LEU J 101 -20.70 14.56 6.95
N THR J 102 -21.99 14.23 6.95
CA THR J 102 -22.44 12.94 7.43
C THR J 102 -22.16 11.85 6.40
N ARG J 103 -21.27 10.93 6.76
CA ARG J 103 -20.67 10.04 5.77
C ARG J 103 -21.76 9.19 5.12
N SER J 104 -22.82 8.91 5.87
CA SER J 104 -23.88 8.04 5.39
C SER J 104 -24.79 8.77 4.40
N ALA J 105 -24.57 10.07 4.25
CA ALA J 105 -25.33 10.87 3.28
C ALA J 105 -24.59 11.02 1.96
N LEU J 106 -23.45 10.33 1.85
CA LEU J 106 -22.61 10.43 0.66
C LEU J 106 -22.44 9.06 0.02
N LEU J 107 -22.28 9.05 -1.31
CA LEU J 107 -21.73 7.91 -2.03
C LEU J 107 -20.24 8.10 -2.26
N PRO J 108 -19.48 7.00 -2.35
CA PRO J 108 -19.92 5.65 -2.05
C PRO J 108 -20.12 5.41 -0.56
N GLY K 1 -3.95 8.93 8.24
CA GLY K 1 -3.91 8.28 6.89
C GLY K 1 -2.58 8.46 6.21
N PRO K 2 -2.39 7.79 5.06
CA PRO K 2 -1.11 7.78 4.35
C PRO K 2 -0.80 9.13 3.69
N THR K 3 -1.80 9.96 3.50
CA THR K 3 -1.59 11.29 2.94
C THR K 3 -1.24 12.31 4.01
N SER K 4 -1.29 11.88 5.26
CA SER K 4 -1.26 12.82 6.39
C SER K 4 0.16 13.27 6.69
N LEU K 5 0.33 14.58 6.82
CA LEU K 5 1.59 15.15 7.29
C LEU K 5 1.43 15.72 8.70
N CYS K 6 2.16 15.15 9.65
CA CYS K 6 1.89 15.39 11.06
C CYS K 6 3.00 16.21 11.71
N CYS K 7 2.66 16.90 12.79
CA CYS K 7 3.64 17.60 13.59
C CYS K 7 4.65 16.61 14.20
N LYS K 8 5.92 16.87 13.95
CA LYS K 8 6.99 15.95 14.35
C LYS K 8 7.05 15.80 15.86
N GLN K 9 6.71 16.86 16.58
CA GLN K 9 6.92 16.91 18.03
C GLN K 9 5.86 16.12 18.80
N CYS K 10 4.58 16.37 18.51
CA CYS K 10 3.51 15.63 19.19
C CYS K 10 2.97 14.47 18.36
N GLN K 11 3.45 14.34 17.13
CA GLN K 11 3.37 13.08 16.38
C GLN K 11 1.97 12.80 15.83
N GLU K 12 0.93 13.17 16.58
CA GLU K 12 -0.41 12.70 16.26
C GLU K 12 -1.26 13.78 15.59
N THR K 13 -0.77 15.02 15.60
CA THR K 13 -1.56 16.14 15.11
C THR K 13 -1.30 16.39 13.63
N GLU K 14 -2.33 16.20 12.81
CA GLU K 14 -2.20 16.42 11.37
C GLU K 14 -2.14 17.91 11.07
N ILE K 15 -1.13 18.32 10.31
CA ILE K 15 -0.99 19.73 9.97
C ILE K 15 -1.45 20.01 8.54
N THR K 16 -1.17 19.09 7.64
CA THR K 16 -1.67 19.18 6.27
C THR K 16 -1.63 17.79 5.64
N THR K 17 -2.06 17.71 4.39
CA THR K 17 -2.00 16.43 3.68
C THR K 17 -1.23 16.59 2.38
N LYS K 18 -0.79 15.47 1.82
CA LYS K 18 -0.10 15.47 0.54
C LYS K 18 -0.97 16.05 -0.56
N ASN K 19 -2.28 15.94 -0.39
CA ASN K 19 -3.23 16.44 -1.38
C ASN K 19 -3.20 17.97 -1.51
N GLU K 20 -2.66 18.65 -0.50
CA GLU K 20 -2.72 20.10 -0.47
C GLU K 20 -1.45 20.75 -1.01
N ILE K 21 -0.44 19.93 -1.31
CA ILE K 21 0.86 20.43 -1.75
C ILE K 21 0.74 21.02 -3.16
N PHE K 22 1.25 22.23 -3.31
CA PHE K 22 1.37 22.86 -4.63
C PHE K 22 2.72 23.55 -4.76
N SER K 23 3.06 23.95 -5.97
CA SER K 23 4.34 24.62 -6.23
C SER K 23 4.14 26.10 -6.56
N LEU K 24 4.55 26.97 -5.65
CA LEU K 24 4.36 28.40 -5.81
C LEU K 24 5.38 28.99 -6.79
N SER K 25 6.66 28.89 -6.46
CA SER K 25 7.71 29.45 -7.31
C SER K 25 8.25 28.38 -8.26
N LEU K 26 9.09 28.81 -9.19
CA LEU K 26 9.68 27.91 -10.17
C LEU K 26 8.69 27.55 -11.27
N HIS K 41 12.74 22.53 -1.52
CA HIS K 41 13.61 21.84 -0.58
C HIS K 41 13.16 22.08 0.85
N GLU K 42 13.39 23.28 1.36
CA GLU K 42 13.26 23.53 2.79
C GLU K 42 11.80 23.63 3.19
N THR K 43 11.02 24.29 2.33
CA THR K 43 9.70 24.78 2.72
C THR K 43 8.64 24.19 1.80
N LEU K 44 7.69 23.49 2.43
CA LEU K 44 6.56 22.90 1.73
C LEU K 44 5.43 23.93 1.65
N THR K 45 4.91 24.19 0.46
CA THR K 45 3.78 25.09 0.32
C THR K 45 2.48 24.34 0.04
N VAL K 46 1.48 24.57 0.88
CA VAL K 46 0.19 23.91 0.76
C VAL K 46 -0.96 24.93 0.75
N TYR K 47 -2.06 24.57 0.11
CA TYR K 47 -3.20 25.48 -0.01
C TYR K 47 -3.93 25.57 1.32
N LYS K 48 -3.92 24.48 2.07
CA LYS K 48 -4.72 24.35 3.27
C LYS K 48 -3.91 23.64 4.33
N ALA K 49 -4.15 24.02 5.59
CA ALA K 49 -3.56 23.33 6.73
C ALA K 49 -4.50 23.39 7.92
N SER K 50 -4.23 22.57 8.93
CA SER K 50 -5.14 22.40 10.05
C SER K 50 -4.37 22.41 11.37
N ASN K 51 -5.07 22.74 12.45
CA ASN K 51 -4.57 22.51 13.79
C ASN K 51 -3.33 23.37 14.05
N LEU K 52 -3.24 24.49 13.32
CA LEU K 52 -2.25 25.51 13.60
C LEU K 52 -2.88 26.70 14.30
N ASN K 53 -2.09 27.33 15.16
CA ASN K 53 -2.52 28.52 15.86
C ASN K 53 -1.66 29.71 15.43
N LEU K 54 -2.30 30.79 14.99
CA LEU K 54 -1.58 31.95 14.46
C LEU K 54 -1.11 32.86 15.59
N ILE K 55 0.12 33.32 15.49
CA ILE K 55 0.68 34.28 16.45
C ILE K 55 0.94 35.61 15.76
N GLY K 56 0.32 36.68 16.26
CA GLY K 56 0.67 38.03 15.84
C GLY K 56 -0.07 38.45 14.59
N ARG K 57 0.41 39.53 13.97
CA ARG K 57 -0.20 40.05 12.74
C ARG K 57 0.75 39.91 11.57
N PRO K 58 0.22 40.03 10.34
CA PRO K 58 1.05 39.78 9.17
C PRO K 58 2.20 40.76 9.05
N SER K 59 3.36 40.28 8.58
CA SER K 59 4.47 41.16 8.22
C SER K 59 5.01 40.80 6.84
N THR K 60 5.51 41.81 6.13
CA THR K 60 6.14 41.57 4.84
C THR K 60 7.67 41.55 4.94
N VAL K 61 8.18 41.84 6.13
CA VAL K 61 9.63 41.97 6.32
C VAL K 61 10.34 40.64 6.07
N HIS K 62 11.28 40.66 5.13
CA HIS K 62 12.07 39.48 4.80
C HIS K 62 11.26 38.34 4.18
N SER K 63 10.10 38.66 3.62
CA SER K 63 9.20 37.61 3.14
C SER K 63 9.88 36.76 2.08
N TRP K 64 9.77 35.45 2.22
CA TRP K 64 10.39 34.52 1.28
C TRP K 64 9.56 34.40 0.01
N PHE K 65 8.33 34.93 0.05
CA PHE K 65 7.46 34.92 -1.11
C PHE K 65 6.95 36.32 -1.43
N PRO K 66 7.72 37.07 -2.23
CA PRO K 66 7.44 38.48 -2.48
C PRO K 66 6.02 38.70 -3.00
N GLY K 67 5.32 39.63 -2.38
CA GLY K 67 3.91 39.84 -2.64
C GLY K 67 3.03 39.28 -1.55
N TYR K 68 3.61 38.48 -0.67
CA TYR K 68 2.89 37.94 0.47
C TYR K 68 3.48 38.44 1.79
N ALA K 69 2.62 38.54 2.80
CA ALA K 69 3.05 38.74 4.17
C ALA K 69 2.96 37.42 4.94
N TRP K 70 3.72 37.31 6.03
CA TRP K 70 3.73 36.08 6.84
C TRP K 70 3.18 36.29 8.24
N THR K 71 2.56 35.25 8.79
CA THR K 71 2.20 35.19 10.20
C THR K 71 2.67 33.85 10.76
N ILE K 72 3.34 33.89 11.92
CA ILE K 72 3.88 32.67 12.52
C ILE K 72 2.76 31.69 12.85
N ALA K 73 2.97 30.42 12.50
CA ALA K 73 1.99 29.38 12.72
C ALA K 73 2.60 28.25 13.55
N GLN K 74 1.98 27.95 14.68
CA GLN K 74 2.47 26.92 15.57
C GLN K 74 1.41 25.83 15.74
N CYS K 75 1.86 24.62 16.02
CA CYS K 75 0.95 23.53 16.38
C CYS K 75 0.12 23.91 17.59
N LYS K 76 -1.20 23.72 17.49
CA LYS K 76 -2.11 24.13 18.56
C LYS K 76 -2.00 23.19 19.76
N ILE K 77 -1.46 22.00 19.53
CA ILE K 77 -1.29 21.01 20.60
C ILE K 77 -0.03 21.30 21.41
N CYS K 78 1.12 21.41 20.74
CA CYS K 78 2.40 21.41 21.43
C CYS K 78 3.16 22.73 21.27
N ALA K 79 2.63 23.61 20.42
CA ALA K 79 3.19 24.94 20.24
C ALA K 79 4.51 24.95 19.48
N SER K 80 4.86 23.82 18.88
CA SER K 80 6.02 23.76 17.99
C SER K 80 5.79 24.64 16.76
N HIS K 81 6.73 25.53 16.49
CA HIS K 81 6.63 26.42 15.34
C HIS K 81 6.81 25.65 14.04
N ILE K 82 5.73 25.50 13.29
CA ILE K 82 5.72 24.62 12.12
C ILE K 82 6.04 25.42 10.86
N GLY K 83 5.58 26.66 10.80
CA GLY K 83 5.76 27.47 9.60
C GLY K 83 5.03 28.79 9.69
N TRP K 84 4.49 29.22 8.56
CA TRP K 84 3.81 30.50 8.47
C TRP K 84 2.57 30.39 7.59
N LYS K 85 1.58 31.21 7.90
CA LYS K 85 0.55 31.57 6.93
C LYS K 85 0.99 32.74 6.08
N PHE K 86 0.93 32.59 4.77
CA PHE K 86 1.25 33.67 3.84
C PHE K 86 -0.03 34.24 3.23
N THR K 87 -0.17 35.57 3.30
CA THR K 87 -1.38 36.24 2.85
C THR K 87 -1.06 37.33 1.83
N ALA K 88 -1.80 37.32 0.73
CA ALA K 88 -1.47 38.18 -0.41
C ALA K 88 -1.61 39.65 -0.02
N THR K 89 -0.71 40.48 -0.52
CA THR K 89 -0.83 41.92 -0.27
C THR K 89 -1.67 42.62 -1.34
N LYS K 90 -1.88 41.93 -2.47
CA LYS K 90 -2.66 42.49 -3.57
C LYS K 90 -3.78 41.54 -3.98
N LYS K 91 -4.90 42.10 -4.43
CA LYS K 91 -6.10 41.29 -4.67
C LYS K 91 -6.03 40.50 -5.97
N ASP K 92 -5.07 40.83 -6.83
CA ASP K 92 -5.00 40.24 -8.16
C ASP K 92 -4.07 39.02 -8.21
N MET K 93 -3.61 38.60 -7.03
CA MET K 93 -2.72 37.45 -6.93
C MET K 93 -3.51 36.17 -6.68
N SER K 94 -2.89 35.03 -6.98
CA SER K 94 -3.41 33.74 -6.56
C SER K 94 -2.28 32.79 -6.21
N PRO K 95 -2.45 32.01 -5.14
CA PRO K 95 -3.60 32.09 -4.25
C PRO K 95 -3.52 33.33 -3.37
N GLN K 96 -4.66 33.75 -2.80
CA GLN K 96 -4.66 34.88 -1.88
C GLN K 96 -4.06 34.51 -0.52
N LYS K 97 -3.98 33.21 -0.25
CA LYS K 97 -3.39 32.73 1.00
C LYS K 97 -2.92 31.30 0.84
N PHE K 98 -1.80 31.00 1.47
CA PHE K 98 -1.29 29.63 1.55
C PHE K 98 -0.41 29.47 2.79
N TRP K 99 0.00 28.24 3.05
CA TRP K 99 0.89 27.97 4.16
C TRP K 99 2.27 27.56 3.67
N GLY K 100 3.29 28.11 4.31
CA GLY K 100 4.66 27.66 4.07
C GLY K 100 5.21 26.98 5.29
N LEU K 101 5.41 25.66 5.17
CA LEU K 101 5.71 24.84 6.32
C LEU K 101 7.14 24.31 6.24
N THR K 102 7.83 24.35 7.38
CA THR K 102 9.17 23.80 7.47
C THR K 102 9.15 22.28 7.43
N ARG K 103 9.74 21.72 6.38
CA ARG K 103 9.61 20.30 6.08
C ARG K 103 10.10 19.45 7.26
N SER K 104 11.12 19.95 7.95
CA SER K 104 11.75 19.19 9.03
C SER K 104 10.89 19.19 10.30
N ALA K 105 9.84 20.00 10.31
CA ALA K 105 8.95 20.03 11.47
C ALA K 105 7.76 19.07 11.31
N LEU K 106 7.75 18.34 10.20
CA LEU K 106 6.66 17.42 9.89
C LEU K 106 7.15 15.98 9.76
N LEU K 107 6.25 15.03 10.01
CA LEU K 107 6.44 13.64 9.63
C LEU K 107 5.30 13.20 8.71
N PRO K 108 5.60 12.28 7.77
CA PRO K 108 6.93 11.75 7.52
C PRO K 108 7.82 12.76 6.80
N GLY L 1 4.38 17.21 -8.27
CA GLY L 1 5.23 16.52 -9.28
C GLY L 1 4.41 15.89 -10.38
N PRO L 2 3.84 14.70 -10.11
CA PRO L 2 3.02 13.98 -11.08
C PRO L 2 1.64 14.61 -11.24
N THR L 3 1.15 15.20 -10.16
CA THR L 3 -0.20 15.75 -10.12
C THR L 3 -0.20 17.20 -10.61
N SER L 4 0.97 17.65 -11.07
CA SER L 4 1.19 19.05 -11.38
C SER L 4 0.57 19.41 -12.72
N LEU L 5 -0.24 20.46 -12.75
CA LEU L 5 -0.74 20.98 -14.02
C LEU L 5 -0.15 22.35 -14.33
N CYS L 6 0.76 22.39 -15.29
CA CYS L 6 1.56 23.59 -15.53
C CYS L 6 1.07 24.33 -16.76
N CYS L 7 1.36 25.63 -16.81
CA CYS L 7 1.15 26.41 -18.00
C CYS L 7 1.93 25.83 -19.17
N LYS L 8 1.20 25.49 -20.23
CA LYS L 8 1.78 24.78 -21.37
C LYS L 8 2.83 25.65 -22.07
N GLN L 9 2.63 26.96 -22.04
CA GLN L 9 3.49 27.89 -22.77
C GLN L 9 4.88 27.99 -22.13
N CYS L 10 4.92 28.44 -20.88
CA CYS L 10 6.20 28.62 -20.19
C CYS L 10 6.67 27.37 -19.43
N GLN L 11 5.81 26.37 -19.37
CA GLN L 11 6.20 25.00 -18.99
C GLN L 11 6.51 24.85 -17.51
N GLU L 12 7.09 25.88 -16.89
CA GLU L 12 7.65 25.74 -15.55
C GLU L 12 6.63 26.10 -14.48
N THR L 13 5.65 26.92 -14.84
CA THR L 13 4.81 27.57 -13.85
C THR L 13 3.60 26.70 -13.53
N GLU L 14 3.52 26.22 -12.30
CA GLU L 14 2.38 25.39 -11.92
C GLU L 14 1.14 26.25 -11.69
N ILE L 15 0.03 25.84 -12.30
CA ILE L 15 -1.22 26.59 -12.16
C ILE L 15 -2.17 25.93 -11.18
N THR L 16 -2.28 24.61 -11.24
CA THR L 16 -3.08 23.87 -10.27
C THR L 16 -2.56 22.44 -10.17
N THR L 17 -3.22 21.61 -9.36
CA THR L 17 -2.89 20.19 -9.29
C THR L 17 -4.12 19.33 -9.51
N LYS L 18 -3.91 18.07 -9.86
CA LYS L 18 -5.02 17.15 -10.07
C LYS L 18 -5.84 16.97 -8.80
N ASN L 19 -5.22 17.25 -7.66
CA ASN L 19 -5.90 17.09 -6.37
C ASN L 19 -7.02 18.11 -6.17
N GLU L 20 -6.96 19.21 -6.91
CA GLU L 20 -7.90 20.31 -6.71
C GLU L 20 -9.12 20.21 -7.62
N ILE L 21 -9.16 19.19 -8.47
CA ILE L 21 -10.24 19.04 -9.44
C ILE L 21 -11.53 18.63 -8.76
N PHE L 22 -12.64 19.26 -9.14
CA PHE L 22 -13.96 18.88 -8.65
C PHE L 22 -15.03 19.08 -9.73
N SER L 23 -16.22 18.54 -9.48
CA SER L 23 -17.31 18.63 -10.44
C SER L 23 -18.40 19.57 -9.95
N LEU L 24 -18.86 20.43 -10.85
CA LEU L 24 -19.92 21.38 -10.51
C LEU L 24 -21.22 21.02 -11.25
N SER L 25 -22.31 21.00 -10.50
CA SER L 25 -23.64 20.73 -11.06
C SER L 25 -23.76 19.27 -11.48
N HIS L 41 -14.10 17.03 -21.49
CA HIS L 41 -14.69 18.36 -21.43
C HIS L 41 -13.61 19.44 -21.38
N GLU L 42 -13.90 20.59 -21.96
CA GLU L 42 -12.87 21.53 -22.39
C GLU L 42 -12.31 22.31 -21.19
N THR L 43 -13.12 22.42 -20.14
CA THR L 43 -12.84 23.34 -19.05
C THR L 43 -12.78 22.60 -17.73
N LEU L 44 -11.61 22.66 -17.09
CA LEU L 44 -11.36 21.97 -15.84
C LEU L 44 -11.72 22.91 -14.68
N THR L 45 -12.52 22.44 -13.74
CA THR L 45 -12.86 23.26 -12.57
C THR L 45 -12.12 22.76 -11.33
N VAL L 46 -11.35 23.66 -10.71
CA VAL L 46 -10.56 23.33 -9.53
C VAL L 46 -10.87 24.30 -8.38
N TYR L 47 -10.65 23.83 -7.17
CA TYR L 47 -10.93 24.62 -5.97
C TYR L 47 -9.88 25.71 -5.80
N LYS L 48 -8.64 25.39 -6.17
CA LYS L 48 -7.49 26.24 -5.87
C LYS L 48 -6.58 26.31 -7.09
N ALA L 49 -5.94 27.44 -7.28
CA ALA L 49 -4.94 27.60 -8.32
C ALA L 49 -3.86 28.58 -7.90
N SER L 50 -2.77 28.61 -8.63
CA SER L 50 -1.62 29.41 -8.24
C SER L 50 -1.04 30.13 -9.45
N ASN L 51 -0.31 31.21 -9.20
CA ASN L 51 0.56 31.82 -10.20
C ASN L 51 -0.25 32.40 -11.36
N LEU L 52 -1.49 32.77 -11.07
CA LEU L 52 -2.34 33.47 -12.03
C LEU L 52 -2.51 34.93 -11.61
N ASN L 53 -2.49 35.82 -12.58
CA ASN L 53 -2.90 37.21 -12.36
C ASN L 53 -4.33 37.43 -12.85
N LEU L 54 -5.10 38.19 -12.07
CA LEU L 54 -6.47 38.51 -12.43
C LEU L 54 -6.51 39.81 -13.22
N ILE L 55 -7.22 39.79 -14.34
CA ILE L 55 -7.38 40.97 -15.19
C ILE L 55 -8.81 41.50 -15.09
N GLY L 56 -8.95 42.76 -14.71
CA GLY L 56 -10.24 43.43 -14.76
C GLY L 56 -11.12 43.08 -13.58
N ARG L 57 -12.43 43.25 -13.75
CA ARG L 57 -13.38 43.07 -12.65
C ARG L 57 -14.37 41.97 -13.01
N PRO L 58 -15.03 41.39 -11.99
CA PRO L 58 -15.96 40.29 -12.21
C PRO L 58 -17.13 40.68 -13.11
N SER L 59 -17.59 39.74 -13.93
CA SER L 59 -18.76 39.97 -14.78
C SER L 59 -19.61 38.71 -14.86
N THR L 60 -20.93 38.88 -14.91
CA THR L 60 -21.83 37.74 -15.05
C THR L 60 -22.24 37.51 -16.50
N VAL L 61 -21.79 38.39 -17.40
CA VAL L 61 -22.19 38.32 -18.80
C VAL L 61 -21.76 36.98 -19.42
N HIS L 62 -22.73 36.25 -19.94
CA HIS L 62 -22.48 34.97 -20.60
C HIS L 62 -21.84 33.93 -19.67
N SER L 63 -22.00 34.08 -18.36
CA SER L 63 -21.34 33.16 -17.43
C SER L 63 -21.76 31.71 -17.69
N TRP L 64 -20.76 30.84 -17.80
CA TRP L 64 -21.02 29.43 -18.06
C TRP L 64 -21.58 28.74 -16.83
N PHE L 65 -21.41 29.39 -15.68
CA PHE L 65 -21.84 28.82 -14.41
C PHE L 65 -22.80 29.76 -13.69
N PRO L 66 -24.10 29.65 -13.98
CA PRO L 66 -25.09 30.57 -13.44
C PRO L 66 -24.99 30.69 -11.92
N GLY L 67 -24.93 31.93 -11.44
CA GLY L 67 -24.73 32.18 -10.02
C GLY L 67 -23.30 32.61 -9.74
N TYR L 68 -22.43 32.46 -10.73
CA TYR L 68 -21.05 32.92 -10.62
C TYR L 68 -20.72 33.98 -11.66
N ALA L 69 -19.89 34.94 -11.27
CA ALA L 69 -19.27 35.88 -12.19
C ALA L 69 -17.84 35.43 -12.51
N TRP L 70 -17.32 35.90 -13.65
CA TRP L 70 -15.98 35.50 -14.08
C TRP L 70 -15.01 36.68 -14.13
N THR L 71 -13.75 36.38 -13.83
CA THR L 71 -12.65 37.31 -14.03
C THR L 71 -11.52 36.60 -14.78
N ILE L 72 -11.02 37.23 -15.84
CA ILE L 72 -9.97 36.64 -16.65
C ILE L 72 -8.73 36.35 -15.80
N ALA L 73 -8.13 35.19 -16.02
CA ALA L 73 -6.94 34.78 -15.28
C ALA L 73 -5.84 34.34 -16.22
N GLN L 74 -4.67 35.00 -16.12
CA GLN L 74 -3.55 34.69 -16.99
C GLN L 74 -2.31 34.33 -16.18
N CYS L 75 -1.42 33.57 -16.81
CA CYS L 75 -0.18 33.16 -16.17
C CYS L 75 0.67 34.37 -15.80
N LYS L 76 1.21 34.35 -14.58
CA LYS L 76 1.96 35.50 -14.07
C LYS L 76 3.32 35.63 -14.76
N ILE L 77 3.77 34.54 -15.37
CA ILE L 77 5.08 34.51 -16.02
C ILE L 77 5.00 34.95 -17.47
N CYS L 78 4.12 34.31 -18.25
CA CYS L 78 4.12 34.48 -19.70
C CYS L 78 2.87 35.19 -20.21
N ALA L 79 1.94 35.47 -19.30
CA ALA L 79 0.72 36.21 -19.62
C ALA L 79 -0.25 35.44 -20.51
N SER L 80 -0.01 34.15 -20.68
CA SER L 80 -0.98 33.30 -21.39
C SER L 80 -2.30 33.25 -20.64
N HIS L 81 -3.41 33.40 -21.36
CA HIS L 81 -4.73 33.31 -20.76
C HIS L 81 -5.09 31.84 -20.47
N ILE L 82 -5.17 31.49 -19.19
CA ILE L 82 -5.35 30.09 -18.82
C ILE L 82 -6.81 29.76 -18.55
N GLY L 83 -7.55 30.76 -18.09
CA GLY L 83 -8.96 30.57 -17.76
C GLY L 83 -9.52 31.73 -16.98
N TRP L 84 -10.38 31.42 -16.02
CA TRP L 84 -11.12 32.44 -15.29
C TRP L 84 -11.23 32.07 -13.82
N LYS L 85 -11.25 33.07 -12.96
CA LYS L 85 -11.77 32.94 -11.61
C LYS L 85 -13.29 33.15 -11.58
N PHE L 86 -14.01 32.19 -11.04
CA PHE L 86 -15.45 32.31 -10.85
C PHE L 86 -15.77 32.60 -9.39
N THR L 87 -16.55 33.64 -9.18
CA THR L 87 -16.89 34.08 -7.82
C THR L 87 -18.40 34.16 -7.63
N ALA L 88 -18.88 33.58 -6.54
CA ALA L 88 -20.32 33.43 -6.31
C ALA L 88 -20.99 34.79 -6.18
N THR L 89 -22.25 34.87 -6.63
CA THR L 89 -23.01 36.11 -6.52
C THR L 89 -23.86 36.14 -5.26
N LYS L 90 -23.95 35.00 -4.59
CA LYS L 90 -24.74 34.91 -3.37
C LYS L 90 -23.97 34.18 -2.26
N LYS L 91 -24.25 34.55 -1.03
CA LYS L 91 -23.45 34.11 0.11
C LYS L 91 -23.69 32.63 0.44
N ASP L 92 -24.84 32.10 0.03
CA ASP L 92 -25.28 30.79 0.49
C ASP L 92 -24.81 29.68 -0.44
N MET L 93 -23.97 30.03 -1.39
CA MET L 93 -23.47 29.08 -2.38
C MET L 93 -22.16 28.44 -1.89
N SER L 94 -21.84 27.27 -2.43
CA SER L 94 -20.51 26.68 -2.26
C SER L 94 -20.06 25.99 -3.54
N PRO L 95 -18.77 26.10 -3.86
CA PRO L 95 -17.83 26.99 -3.20
C PRO L 95 -18.11 28.45 -3.54
N GLN L 96 -17.57 29.36 -2.74
CA GLN L 96 -17.74 30.79 -2.99
C GLN L 96 -16.88 31.27 -4.16
N LYS L 97 -15.85 30.51 -4.46
CA LYS L 97 -15.08 30.73 -5.67
C LYS L 97 -14.39 29.46 -6.13
N PHE L 98 -14.14 29.38 -7.43
CA PHE L 98 -13.33 28.30 -7.99
C PHE L 98 -12.68 28.82 -9.27
N TRP L 99 -11.86 27.99 -9.89
CA TRP L 99 -11.26 28.35 -11.16
C TRP L 99 -11.77 27.45 -12.27
N GLY L 100 -12.09 28.06 -13.41
CA GLY L 100 -12.36 27.31 -14.62
C GLY L 100 -11.24 27.50 -15.63
N LEU L 101 -10.50 26.43 -15.88
CA LEU L 101 -9.26 26.51 -16.64
C LEU L 101 -9.41 25.75 -17.96
N THR L 102 -8.89 26.37 -19.02
CA THR L 102 -8.92 25.77 -20.35
C THR L 102 -7.90 24.63 -20.46
N ARG L 103 -8.39 23.42 -20.64
CA ARG L 103 -7.57 22.23 -20.45
C ARG L 103 -6.37 22.23 -21.39
N SER L 104 -6.54 22.78 -22.58
CA SER L 104 -5.48 22.75 -23.58
C SER L 104 -4.38 23.77 -23.25
N ALA L 105 -4.65 24.63 -22.28
CA ALA L 105 -3.66 25.61 -21.82
C ALA L 105 -2.71 25.03 -20.78
N LEU L 106 -2.89 23.76 -20.44
CA LEU L 106 -2.13 23.14 -19.37
C LEU L 106 -1.37 21.89 -19.85
N LEU L 107 -0.25 21.60 -19.18
CA LEU L 107 0.46 20.33 -19.32
C LEU L 107 0.49 19.61 -17.97
N PRO L 108 0.38 18.28 -17.99
CA PRO L 108 -0.15 17.51 -19.12
C PRO L 108 -1.59 17.86 -19.44
N GLY M 1 8.25 -13.92 -24.78
CA GLY M 1 8.25 -12.95 -23.64
C GLY M 1 6.98 -12.10 -23.63
N PRO M 2 6.82 -11.28 -22.58
CA PRO M 2 5.59 -10.50 -22.40
C PRO M 2 5.47 -9.34 -23.38
N THR M 3 6.57 -9.02 -24.06
CA THR M 3 6.56 -7.96 -25.07
C THR M 3 6.26 -8.53 -26.47
N SER M 4 6.16 -9.85 -26.55
CA SER M 4 6.15 -10.52 -27.85
C SER M 4 4.76 -10.45 -28.50
N LEU M 5 4.74 -10.04 -29.75
CA LEU M 5 3.53 -10.12 -30.57
C LEU M 5 3.66 -11.20 -31.63
N CYS M 6 2.79 -12.21 -31.55
CA CYS M 6 2.98 -13.44 -32.30
C CYS M 6 1.91 -13.61 -33.38
N CYS M 7 2.26 -14.37 -34.41
CA CYS M 7 1.29 -14.71 -35.45
C CYS M 7 0.15 -15.53 -34.87
N LYS M 8 -1.06 -15.08 -35.12
CA LYS M 8 -2.25 -15.63 -34.48
C LYS M 8 -2.51 -17.06 -34.96
N GLN M 9 -2.06 -17.36 -36.18
CA GLN M 9 -2.35 -18.65 -36.81
C GLN M 9 -1.44 -19.78 -36.29
N CYS M 10 -0.13 -19.57 -36.34
CA CYS M 10 0.80 -20.60 -35.87
C CYS M 10 1.27 -20.37 -34.44
N GLN M 11 0.90 -19.22 -33.87
CA GLN M 11 0.85 -19.04 -32.42
C GLN M 11 2.23 -18.82 -31.81
N GLU M 12 3.25 -19.45 -32.41
CA GLU M 12 4.56 -19.55 -31.77
C GLU M 12 5.52 -18.50 -32.32
N THR M 13 5.22 -18.02 -33.53
CA THR M 13 6.18 -17.25 -34.31
C THR M 13 6.07 -15.78 -33.96
N GLU M 14 7.13 -15.22 -33.40
CA GLU M 14 7.15 -13.80 -33.06
C GLU M 14 7.28 -12.95 -34.32
N ILE M 15 6.38 -11.98 -34.47
CA ILE M 15 6.43 -11.10 -35.63
C ILE M 15 7.03 -9.75 -35.28
N THR M 16 6.69 -9.22 -34.11
CA THR M 16 7.31 -8.01 -33.62
C THR M 16 7.18 -7.94 -32.09
N THR M 17 7.69 -6.87 -31.50
CA THR M 17 7.53 -6.68 -30.08
C THR M 17 6.88 -5.33 -29.77
N LYS M 18 6.32 -5.21 -28.58
CA LYS M 18 5.74 -3.95 -28.13
C LYS M 18 6.78 -2.83 -28.16
N ASN M 19 8.04 -3.20 -27.99
CA ASN M 19 9.13 -2.22 -27.99
C ASN M 19 9.30 -1.53 -29.35
N GLU M 20 8.78 -2.13 -30.40
CA GLU M 20 9.00 -1.61 -31.76
C GLU M 20 7.86 -0.71 -32.21
N ILE M 21 6.80 -0.63 -31.41
CA ILE M 21 5.60 0.11 -31.80
C ILE M 21 5.87 1.61 -31.79
N PHE M 22 5.48 2.28 -32.87
CA PHE M 22 5.54 3.74 -32.94
C PHE M 22 4.30 4.28 -33.65
N SER M 23 4.11 5.60 -33.55
CA SER M 23 2.95 6.24 -34.16
C SER M 23 3.36 7.06 -35.37
N LEU M 24 3.15 6.49 -36.55
CA LEU M 24 3.38 7.22 -37.79
C LEU M 24 2.27 8.25 -38.01
N SER M 25 1.03 7.77 -37.91
CA SER M 25 -0.14 8.64 -37.98
C SER M 25 -0.22 9.53 -36.74
N LEU M 26 -0.73 10.74 -36.93
CA LEU M 26 -0.57 11.82 -35.95
C LEU M 26 0.59 12.74 -36.35
N HIS M 41 -7.03 0.87 -33.06
CA HIS M 41 -7.20 0.97 -34.50
C HIS M 41 -6.66 -0.26 -35.22
N GLU M 42 -6.71 -0.24 -36.55
CA GLU M 42 -6.64 -1.47 -37.33
C GLU M 42 -5.21 -1.92 -37.53
N THR M 43 -4.32 -0.97 -37.76
CA THR M 43 -2.98 -1.26 -38.25
C THR M 43 -1.93 -0.77 -37.27
N LEU M 44 -1.18 -1.72 -36.73
CA LEU M 44 -0.05 -1.45 -35.86
C LEU M 44 1.18 -1.09 -36.71
N THR M 45 1.82 0.03 -36.43
CA THR M 45 3.07 0.35 -37.14
C THR M 45 4.28 0.20 -36.25
N VAL M 46 5.23 -0.63 -36.71
CA VAL M 46 6.44 -0.92 -35.96
C VAL M 46 7.69 -0.68 -36.79
N TYR M 47 8.79 -0.34 -36.13
CA TYR M 47 10.03 -0.02 -36.82
C TYR M 47 10.67 -1.28 -37.37
N LYS M 48 10.50 -2.38 -36.64
CA LYS M 48 11.18 -3.63 -36.95
C LYS M 48 10.20 -4.78 -36.80
N ALA M 49 10.39 -5.82 -37.61
CA ALA M 49 9.62 -7.04 -37.48
C ALA M 49 10.47 -8.22 -37.93
N SER M 50 10.03 -9.43 -37.57
CA SER M 50 10.84 -10.62 -37.80
C SER M 50 9.97 -11.75 -38.38
N ASN M 51 10.63 -12.69 -39.04
CA ASN M 51 10.01 -13.96 -39.40
C ASN M 51 8.89 -13.74 -40.41
N LEU M 52 8.97 -12.62 -41.13
CA LEU M 52 8.09 -12.37 -42.26
C LEU M 52 8.80 -12.65 -43.58
N ASN M 53 8.03 -13.12 -44.55
CA ASN M 53 8.51 -13.31 -45.91
C ASN M 53 7.80 -12.34 -46.86
N LEU M 54 8.59 -11.60 -47.64
CA LEU M 54 8.05 -10.59 -48.54
C LEU M 54 7.61 -11.22 -49.86
N ILE M 55 6.44 -10.79 -50.33
CA ILE M 55 5.89 -11.23 -51.61
C ILE M 55 5.88 -10.07 -52.59
N GLY M 56 6.58 -10.22 -53.71
CA GLY M 56 6.44 -9.28 -54.82
C GLY M 56 7.28 -8.02 -54.66
N ARG M 57 7.00 -7.01 -55.46
CA ARG M 57 7.77 -5.77 -55.45
C ARG M 57 6.90 -4.63 -54.91
N PRO M 58 7.54 -3.54 -54.47
CA PRO M 58 6.78 -2.46 -53.84
C PRO M 58 5.74 -1.87 -54.79
N SER M 59 4.62 -1.41 -54.23
CA SER M 59 3.65 -0.63 -55.00
C SER M 59 3.17 0.57 -54.18
N THR M 60 2.84 1.65 -54.86
CA THR M 60 2.29 2.84 -54.21
C THR M 60 0.76 2.91 -54.34
N VAL M 61 0.19 1.96 -55.07
CA VAL M 61 -1.24 2.00 -55.37
C VAL M 61 -2.08 1.81 -54.11
N HIS M 62 -2.96 2.78 -53.85
CA HIS M 62 -3.85 2.72 -52.70
C HIS M 62 -3.12 2.73 -51.36
N SER M 63 -1.89 3.24 -51.33
CA SER M 63 -1.09 3.19 -50.11
C SER M 63 -1.80 3.92 -48.97
N TRP M 64 -1.85 3.27 -47.81
CA TRP M 64 -2.48 3.87 -46.64
C TRP M 64 -1.56 4.91 -46.00
N PHE M 65 -0.30 4.91 -46.40
CA PHE M 65 0.67 5.85 -45.86
C PHE M 65 1.35 6.65 -46.97
N PRO M 66 0.73 7.77 -47.35
CA PRO M 66 1.16 8.55 -48.51
C PRO M 66 2.64 8.89 -48.43
N GLY M 67 3.37 8.57 -49.49
CA GLY M 67 4.82 8.74 -49.50
C GLY M 67 5.56 7.42 -49.36
N TYR M 68 4.81 6.37 -49.00
CA TYR M 68 5.38 5.04 -48.89
C TYR M 68 4.75 4.08 -49.91
N ALA M 69 5.55 3.11 -50.33
CA ALA M 69 5.06 1.96 -51.07
C ALA M 69 4.93 0.75 -50.15
N TRP M 70 4.11 -0.23 -50.56
CA TRP M 70 3.87 -1.42 -49.75
C TRP M 70 4.32 -2.70 -50.45
N THR M 71 4.81 -3.65 -49.66
CA THR M 71 5.06 -5.01 -50.12
C THR M 71 4.39 -5.99 -49.16
N ILE M 72 3.62 -6.94 -49.70
CA ILE M 72 2.89 -7.88 -48.87
C ILE M 72 3.84 -8.71 -48.00
N ALA M 73 3.51 -8.84 -46.73
CA ALA M 73 4.35 -9.56 -45.77
C ALA M 73 3.55 -10.69 -45.13
N GLN M 74 4.06 -11.91 -45.25
CA GLN M 74 3.40 -13.07 -44.69
C GLN M 74 4.30 -13.76 -43.67
N CYS M 75 3.69 -14.47 -42.74
CA CYS M 75 4.44 -15.28 -41.78
C CYS M 75 5.22 -16.37 -42.51
N LYS M 76 6.51 -16.48 -42.22
CA LYS M 76 7.37 -17.40 -42.94
C LYS M 76 7.07 -18.85 -42.57
N ILE M 77 6.38 -19.04 -41.44
CA ILE M 77 6.05 -20.38 -40.96
C ILE M 77 4.76 -20.89 -41.63
N CYS M 78 3.70 -20.09 -41.56
CA CYS M 78 2.37 -20.57 -41.93
C CYS M 78 1.79 -19.82 -43.14
N ALA M 79 2.49 -18.79 -43.59
CA ALA M 79 2.10 -18.04 -44.79
C ALA M 79 0.84 -17.20 -44.61
N SER M 80 0.42 -17.00 -43.36
CA SER M 80 -0.68 -16.08 -43.08
C SER M 80 -0.25 -14.64 -43.36
N HIS M 81 -1.06 -13.94 -44.15
CA HIS M 81 -0.77 -12.55 -44.50
C HIS M 81 -0.94 -11.64 -43.29
N ILE M 82 0.18 -11.13 -42.78
CA ILE M 82 0.18 -10.42 -41.51
C ILE M 82 0.04 -8.92 -41.75
N GLY M 83 0.65 -8.43 -42.81
CA GLY M 83 0.66 -7.00 -43.09
C GLY M 83 1.51 -6.66 -44.29
N TRP M 84 2.23 -5.54 -44.19
CA TRP M 84 3.05 -5.04 -45.29
C TRP M 84 4.33 -4.41 -44.76
N LYS M 85 5.39 -4.50 -45.55
CA LYS M 85 6.53 -3.61 -45.40
C LYS M 85 6.29 -2.32 -46.19
N PHE M 86 6.43 -1.18 -45.50
CA PHE M 86 6.31 0.11 -46.17
C PHE M 86 7.68 0.75 -46.36
N THR M 87 7.95 1.20 -47.59
CA THR M 87 9.27 1.73 -47.94
C THR M 87 9.15 3.13 -48.56
N ALA M 88 9.94 4.05 -48.05
CA ALA M 88 9.82 5.47 -48.42
C ALA M 88 10.09 5.65 -49.91
N THR M 89 9.33 6.53 -50.54
CA THR M 89 9.59 6.85 -51.95
C THR M 89 10.57 8.01 -52.08
N LYS M 90 10.81 8.73 -50.99
CA LYS M 90 11.73 9.86 -51.01
C LYS M 90 12.79 9.73 -49.91
N LYS M 91 13.99 10.25 -50.18
CA LYS M 91 15.11 10.05 -49.28
C LYS M 91 14.97 10.88 -48.00
N ASP M 92 14.15 11.92 -48.05
CA ASP M 92 14.13 12.92 -46.99
C ASP M 92 13.11 12.58 -45.91
N MET M 93 12.47 11.42 -46.05
CA MET M 93 11.45 10.97 -45.12
C MET M 93 12.08 10.17 -43.98
N SER M 94 11.38 10.11 -42.85
CA SER M 94 11.71 9.15 -41.80
C SER M 94 10.44 8.59 -41.18
N PRO M 95 10.45 7.29 -40.82
CA PRO M 95 11.52 6.36 -41.18
C PRO M 95 11.51 6.06 -42.68
N GLN M 96 12.63 5.56 -43.20
CA GLN M 96 12.68 5.14 -44.60
C GLN M 96 11.92 3.83 -44.82
N LYS M 97 11.72 3.09 -43.75
CA LYS M 97 11.03 1.81 -43.84
C LYS M 97 10.38 1.50 -42.50
N PHE M 98 9.19 0.90 -42.56
CA PHE M 98 8.53 0.37 -41.38
C PHE M 98 7.55 -0.74 -41.78
N TRP M 99 6.97 -1.39 -40.79
CA TRP M 99 5.97 -2.42 -41.04
C TRP M 99 4.59 -1.96 -40.57
N GLY M 100 3.59 -2.18 -41.40
CA GLY M 100 2.20 -1.98 -41.00
C GLY M 100 1.48 -3.29 -40.89
N LEU M 101 1.17 -3.68 -39.66
CA LEU M 101 0.68 -5.02 -39.38
C LEU M 101 -0.79 -4.99 -38.98
N THR M 102 -1.54 -5.96 -39.50
CA THR M 102 -2.96 -6.09 -39.16
C THR M 102 -3.11 -6.65 -37.75
N ARG M 103 -3.69 -5.84 -36.86
CA ARG M 103 -3.70 -6.14 -35.43
C ARG M 103 -4.38 -7.47 -35.17
N SER M 104 -5.39 -7.80 -35.97
CA SER M 104 -6.19 -9.00 -35.74
C SER M 104 -5.44 -10.26 -36.17
N ALA M 105 -4.31 -10.09 -36.85
CA ALA M 105 -3.51 -11.23 -37.26
C ALA M 105 -2.43 -11.56 -36.23
N LEU M 106 -2.44 -10.84 -35.11
CA LEU M 106 -1.42 -11.00 -34.08
C LEU M 106 -2.04 -11.40 -32.73
N LEU M 107 -1.26 -12.10 -31.93
CA LEU M 107 -1.57 -12.30 -30.50
C LEU M 107 -0.44 -11.73 -29.66
N PRO M 108 -0.78 -11.19 -28.48
CA PRO M 108 -2.13 -11.08 -27.96
C PRO M 108 -2.96 -10.05 -28.72
N THR N 3 5.86 6.60 -22.98
CA THR N 3 6.98 6.17 -23.87
C THR N 3 7.02 6.96 -25.18
N SER N 4 5.90 7.56 -25.56
CA SER N 4 5.83 8.40 -26.76
C SER N 4 6.57 9.72 -26.53
N LEU N 5 7.49 10.06 -27.43
CA LEU N 5 8.14 11.37 -27.38
C LEU N 5 7.74 12.23 -28.56
N CYS N 6 6.95 13.27 -28.28
CA CYS N 6 6.31 14.03 -29.34
C CYS N 6 6.98 15.37 -29.52
N CYS N 7 6.80 15.96 -30.70
CA CYS N 7 7.22 17.32 -30.95
C CYS N 7 6.47 18.27 -30.02
N LYS N 8 7.24 19.02 -29.24
CA LYS N 8 6.68 19.85 -28.18
C LYS N 8 5.81 20.97 -28.77
N GLN N 9 6.16 21.43 -29.96
CA GLN N 9 5.45 22.55 -30.59
C GLN N 9 4.05 22.14 -31.02
N CYS N 10 3.96 21.17 -31.93
CA CYS N 10 2.66 20.76 -32.47
C CYS N 10 1.99 19.65 -31.65
N GLN N 11 2.73 19.09 -30.69
CA GLN N 11 2.14 18.28 -29.62
C GLN N 11 1.69 16.89 -30.07
N GLU N 12 1.19 16.78 -31.30
CA GLU N 12 0.51 15.57 -31.75
C GLU N 12 1.49 14.60 -32.42
N THR N 13 2.56 15.14 -32.98
CA THR N 13 3.39 14.41 -33.92
C THR N 13 4.48 13.64 -33.17
N GLU N 14 4.42 12.31 -33.18
CA GLU N 14 5.41 11.52 -32.48
C GLU N 14 6.73 11.50 -33.26
N ILE N 15 7.83 11.76 -32.56
CA ILE N 15 9.13 11.77 -33.20
C ILE N 15 9.94 10.51 -32.90
N THR N 16 9.90 10.06 -31.66
CA THR N 16 10.54 8.79 -31.29
C THR N 16 9.84 8.22 -30.06
N THR N 17 10.33 7.09 -29.57
CA THR N 17 9.83 6.52 -28.33
C THR N 17 10.97 6.22 -27.36
N LYS N 18 10.65 6.06 -26.09
CA LYS N 18 11.66 5.80 -25.08
C LYS N 18 12.36 4.47 -25.36
N ASN N 19 11.71 3.61 -26.13
CA ASN N 19 12.25 2.29 -26.43
C ASN N 19 13.45 2.36 -27.35
N GLU N 20 13.57 3.46 -28.09
CA GLU N 20 14.62 3.58 -29.09
C GLU N 20 15.88 4.23 -28.55
N ILE N 21 15.85 4.66 -27.28
CA ILE N 21 16.98 5.36 -26.67
C ILE N 21 18.17 4.41 -26.48
N PHE N 22 19.36 4.87 -26.85
CA PHE N 22 20.59 4.13 -26.57
C PHE N 22 21.75 5.08 -26.24
N SER N 23 22.87 4.52 -25.83
CA SER N 23 24.02 5.33 -25.43
C SER N 23 25.22 5.06 -26.32
N LEU N 24 25.62 6.07 -27.07
CA LEU N 24 26.77 5.95 -27.96
C LEU N 24 28.08 6.21 -27.22
N SER N 25 29.12 5.50 -27.62
CA SER N 25 30.45 5.65 -27.02
C SER N 25 30.47 5.08 -25.61
N HIS N 41 21.27 15.23 -19.69
CA HIS N 41 22.08 15.55 -20.86
C HIS N 41 21.20 15.96 -22.03
N GLU N 42 21.71 16.88 -22.85
CA GLU N 42 20.86 17.78 -23.62
C GLU N 42 20.31 17.10 -24.87
N THR N 43 21.05 16.11 -25.35
CA THR N 43 20.78 15.51 -26.66
C THR N 43 20.52 14.01 -26.52
N LEU N 44 19.33 13.59 -26.89
CA LEU N 44 18.91 12.19 -26.76
C LEU N 44 19.31 11.46 -28.03
N THR N 45 19.96 10.31 -27.91
CA THR N 45 20.30 9.52 -29.10
C THR N 45 19.41 8.28 -29.20
N VAL N 46 18.73 8.15 -30.33
CA VAL N 46 17.82 7.05 -30.57
C VAL N 46 18.13 6.34 -31.88
N TYR N 47 17.79 5.05 -31.94
CA TYR N 47 18.06 4.23 -33.12
C TYR N 47 17.12 4.61 -34.25
N LYS N 48 15.89 4.97 -33.89
CA LYS N 48 14.81 5.15 -34.86
C LYS N 48 14.02 6.40 -34.52
N ALA N 49 13.53 7.08 -35.54
CA ALA N 49 12.66 8.24 -35.35
C ALA N 49 11.68 8.33 -36.51
N SER N 50 10.63 9.13 -36.32
CA SER N 50 9.55 9.21 -37.30
C SER N 50 9.16 10.66 -37.53
N ASN N 51 8.54 10.92 -38.68
CA ASN N 51 7.85 12.18 -38.92
C ASN N 51 8.81 13.38 -38.92
N LEU N 52 10.06 13.11 -39.29
CA LEU N 52 11.05 14.16 -39.48
C LEU N 52 11.37 14.31 -40.97
N ASN N 53 11.51 15.56 -41.41
CA ASN N 53 12.05 15.84 -42.74
C ASN N 53 13.53 16.22 -42.65
N LEU N 54 14.31 15.70 -43.59
CA LEU N 54 15.73 15.99 -43.65
C LEU N 54 16.00 17.20 -44.54
N ILE N 55 16.76 18.15 -44.02
CA ILE N 55 17.10 19.36 -44.75
C ILE N 55 18.57 19.33 -45.14
N GLY N 56 18.84 19.36 -46.45
CA GLY N 56 20.19 19.53 -46.94
C GLY N 56 20.96 18.23 -47.01
N ARG N 57 22.28 18.32 -47.01
CA ARG N 57 23.14 17.17 -47.23
C ARG N 57 24.02 16.94 -46.00
N PRO N 58 24.50 15.70 -45.81
CA PRO N 58 25.28 15.40 -44.62
C PRO N 58 26.56 16.20 -44.53
N SER N 59 26.98 16.54 -43.32
CA SER N 59 28.24 17.27 -43.10
C SER N 59 28.94 16.75 -41.86
N THR N 60 30.27 16.73 -41.89
CA THR N 60 31.05 16.31 -40.72
C THR N 60 31.55 17.50 -39.91
N VAL N 61 31.30 18.71 -40.40
CA VAL N 61 31.81 19.90 -39.74
C VAL N 61 31.26 20.02 -38.31
N HIS N 62 32.16 20.13 -37.35
CA HIS N 62 31.79 20.25 -35.94
C HIS N 62 30.98 19.07 -35.40
N SER N 63 31.07 17.91 -36.05
CA SER N 63 30.22 16.78 -35.63
C SER N 63 30.48 16.43 -34.17
N TRP N 64 29.41 16.32 -33.39
CA TRP N 64 29.51 15.99 -31.99
C TRP N 64 29.92 14.53 -31.82
N PHE N 65 29.73 13.75 -32.88
CA PHE N 65 29.97 12.31 -32.81
C PHE N 65 30.96 11.86 -33.88
N PRO N 66 32.27 11.94 -33.54
CA PRO N 66 33.31 11.72 -34.55
C PRO N 66 33.15 10.38 -35.25
N GLY N 67 33.17 10.40 -36.57
CA GLY N 67 32.87 9.22 -37.36
C GLY N 67 31.52 9.33 -38.04
N TYR N 68 30.70 10.26 -37.56
CA TYR N 68 29.37 10.49 -38.14
C TYR N 68 29.25 11.89 -38.74
N ALA N 69 28.51 12.00 -39.83
CA ALA N 69 28.08 13.29 -40.36
C ALA N 69 26.65 13.58 -39.88
N TRP N 70 26.27 14.85 -39.93
CA TRP N 70 24.93 15.24 -39.48
C TRP N 70 24.11 15.84 -40.62
N THR N 71 22.80 15.63 -40.54
CA THR N 71 21.83 16.27 -41.42
C THR N 71 20.68 16.82 -40.58
N ILE N 72 20.36 18.09 -40.77
CA ILE N 72 19.32 18.73 -39.98
C ILE N 72 17.98 18.00 -40.15
N ALA N 73 17.27 17.81 -39.05
CA ALA N 73 15.99 17.11 -39.07
C ALA N 73 14.91 17.94 -38.38
N GLN N 74 13.85 18.23 -39.10
CA GLN N 74 12.76 19.04 -38.56
C GLN N 74 11.43 18.32 -38.65
N CYS N 75 10.51 18.69 -37.77
CA CYS N 75 9.19 18.09 -37.72
C CYS N 75 8.45 18.32 -39.04
N LYS N 76 7.82 17.26 -39.55
CA LYS N 76 7.18 17.32 -40.86
C LYS N 76 5.91 18.17 -40.81
N ILE N 77 5.36 18.35 -39.62
CA ILE N 77 4.11 19.09 -39.44
C ILE N 77 4.35 20.59 -39.25
N CYS N 78 5.22 20.95 -38.31
CA CYS N 78 5.36 22.34 -37.88
C CYS N 78 6.73 22.92 -38.21
N ALA N 79 7.60 22.10 -38.79
CA ALA N 79 8.93 22.52 -39.22
C ALA N 79 9.85 22.96 -38.08
N SER N 80 9.48 22.64 -36.85
CA SER N 80 10.38 22.85 -35.71
C SER N 80 11.64 21.99 -35.85
N HIS N 81 12.81 22.58 -35.63
CA HIS N 81 14.06 21.83 -35.68
C HIS N 81 14.23 20.97 -34.45
N ILE N 82 14.15 19.66 -34.62
CA ILE N 82 14.14 18.74 -33.48
C ILE N 82 15.54 18.23 -33.18
N GLY N 83 16.35 18.08 -34.22
CA GLY N 83 17.70 17.53 -34.06
C GLY N 83 18.33 17.21 -35.39
N TRP N 84 19.06 16.10 -35.42
CA TRP N 84 19.85 15.75 -36.59
C TRP N 84 19.81 14.24 -36.80
N LYS N 85 19.89 13.84 -38.05
CA LYS N 85 20.28 12.48 -38.40
C LYS N 85 21.79 12.37 -38.52
N PHE N 86 22.37 11.40 -37.80
CA PHE N 86 23.79 11.13 -37.86
C PHE N 86 24.06 9.87 -38.67
N THR N 87 24.93 9.99 -39.67
CA THR N 87 25.20 8.89 -40.59
C THR N 87 26.69 8.56 -40.63
N ALA N 88 27.01 7.27 -40.52
CA ALA N 88 28.39 6.83 -40.34
C ALA N 88 29.22 7.12 -41.58
N THR N 89 30.50 7.44 -41.38
CA THR N 89 31.39 7.73 -42.50
C THR N 89 32.17 6.49 -42.92
N LYS N 90 32.11 5.44 -42.11
CA LYS N 90 32.74 4.18 -42.46
C LYS N 90 31.77 3.01 -42.30
N LYS N 91 31.98 1.97 -43.11
CA LYS N 91 31.04 0.86 -43.18
C LYS N 91 31.15 -0.08 -41.97
N ASP N 92 32.27 -0.02 -41.26
CA ASP N 92 32.54 -0.99 -40.20
C ASP N 92 32.00 -0.53 -38.85
N MET N 93 31.24 0.57 -38.88
CA MET N 93 30.71 1.17 -37.66
C MET N 93 29.30 0.64 -37.37
N SER N 94 28.89 0.70 -36.10
CA SER N 94 27.49 0.49 -35.73
C SER N 94 27.07 1.46 -34.63
N PRO N 95 25.83 1.94 -34.70
CA PRO N 95 24.94 1.80 -35.85
C PRO N 95 25.40 2.63 -37.04
N GLN N 96 24.92 2.32 -38.23
CA GLN N 96 25.28 3.08 -39.42
C GLN N 96 24.57 4.43 -39.45
N LYS N 97 23.50 4.54 -38.68
CA LYS N 97 22.86 5.83 -38.46
C LYS N 97 22.04 5.82 -37.18
N PHE N 98 21.87 7.01 -36.62
CA PHE N 98 21.01 7.20 -35.47
C PHE N 98 20.50 8.63 -35.50
N TRP N 99 19.65 8.99 -34.56
CA TRP N 99 19.22 10.38 -34.43
C TRP N 99 19.70 10.99 -33.13
N GLY N 100 20.17 12.22 -33.22
CA GLY N 100 20.44 13.03 -32.04
C GLY N 100 19.42 14.14 -31.91
N LEU N 101 18.60 14.05 -30.88
CA LEU N 101 17.43 14.91 -30.74
C LEU N 101 17.59 15.82 -29.53
N THR N 102 17.27 17.09 -29.72
CA THR N 102 17.32 18.07 -28.65
C THR N 102 16.18 17.84 -27.66
N ARG N 103 16.53 17.51 -26.43
CA ARG N 103 15.56 16.97 -25.48
C ARG N 103 14.43 17.96 -25.23
N SER N 104 14.75 19.25 -25.24
CA SER N 104 13.78 20.27 -24.88
C SER N 104 12.77 20.48 -26.01
N ALA N 105 13.05 19.91 -27.18
CA ALA N 105 12.16 19.98 -28.32
C ALA N 105 11.06 18.91 -28.27
N LEU N 106 11.11 18.06 -27.24
CA LEU N 106 10.18 16.95 -27.14
C LEU N 106 9.34 17.00 -25.88
N LEU N 107 8.16 16.38 -25.94
CA LEU N 107 7.30 16.13 -24.78
C LEU N 107 7.10 14.62 -24.65
N PRO N 108 7.03 14.12 -23.40
CA PRO N 108 7.55 14.76 -22.20
C PRO N 108 9.04 15.09 -22.31
N GLY O 1 21.25 3.08 -18.07
CA GLY O 1 19.81 2.73 -17.87
C GLY O 1 19.64 1.30 -17.41
N PRO O 2 18.44 0.97 -16.92
CA PRO O 2 18.12 -0.38 -16.46
C PRO O 2 17.97 -1.37 -17.61
N THR O 3 17.96 -0.85 -18.84
CA THR O 3 17.80 -1.71 -20.02
C THR O 3 19.11 -1.83 -20.79
N SER O 4 20.17 -1.24 -20.25
CA SER O 4 21.45 -1.18 -20.95
C SER O 4 22.20 -2.51 -20.81
N LEU O 5 22.63 -3.06 -21.95
CA LEU O 5 23.47 -4.24 -21.94
C LEU O 5 24.88 -3.89 -22.40
N CYS O 6 25.82 -3.88 -21.45
CA CYS O 6 27.15 -3.32 -21.72
C CYS O 6 28.19 -4.42 -21.96
N CYS O 7 29.26 -4.07 -22.66
CA CYS O 7 30.43 -4.92 -22.76
C CYS O 7 30.93 -5.31 -21.37
N LYS O 8 30.99 -6.62 -21.12
CA LYS O 8 31.41 -7.12 -19.81
C LYS O 8 32.87 -6.79 -19.54
N GLN O 9 33.68 -6.72 -20.60
CA GLN O 9 35.11 -6.49 -20.44
C GLN O 9 35.42 -5.05 -20.01
N CYS O 10 34.95 -4.07 -20.77
CA CYS O 10 35.27 -2.67 -20.46
C CYS O 10 34.16 -1.97 -19.68
N GLN O 11 33.03 -2.64 -19.52
CA GLN O 11 32.02 -2.30 -18.50
C GLN O 11 31.18 -1.08 -18.85
N GLU O 12 31.79 -0.06 -19.44
CA GLU O 12 31.15 1.24 -19.58
C GLU O 12 30.45 1.39 -20.93
N THR O 13 30.82 0.53 -21.87
CA THR O 13 30.40 0.68 -23.26
C THR O 13 29.10 -0.07 -23.51
N GLU O 14 28.03 0.66 -23.85
CA GLU O 14 26.75 0.02 -24.13
C GLU O 14 26.75 -0.62 -25.52
N ILE O 15 26.35 -1.88 -25.59
CA ILE O 15 26.34 -2.61 -26.85
C ILE O 15 24.92 -2.74 -27.42
N THR O 16 23.95 -2.95 -26.55
CA THR O 16 22.55 -2.96 -26.95
C THR O 16 21.66 -2.71 -25.74
N THR O 17 20.35 -2.67 -25.97
CA THR O 17 19.40 -2.53 -24.88
C THR O 17 18.40 -3.69 -24.89
N LYS O 18 17.75 -3.92 -23.76
CA LYS O 18 16.72 -4.95 -23.66
C LYS O 18 15.60 -4.68 -24.65
N ASN O 19 15.39 -3.41 -24.98
CA ASN O 19 14.30 -3.04 -25.88
C ASN O 19 14.48 -3.61 -27.28
N GLU O 20 15.71 -3.95 -27.66
CA GLU O 20 16.01 -4.37 -29.03
C GLU O 20 15.90 -5.89 -29.20
N ILE O 21 15.72 -6.60 -28.11
CA ILE O 21 15.67 -8.05 -28.12
C ILE O 21 14.45 -8.55 -28.89
N PHE O 22 14.66 -9.52 -29.78
CA PHE O 22 13.57 -10.22 -30.43
C PHE O 22 13.88 -11.72 -30.58
N SER O 23 12.89 -12.47 -31.06
CA SER O 23 13.01 -13.92 -31.17
C SER O 23 12.92 -14.36 -32.63
N LEU O 24 14.01 -14.92 -33.14
CA LEU O 24 14.10 -15.24 -34.56
C LEU O 24 13.49 -16.59 -34.94
N SER O 25 13.69 -17.62 -34.12
CA SER O 25 13.02 -18.90 -34.36
C SER O 25 13.66 -19.63 -35.53
N HIS O 41 18.92 -17.81 -24.21
CA HIS O 41 19.93 -18.81 -23.91
C HIS O 41 21.33 -18.26 -24.21
N GLU O 42 22.09 -18.98 -25.02
CA GLU O 42 23.50 -18.65 -25.25
C GLU O 42 23.62 -17.32 -25.98
N THR O 43 22.77 -17.14 -26.99
CA THR O 43 22.96 -16.08 -27.98
C THR O 43 21.72 -15.18 -28.04
N LEU O 44 21.93 -13.93 -27.71
CA LEU O 44 20.86 -12.93 -27.73
C LEU O 44 20.76 -12.36 -29.14
N THR O 45 19.57 -12.28 -29.69
CA THR O 45 19.38 -11.62 -30.99
C THR O 45 18.63 -10.30 -30.83
N VAL O 46 19.26 -9.23 -31.31
CA VAL O 46 18.70 -7.89 -31.20
C VAL O 46 18.68 -7.19 -32.56
N TYR O 47 17.69 -6.33 -32.76
CA TYR O 47 17.55 -5.62 -34.04
C TYR O 47 18.70 -4.63 -34.23
N LYS O 48 19.13 -4.03 -33.13
CA LYS O 48 20.02 -2.88 -33.17
C LYS O 48 21.12 -3.04 -32.13
N ALA O 49 22.30 -2.52 -32.45
CA ALA O 49 23.42 -2.51 -31.53
C ALA O 49 24.31 -1.31 -31.79
N SER O 50 25.18 -1.00 -30.84
CA SER O 50 26.01 0.19 -30.91
C SER O 50 27.43 -0.14 -30.50
N ASN O 51 28.38 0.68 -30.94
CA ASN O 51 29.73 0.67 -30.39
C ASN O 51 30.45 -0.63 -30.71
N LEU O 52 30.08 -1.24 -31.84
CA LEU O 52 30.77 -2.43 -32.35
C LEU O 52 31.51 -2.09 -33.64
N ASN O 53 32.71 -2.67 -33.79
CA ASN O 53 33.42 -2.68 -35.06
C ASN O 53 33.26 -4.02 -35.76
N LEU O 54 32.99 -3.98 -37.06
CA LEU O 54 32.94 -5.20 -37.87
C LEU O 54 34.32 -5.54 -38.41
N ILE O 55 34.69 -6.81 -38.34
CA ILE O 55 35.94 -7.26 -38.94
C ILE O 55 35.73 -8.40 -39.93
N GLY O 56 36.31 -8.24 -41.12
CA GLY O 56 36.19 -9.23 -42.17
C GLY O 56 34.96 -9.03 -43.03
N ARG O 57 34.72 -9.98 -43.93
CA ARG O 57 33.54 -9.98 -44.76
C ARG O 57 32.56 -11.04 -44.31
N PRO O 58 31.29 -10.93 -44.72
CA PRO O 58 30.28 -11.90 -44.31
C PRO O 58 30.62 -13.31 -44.79
N SER O 59 30.33 -14.31 -43.96
CA SER O 59 30.44 -15.71 -44.37
C SER O 59 29.19 -16.49 -43.95
N THR O 60 28.82 -17.50 -44.72
CA THR O 60 27.71 -18.38 -44.35
C THR O 60 28.18 -19.71 -43.77
N VAL O 61 29.51 -19.88 -43.67
CA VAL O 61 30.07 -21.11 -43.12
C VAL O 61 29.62 -21.35 -41.68
N HIS O 62 28.94 -22.46 -41.46
CA HIS O 62 28.48 -22.86 -40.13
C HIS O 62 27.42 -21.93 -39.56
N SER O 63 26.75 -21.15 -40.41
CA SER O 63 25.83 -20.13 -39.90
C SER O 63 24.76 -20.76 -39.02
N TRP O 64 24.57 -20.18 -37.84
CA TRP O 64 23.60 -20.69 -36.88
C TRP O 64 22.19 -20.34 -37.31
N PHE O 65 22.07 -19.31 -38.15
CA PHE O 65 20.77 -18.83 -38.59
C PHE O 65 20.63 -18.96 -40.10
N PRO O 66 20.10 -20.11 -40.55
CA PRO O 66 20.12 -20.44 -41.97
C PRO O 66 19.50 -19.33 -42.82
N GLY O 67 20.21 -18.93 -43.87
CA GLY O 67 19.77 -17.84 -44.73
C GLY O 67 20.44 -16.53 -44.39
N TYR O 68 21.21 -16.52 -43.30
CA TYR O 68 22.02 -15.36 -42.94
C TYR O 68 23.52 -15.68 -43.02
N ALA O 69 24.30 -14.67 -43.37
CA ALA O 69 25.74 -14.69 -43.17
C ALA O 69 26.12 -13.96 -41.89
N TRP O 70 27.31 -14.24 -41.38
CA TRP O 70 27.80 -13.60 -40.17
C TRP O 70 29.08 -12.81 -40.42
N THR O 71 29.22 -11.69 -39.72
CA THR O 71 30.46 -10.92 -39.69
C THR O 71 30.84 -10.67 -38.23
N ILE O 72 32.08 -10.99 -37.88
CA ILE O 72 32.53 -10.83 -36.50
C ILE O 72 32.34 -9.39 -36.04
N ALA O 73 31.82 -9.24 -34.82
CA ALA O 73 31.57 -7.91 -34.25
C ALA O 73 32.24 -7.78 -32.89
N GLN O 74 33.14 -6.81 -32.76
CA GLN O 74 33.88 -6.62 -31.53
C GLN O 74 33.71 -5.20 -30.97
N CYS O 75 33.74 -5.11 -29.65
CA CYS O 75 33.59 -3.83 -28.97
C CYS O 75 34.60 -2.81 -29.48
N LYS O 76 34.14 -1.59 -29.74
CA LYS O 76 34.98 -0.59 -30.38
C LYS O 76 35.97 0.03 -29.40
N ILE O 77 35.79 -0.27 -28.11
CA ILE O 77 36.60 0.34 -27.07
C ILE O 77 37.69 -0.61 -26.58
N CYS O 78 37.39 -1.90 -26.48
CA CYS O 78 38.34 -2.86 -25.92
C CYS O 78 38.55 -4.09 -26.83
N ALA O 79 37.82 -4.13 -27.93
CA ALA O 79 37.96 -5.20 -28.93
C ALA O 79 37.59 -6.59 -28.40
N SER O 80 36.81 -6.63 -27.33
CA SER O 80 36.18 -7.87 -26.90
C SER O 80 35.24 -8.40 -27.99
N HIS O 81 35.32 -9.70 -28.27
CA HIS O 81 34.48 -10.32 -29.28
C HIS O 81 33.09 -10.60 -28.73
N ILE O 82 32.15 -9.70 -29.01
CA ILE O 82 30.84 -9.74 -28.37
C ILE O 82 29.89 -10.68 -29.12
N GLY O 83 29.99 -10.68 -30.44
CA GLY O 83 29.21 -11.62 -31.26
C GLY O 83 29.39 -11.40 -32.74
N TRP O 84 28.27 -11.32 -33.46
CA TRP O 84 28.28 -11.21 -34.92
C TRP O 84 27.13 -10.34 -35.40
N LYS O 85 27.35 -9.65 -36.52
CA LYS O 85 26.27 -9.13 -37.34
C LYS O 85 25.82 -10.18 -38.36
N PHE O 86 24.53 -10.48 -38.36
CA PHE O 86 23.96 -11.42 -39.31
C PHE O 86 23.21 -10.66 -40.41
N THR O 87 23.54 -10.97 -41.66
CA THR O 87 22.96 -10.27 -42.80
C THR O 87 22.30 -11.25 -43.77
N ALA O 88 21.09 -10.93 -44.19
CA ALA O 88 20.28 -11.85 -44.99
C ALA O 88 20.93 -12.07 -46.35
N THR O 89 20.87 -13.31 -46.83
CA THR O 89 21.38 -13.63 -48.17
C THR O 89 20.32 -13.39 -49.25
N LYS O 90 19.06 -13.23 -48.83
CA LYS O 90 17.95 -13.03 -49.76
C LYS O 90 17.15 -11.81 -49.36
N LYS O 91 16.55 -11.15 -50.34
CA LYS O 91 15.94 -9.84 -50.10
C LYS O 91 14.50 -9.95 -49.61
N ASP O 92 13.97 -11.17 -49.57
CA ASP O 92 12.59 -11.38 -49.12
C ASP O 92 12.52 -11.77 -47.64
N MET O 93 13.66 -11.71 -46.96
CA MET O 93 13.72 -12.10 -45.55
C MET O 93 13.53 -10.90 -44.63
N SER O 94 13.13 -11.16 -43.40
CA SER O 94 13.13 -10.14 -42.36
C SER O 94 13.52 -10.72 -41.00
N PRO O 95 14.23 -9.94 -40.19
CA PRO O 95 14.88 -8.71 -40.65
C PRO O 95 16.01 -8.99 -41.64
N GLN O 96 16.43 -7.95 -42.37
CA GLN O 96 17.53 -8.08 -43.33
C GLN O 96 18.88 -8.17 -42.60
N LYS O 97 18.93 -7.59 -41.41
CA LYS O 97 20.13 -7.62 -40.57
C LYS O 97 19.68 -7.77 -39.12
N PHE O 98 20.47 -8.48 -38.33
CA PHE O 98 20.37 -8.40 -36.87
C PHE O 98 21.70 -8.75 -36.23
N TRP O 99 21.78 -8.59 -34.91
CA TRP O 99 23.00 -8.88 -34.18
C TRP O 99 22.77 -10.11 -33.31
N GLY O 100 23.67 -11.08 -33.42
CA GLY O 100 23.68 -12.21 -32.51
C GLY O 100 24.82 -12.09 -31.51
N LEU O 101 24.46 -11.84 -30.26
CA LEU O 101 25.43 -11.49 -29.24
C LEU O 101 25.58 -12.61 -28.20
N THR O 102 26.81 -12.90 -27.85
CA THR O 102 27.09 -13.88 -26.80
C THR O 102 26.77 -13.31 -25.42
N ARG O 103 25.77 -13.89 -24.75
CA ARG O 103 25.16 -13.26 -23.60
C ARG O 103 26.16 -13.10 -22.46
N SER O 104 27.11 -14.03 -22.38
CA SER O 104 28.09 -14.02 -21.31
C SER O 104 29.15 -12.93 -21.52
N ALA O 105 29.10 -12.29 -22.68
CA ALA O 105 30.02 -11.20 -23.00
C ALA O 105 29.39 -9.85 -22.69
N LEU O 106 28.20 -9.87 -22.11
CA LEU O 106 27.47 -8.65 -21.79
C LEU O 106 27.19 -8.55 -20.30
N LEU O 107 27.12 -7.32 -19.80
CA LEU O 107 26.51 -7.04 -18.49
C LEU O 107 25.04 -6.71 -18.69
N PRO O 108 24.22 -6.84 -17.63
CA PRO O 108 24.44 -7.67 -16.46
C PRO O 108 24.70 -9.14 -16.81
N GLY P 1 -24.27 -26.62 -48.57
CA GLY P 1 -24.19 -26.80 -50.06
C GLY P 1 -22.80 -27.23 -50.50
N PRO P 2 -22.74 -27.96 -51.62
CA PRO P 2 -21.50 -28.15 -52.37
C PRO P 2 -20.90 -26.83 -52.85
N THR P 3 -21.72 -25.79 -52.91
CA THR P 3 -21.30 -24.54 -53.55
C THR P 3 -21.17 -23.40 -52.55
N SER P 4 -21.32 -23.72 -51.26
CA SER P 4 -21.41 -22.69 -50.23
C SER P 4 -20.04 -22.25 -49.74
N LEU P 5 -19.86 -20.94 -49.62
CA LEU P 5 -18.68 -20.37 -48.98
C LEU P 5 -19.06 -19.79 -47.62
N CYS P 6 -18.54 -20.41 -46.57
CA CYS P 6 -18.94 -20.06 -45.21
C CYS P 6 -17.85 -19.29 -44.47
N CYS P 7 -18.26 -18.59 -43.43
CA CYS P 7 -17.33 -17.90 -42.55
C CYS P 7 -16.35 -18.89 -41.93
N LYS P 8 -15.06 -18.65 -42.15
CA LYS P 8 -14.04 -19.61 -41.73
C LYS P 8 -13.92 -19.65 -40.22
N GLN P 9 -14.23 -18.54 -39.57
CA GLN P 9 -13.99 -18.40 -38.14
C GLN P 9 -14.99 -19.23 -37.31
N CYS P 10 -16.28 -19.10 -37.61
CA CYS P 10 -17.31 -19.81 -36.84
C CYS P 10 -17.96 -20.95 -37.62
N GLN P 11 -17.85 -20.90 -38.95
CA GLN P 11 -18.39 -21.95 -39.82
C GLN P 11 -19.90 -22.15 -39.70
N GLU P 12 -20.57 -21.23 -39.02
CA GLU P 12 -22.04 -21.28 -38.91
C GLU P 12 -22.71 -20.81 -40.19
N THR P 13 -22.21 -19.71 -40.74
CA THR P 13 -22.96 -18.94 -41.72
C THR P 13 -22.46 -19.24 -43.13
N GLU P 14 -23.39 -19.43 -44.06
CA GLU P 14 -23.09 -19.21 -45.47
C GLU P 14 -23.04 -17.72 -45.78
N ILE P 15 -21.93 -17.29 -46.36
CA ILE P 15 -21.76 -15.88 -46.71
C ILE P 15 -22.05 -15.66 -48.20
N THR P 16 -21.69 -16.63 -49.02
CA THR P 16 -22.01 -16.57 -50.44
C THR P 16 -21.93 -17.96 -51.07
N THR P 17 -22.18 -18.04 -52.37
CA THR P 17 -22.05 -19.29 -53.10
C THR P 17 -21.19 -19.08 -54.33
N LYS P 18 -20.61 -20.16 -54.85
CA LYS P 18 -19.76 -20.08 -56.02
C LYS P 18 -20.55 -19.60 -57.24
N ASN P 19 -21.87 -19.68 -57.14
CA ASN P 19 -22.74 -19.26 -58.24
C ASN P 19 -22.77 -17.74 -58.41
N GLU P 20 -22.39 -17.03 -57.35
CA GLU P 20 -22.49 -15.57 -57.35
C GLU P 20 -21.19 -14.90 -57.80
N ILE P 21 -20.13 -15.70 -57.91
CA ILE P 21 -18.82 -15.17 -58.25
C ILE P 21 -18.84 -14.52 -59.63
N PHE P 22 -18.24 -13.33 -59.73
CA PHE P 22 -17.99 -12.70 -61.03
C PHE P 22 -16.68 -11.93 -60.97
N SER P 23 -16.22 -11.47 -62.13
CA SER P 23 -14.90 -10.87 -62.23
C SER P 23 -14.96 -9.46 -62.78
N LEU P 24 -14.39 -8.51 -62.03
CA LEU P 24 -14.19 -7.15 -62.52
C LEU P 24 -12.78 -6.92 -63.05
N SER P 25 -11.94 -7.95 -62.99
CA SER P 25 -10.58 -7.82 -63.52
C SER P 25 -10.56 -8.06 -65.04
N LEU P 26 -9.67 -7.35 -65.72
CA LEU P 26 -9.69 -7.31 -67.18
C LEU P 26 -8.81 -8.42 -67.76
N CYS P 27 -9.23 -9.00 -68.87
CA CYS P 27 -8.64 -10.23 -69.37
C CYS P 27 -7.71 -9.98 -70.56
N GLY P 28 -7.36 -8.71 -70.78
CA GLY P 28 -6.45 -8.34 -71.86
C GLY P 28 -5.38 -7.36 -71.38
N PRO P 29 -4.73 -6.67 -72.34
CA PRO P 29 -3.54 -5.88 -72.01
C PRO P 29 -3.84 -4.69 -71.09
N MET P 30 -5.13 -4.35 -70.96
CA MET P 30 -5.52 -3.17 -70.21
C MET P 30 -5.28 -3.36 -68.72
N HIS P 41 -7.68 -14.33 -58.03
CA HIS P 41 -6.86 -13.41 -57.25
C HIS P 41 -7.04 -13.65 -55.76
N GLU P 42 -6.86 -12.61 -54.96
CA GLU P 42 -7.01 -12.70 -53.51
C GLU P 42 -8.41 -12.30 -53.07
N THR P 43 -8.95 -11.27 -53.69
CA THR P 43 -10.29 -10.78 -53.36
C THR P 43 -11.33 -11.42 -54.28
N LEU P 44 -12.28 -12.11 -53.65
CA LEU P 44 -13.42 -12.67 -54.36
C LEU P 44 -14.50 -11.60 -54.49
N THR P 45 -14.99 -11.39 -55.71
CA THR P 45 -16.11 -10.48 -55.93
C THR P 45 -17.37 -11.25 -56.30
N VAL P 46 -18.43 -11.04 -55.53
CA VAL P 46 -19.70 -11.72 -55.79
C VAL P 46 -20.86 -10.73 -55.87
N TYR P 47 -21.88 -11.10 -56.65
CA TYR P 47 -23.03 -10.23 -56.85
C TYR P 47 -23.86 -10.15 -55.58
N LYS P 48 -23.90 -11.25 -54.84
CA LYS P 48 -24.84 -11.41 -53.75
C LYS P 48 -24.12 -12.10 -52.59
N ALA P 49 -24.50 -11.73 -51.37
CA ALA P 49 -23.98 -12.36 -50.16
C ALA P 49 -25.04 -12.34 -49.07
N SER P 50 -24.80 -13.10 -48.02
CA SER P 50 -25.77 -13.25 -46.95
C SER P 50 -25.06 -13.24 -45.60
N ASN P 51 -25.80 -12.89 -44.55
CA ASN P 51 -25.35 -13.13 -43.18
C ASN P 51 -24.20 -12.21 -42.81
N LEU P 52 -24.12 -11.07 -43.49
CA LEU P 52 -23.13 -10.05 -43.18
C LEU P 52 -23.81 -8.82 -42.60
N ASN P 53 -23.24 -8.29 -41.52
CA ASN P 53 -23.63 -6.98 -40.99
C ASN P 53 -22.73 -5.89 -41.54
N LEU P 54 -23.33 -4.78 -41.94
CA LEU P 54 -22.57 -3.62 -42.41
C LEU P 54 -22.22 -2.69 -41.25
N ILE P 55 -20.97 -2.22 -41.25
CA ILE P 55 -20.50 -1.29 -40.24
C ILE P 55 -20.32 0.10 -40.83
N GLY P 56 -20.92 1.11 -40.20
CA GLY P 56 -20.68 2.50 -40.55
C GLY P 56 -21.29 2.87 -41.89
N ARG P 57 -20.59 3.72 -42.63
CA ARG P 57 -21.14 4.34 -43.83
C ARG P 57 -20.13 4.21 -44.97
N PRO P 58 -20.60 4.33 -46.22
CA PRO P 58 -19.69 4.07 -47.32
C PRO P 58 -18.58 5.12 -47.41
N SER P 59 -17.38 4.68 -47.76
CA SER P 59 -16.28 5.59 -48.04
C SER P 59 -15.63 5.28 -49.38
N THR P 60 -15.09 6.29 -50.05
CA THR P 60 -14.36 6.09 -51.29
C THR P 60 -12.85 6.10 -51.08
N VAL P 61 -12.40 6.29 -49.85
CA VAL P 61 -10.98 6.42 -49.56
C VAL P 61 -10.24 5.11 -49.87
N HIS P 62 -9.25 5.20 -50.76
CA HIS P 62 -8.39 4.06 -51.08
C HIS P 62 -9.15 2.94 -51.78
N SER P 63 -10.29 3.25 -52.38
CA SER P 63 -11.16 2.22 -52.94
C SER P 63 -10.41 1.36 -53.96
N TRP P 64 -10.52 0.05 -53.80
CA TRP P 64 -9.84 -0.89 -54.70
C TRP P 64 -10.58 -0.99 -56.04
N PHE P 65 -11.78 -0.43 -56.10
CA PHE P 65 -12.59 -0.47 -57.32
C PHE P 65 -13.10 0.93 -57.66
N PRO P 66 -12.31 1.67 -58.45
CA PRO P 66 -12.58 3.08 -58.69
C PRO P 66 -13.97 3.30 -59.27
N GLY P 67 -14.73 4.17 -58.62
CA GLY P 67 -16.14 4.35 -58.97
C GLY P 67 -17.05 3.83 -57.88
N TYR P 68 -16.51 2.99 -57.01
CA TYR P 68 -17.28 2.42 -55.91
C TYR P 68 -16.79 2.94 -54.56
N ALA P 69 -17.70 3.00 -53.60
CA ALA P 69 -17.35 3.18 -52.20
C ALA P 69 -17.44 1.84 -51.47
N TRP P 70 -16.79 1.76 -50.31
CA TRP P 70 -16.77 0.53 -49.52
C TRP P 70 -17.40 0.73 -48.14
N THR P 71 -18.10 -0.31 -47.70
CA THR P 71 -18.57 -0.40 -46.32
C THR P 71 -18.11 -1.73 -45.72
N ILE P 72 -17.52 -1.69 -44.52
CA ILE P 72 -17.06 -2.90 -43.86
C ILE P 72 -18.20 -3.89 -43.63
N ALA P 73 -17.94 -5.17 -43.91
CA ALA P 73 -18.92 -6.23 -43.73
C ALA P 73 -18.36 -7.36 -42.86
N GLN P 74 -19.10 -7.72 -41.81
CA GLN P 74 -18.65 -8.77 -40.91
C GLN P 74 -19.74 -9.81 -40.65
N CYS P 75 -19.31 -11.03 -40.37
CA CYS P 75 -20.23 -12.13 -40.11
C CYS P 75 -21.16 -11.77 -38.96
N LYS P 76 -22.45 -11.99 -39.15
CA LYS P 76 -23.44 -11.53 -38.18
C LYS P 76 -23.38 -12.36 -36.91
N ILE P 77 -22.73 -13.52 -36.97
CA ILE P 77 -22.65 -14.41 -35.81
C ILE P 77 -21.43 -14.07 -34.95
N CYS P 78 -20.25 -14.08 -35.56
CA CYS P 78 -19.00 -14.05 -34.80
C CYS P 78 -18.21 -12.75 -35.01
N ALA P 79 -18.68 -11.93 -35.94
CA ALA P 79 -18.13 -10.60 -36.17
C ALA P 79 -16.80 -10.61 -36.93
N SER P 80 -16.42 -11.76 -37.47
CA SER P 80 -15.25 -11.83 -38.33
C SER P 80 -15.37 -10.85 -39.50
N HIS P 81 -14.32 -10.08 -39.72
CA HIS P 81 -14.28 -9.15 -40.85
C HIS P 81 -14.05 -9.91 -42.15
N ILE P 82 -15.11 -10.12 -42.91
CA ILE P 82 -15.05 -11.04 -44.03
C ILE P 82 -14.82 -10.30 -45.36
N GLY P 83 -15.25 -9.05 -45.42
CA GLY P 83 -14.95 -8.20 -46.57
C GLY P 83 -15.67 -6.87 -46.54
N TRP P 84 -16.13 -6.43 -47.70
CA TRP P 84 -16.77 -5.13 -47.85
C TRP P 84 -17.95 -5.22 -48.82
N LYS P 85 -18.93 -4.35 -48.61
CA LYS P 85 -19.90 -4.05 -49.64
C LYS P 85 -19.44 -2.85 -50.47
N PHE P 86 -19.42 -3.02 -51.79
CA PHE P 86 -19.04 -1.93 -52.69
C PHE P 86 -20.25 -1.36 -53.40
N THR P 87 -20.40 -0.04 -53.33
CA THR P 87 -21.59 0.62 -53.85
C THR P 87 -21.22 1.73 -54.82
N ALA P 88 -21.86 1.72 -56.00
CA ALA P 88 -21.45 2.58 -57.11
C ALA P 88 -21.72 4.04 -56.79
N THR P 89 -20.83 4.92 -57.23
CA THR P 89 -20.96 6.35 -56.96
C THR P 89 -21.73 7.05 -58.08
N LYS P 90 -21.95 6.33 -59.18
CA LYS P 90 -22.66 6.89 -60.34
C LYS P 90 -23.72 5.91 -60.83
N LYS P 91 -24.83 6.44 -61.33
CA LYS P 91 -26.00 5.63 -61.63
C LYS P 91 -25.80 4.81 -62.90
N ASP P 92 -24.84 5.21 -63.74
CA ASP P 92 -24.66 4.57 -65.04
C ASP P 92 -23.73 3.37 -64.97
N MET P 93 -23.33 2.99 -63.75
CA MET P 93 -22.43 1.87 -63.55
C MET P 93 -23.20 0.57 -63.34
N SER P 94 -22.61 -0.55 -63.76
CA SER P 94 -23.08 -1.87 -63.33
C SER P 94 -21.90 -2.73 -62.87
N PRO P 95 -22.14 -3.55 -61.83
CA PRO P 95 -23.35 -3.48 -61.02
C PRO P 95 -23.38 -2.23 -60.16
N GLN P 96 -24.55 -1.91 -59.61
CA GLN P 96 -24.66 -0.78 -58.70
C GLN P 96 -24.09 -1.14 -57.33
N LYS P 97 -23.93 -2.43 -57.08
CA LYS P 97 -23.41 -2.92 -55.81
C LYS P 97 -22.91 -4.36 -55.97
N PHE P 98 -21.81 -4.66 -55.27
CA PHE P 98 -21.33 -6.03 -55.18
C PHE P 98 -20.57 -6.22 -53.86
N TRP P 99 -20.11 -7.43 -53.61
CA TRP P 99 -19.32 -7.71 -52.41
C TRP P 99 -17.90 -8.12 -52.78
N GLY P 100 -16.92 -7.51 -52.13
CA GLY P 100 -15.53 -7.96 -52.22
C GLY P 100 -15.09 -8.65 -50.95
N LEU P 101 -14.88 -9.96 -51.05
CA LEU P 101 -14.68 -10.79 -49.86
C LEU P 101 -13.25 -11.30 -49.77
N THR P 102 -12.69 -11.22 -48.57
CA THR P 102 -11.36 -11.77 -48.32
C THR P 102 -11.39 -13.29 -48.34
N ARG P 103 -10.70 -13.87 -49.32
CA ARG P 103 -10.82 -15.29 -49.62
C ARG P 103 -10.44 -16.13 -48.40
N SER P 104 -9.42 -15.66 -47.69
CA SER P 104 -8.85 -16.44 -46.59
C SER P 104 -9.78 -16.39 -45.37
N ALA P 105 -10.84 -15.59 -45.47
CA ALA P 105 -11.82 -15.51 -44.38
C ALA P 105 -13.03 -16.40 -44.65
N LEU P 106 -12.94 -17.22 -45.70
CA LEU P 106 -14.02 -18.12 -46.08
C LEU P 106 -13.52 -19.56 -46.14
N LEU P 107 -14.43 -20.50 -45.88
CA LEU P 107 -14.22 -21.90 -46.25
C LEU P 107 -15.25 -22.33 -47.30
N PRO P 108 -14.85 -23.22 -48.23
CA PRO P 108 -13.46 -23.63 -48.41
C PRO P 108 -12.65 -22.55 -49.13
O01 EF2 Q . -4.70 6.89 72.92
C02 EF2 Q . -4.58 6.74 71.70
N03 EF2 Q . -5.28 7.57 70.82
C04 EF2 Q . -5.06 7.49 69.44
O05 EF2 Q . -5.68 8.24 68.68
C06 EF2 Q . -4.17 6.39 68.86
C07 EF2 Q . -4.07 5.21 69.80
C08 EF2 Q . -3.58 5.73 71.15
N09 EF2 Q . -3.40 4.60 72.08
C11 EF2 Q . -3.45 1.55 75.45
C12 EF2 Q . -4.30 2.24 74.62
C13 EF2 Q . -3.78 3.15 73.70
C14 EF2 Q . -2.41 3.38 73.64
O16 EF2 Q . -5.55 4.07 72.52
O18 EF2 Q . -1.14 4.77 72.28
C19 EF2 Q . -1.54 2.65 74.45
C20 EF2 Q . -2.07 1.73 75.36
C3 EF2 Q . -2.22 4.29 72.61
C4 EF2 Q . -4.36 4.08 72.83
ZN ZN R . 12.30 0.52 60.16
S SO4 S . -5.96 9.94 48.31
O1 SO4 S . -6.46 11.28 47.91
O2 SO4 S . -5.45 10.00 49.70
O3 SO4 S . -4.88 9.52 47.40
O4 SO4 S . -7.08 8.97 48.25
S SO4 T . -3.25 5.65 51.28
O1 SO4 T . -3.05 7.12 51.22
O2 SO4 T . -4.45 5.32 52.09
O3 SO4 T . -3.43 5.15 49.91
O4 SO4 T . -2.07 5.03 51.91
O01 EF2 U . -20.84 27.33 38.74
C02 EF2 U . -20.25 26.57 39.51
N03 EF2 U . -19.38 25.59 39.00
C04 EF2 U . -18.65 24.76 39.86
O05 EF2 U . -17.88 23.92 39.39
C06 EF2 U . -18.86 24.83 41.38
C07 EF2 U . -20.25 25.40 41.69
C08 EF2 U . -20.38 26.76 41.03
N09 EF2 U . -21.68 27.37 41.37
C11 EF2 U . -25.11 30.21 42.28
C12 EF2 U . -23.74 30.07 42.49
C13 EF2 U . -23.08 28.99 41.92
C14 EF2 U . -23.77 28.04 41.20
O16 EF2 U . -20.85 29.13 42.53
O18 EF2 U . -23.08 26.10 40.14
C19 EF2 U . -25.13 28.19 40.96
C20 EF2 U . -25.80 29.28 41.50
C3 EF2 U . -22.80 27.17 40.69
C4 EF2 U . -21.80 28.48 42.10
ZN ZN V . -13.17 29.63 59.40
S SO4 W . -6.19 9.61 42.48
O1 SO4 W . -7.42 10.27 42.98
O2 SO4 W . -5.07 9.94 43.37
O3 SO4 W . -5.91 10.08 41.10
O4 SO4 W . -6.40 8.15 42.44
S SO4 X . -9.89 13.24 51.10
O1 SO4 X . -10.34 14.39 51.93
O2 SO4 X . -10.99 12.90 50.17
O3 SO4 X . -8.69 13.62 50.33
O4 SO4 X . -9.58 12.08 51.95
O01 EF2 Y . 7.46 -4.52 33.29
C02 EF2 Y . 6.65 -3.69 33.72
N03 EF2 Y . 6.47 -3.55 35.09
C04 EF2 Y . 5.60 -2.57 35.61
O05 EF2 Y . 5.46 -2.48 36.83
C06 EF2 Y . 4.77 -1.71 34.68
C07 EF2 Y . 4.56 -2.42 33.34
C08 EF2 Y . 5.93 -2.75 32.76
N09 EF2 Y . 5.79 -3.34 31.42
C11 EF2 Y . 5.73 -5.93 27.66
C12 EF2 Y . 5.38 -5.96 29.00
C13 EF2 Y . 5.63 -4.86 29.82
C14 EF2 Y . 6.26 -3.74 29.29
O16 EF2 Y . 4.88 -5.34 31.95
O18 EF2 Y . 6.83 -1.70 30.25
C19 EF2 Y . 6.58 -3.69 27.93
C20 EF2 Y . 6.32 -4.78 27.13
C3 EF2 Y . 6.32 -2.81 30.33
C4 EF2 Y . 5.53 -4.63 31.18
ZN ZN Z . 1.02 15.50 26.32
S SO4 AA . 8.74 -11.41 37.36
O1 SO4 AA . 9.00 -10.41 38.42
O2 SO4 AA . 8.58 -10.73 36.05
O3 SO4 AA . 7.51 -12.18 37.66
O4 SO4 AA . 9.89 -12.35 37.27
O01 EF2 BA . -24.27 -28.59 15.38
C02 EF2 BA . -24.10 -28.81 14.17
N03 EF2 BA . -24.81 -28.04 13.24
C04 EF2 BA . -24.51 -28.12 11.87
O05 EF2 BA . -25.14 -27.43 11.07
C06 EF2 BA . -23.51 -29.17 11.36
C07 EF2 BA . -23.38 -30.33 12.33
C08 EF2 BA . -23.01 -29.78 13.71
N09 EF2 BA . -22.83 -30.88 14.67
C11 EF2 BA . -21.54 -33.68 18.04
C12 EF2 BA . -21.03 -32.80 17.10
C13 EF2 BA . -21.88 -32.13 16.22
C14 EF2 BA . -23.24 -32.35 16.29
O16 EF2 BA . -20.59 -30.74 14.89
O18 EF2 BA . -25.01 -31.39 15.10
C19 EF2 BA . -23.77 -33.24 17.21
C20 EF2 BA . -22.92 -33.91 18.08
C3 EF2 BA . -23.81 -31.48 15.35
C4 EF2 BA . -21.69 -31.11 15.30
ZN ZN CA . -6.58 -34.34 3.64
S SO4 DA . -24.48 -26.14 -9.48
O1 SO4 DA . -23.94 -26.02 -8.11
O2 SO4 DA . -24.99 -24.83 -9.93
O3 SO4 DA . -23.41 -26.60 -10.40
O4 SO4 DA . -25.58 -27.13 -9.49
S SO4 EA . -28.75 -23.06 -6.96
O1 SO4 EA . -29.29 -21.86 -6.26
O2 SO4 EA . -29.65 -23.40 -8.09
O3 SO4 EA . -27.39 -22.78 -7.49
O4 SO4 EA . -28.69 -24.19 -6.02
S SO4 FA . -31.40 -26.18 18.16
O1 SO4 FA . -31.63 -25.73 19.55
O2 SO4 FA . -32.65 -26.05 17.37
O3 SO4 FA . -30.98 -27.60 18.18
O4 SO4 FA . -30.34 -25.37 17.53
O01 EF2 GA . -9.65 -40.59 -23.22
C02 EF2 GA . -10.58 -39.85 -22.88
N03 EF2 GA . -10.85 -39.68 -21.52
C04 EF2 GA . -11.72 -38.69 -21.07
O05 EF2 GA . -11.92 -38.56 -19.86
C06 EF2 GA . -12.50 -37.81 -22.06
C07 EF2 GA . -12.61 -38.52 -23.41
C08 EF2 GA . -11.22 -38.89 -23.89
N09 EF2 GA . -11.29 -39.51 -25.22
C11 EF2 GA . -11.30 -42.00 -29.04
C12 EF2 GA . -11.65 -42.07 -27.69
C13 EF2 GA . -11.46 -40.98 -26.86
C14 EF2 GA . -10.86 -39.83 -27.37
O16 EF2 GA . -12.19 -41.52 -24.73
O18 EF2 GA . -10.27 -37.82 -26.37
C19 EF2 GA . -10.52 -39.74 -28.71
C20 EF2 GA . -10.74 -40.83 -29.54
C3 EF2 GA . -10.79 -38.93 -26.31
C4 EF2 GA . -11.59 -40.77 -25.50
ZN ZN HA . -15.79 -21.02 -30.65
S SO4 IA . -21.80 -30.18 -6.49
O1 SO4 IA . -23.12 -30.63 -5.98
O2 SO4 IA . -21.70 -28.72 -6.36
O3 SO4 IA . -21.64 -30.56 -7.91
O4 SO4 IA . -20.74 -30.84 -5.68
S SO4 JA . -8.79 -46.94 -18.83
O1 SO4 JA . -8.37 -45.53 -19.04
O2 SO4 JA . -9.95 -46.96 -17.90
O3 SO4 JA . -9.17 -47.54 -20.12
O4 SO4 JA . -7.67 -47.70 -18.23
O01 EF2 KA . -39.06 -9.44 -20.41
C02 EF2 KA . -38.54 -10.20 -19.59
N03 EF2 KA . -37.58 -11.12 -20.04
C04 EF2 KA . -36.91 -11.97 -19.16
O05 EF2 KA . -36.07 -12.76 -19.58
C06 EF2 KA . -37.16 -11.86 -17.65
C07 EF2 KA . -38.57 -11.33 -17.37
C08 EF2 KA . -38.75 -10.00 -18.09
N09 EF2 KA . -40.10 -9.45 -17.80
C11 EF2 KA . -44.28 -7.66 -17.90
C12 EF2 KA . -43.53 -8.70 -18.44
C13 EF2 KA . -42.20 -8.84 -18.10
C14 EF2 KA . -41.59 -7.90 -17.27
O16 EF2 KA . -41.37 -10.71 -19.16
O18 EF2 KA . -39.40 -7.70 -16.54
C19 EF2 KA . -42.33 -6.86 -16.72
C20 EF2 KA . -43.69 -6.75 -17.03
C3 EF2 KA . -40.30 -8.36 -17.05
C4 EF2 KA . -41.16 -9.64 -18.58
ZN ZN LA . -32.80 -6.94 0.41
S SO4 MA . -24.26 -26.78 -15.28
O1 SO4 MA . -23.22 -26.38 -14.32
O2 SO4 MA . -25.50 -26.02 -14.98
O3 SO4 MA . -23.83 -26.48 -16.66
O4 SO4 MA . -24.53 -28.23 -15.17
O01 EF2 NA . 43.08 1.11 5.95
C02 EF2 NA . 42.39 0.15 6.27
N03 EF2 NA . 41.39 0.32 7.24
C04 EF2 NA . 40.55 -0.73 7.61
O05 EF2 NA . 39.67 -0.55 8.45
C06 EF2 NA . 40.70 -2.10 6.94
C07 EF2 NA . 42.13 -2.32 6.44
C08 EF2 NA . 42.52 -1.17 5.51
N09 EF2 NA . 43.88 -1.36 5.00
C11 EF2 NA . 48.27 -1.12 3.80
C12 EF2 NA . 47.43 -0.95 4.91
C13 EF2 NA . 46.07 -1.13 4.76
C14 EF2 NA . 45.53 -1.45 3.51
O16 EF2 NA . 45.09 -0.78 6.82
O18 EF2 NA . 43.33 -1.77 2.84
C19 EF2 NA . 46.36 -1.61 2.41
C20 EF2 NA . 47.73 -1.44 2.56
C3 EF2 NA . 44.16 -1.52 3.71
C4 EF2 NA . 44.98 -0.93 5.60
ZN ZN OA . 35.59 -16.23 -5.01
S SO4 PA . 26.01 -8.49 18.70
O1 SO4 PA . 26.09 -9.16 20.01
O2 SO4 PA . 25.71 -7.05 18.91
O3 SO4 PA . 24.94 -9.10 17.88
O4 SO4 PA . 27.29 -8.63 17.98
S SO4 QA . 44.58 6.58 11.37
O1 SO4 QA . 43.53 7.25 10.56
O2 SO4 QA . 45.54 7.59 11.87
O3 SO4 QA . 43.94 5.88 12.51
O4 SO4 QA . 45.29 5.60 10.52
O01 EF2 RA . 23.49 -37.29 8.40
C02 EF2 RA . 23.35 -36.23 8.99
N03 EF2 RA . 24.21 -35.15 8.69
C04 EF2 RA . 24.00 -33.90 9.25
O05 EF2 RA . 24.74 -32.96 8.93
C06 EF2 RA . 22.94 -33.68 10.33
C07 EF2 RA . 22.61 -35.01 11.04
C08 EF2 RA . 22.22 -36.05 9.99
N09 EF2 RA . 21.85 -37.33 10.63
C11 EF2 RA . 21.40 -41.68 11.93
C12 EF2 RA . 22.36 -40.69 11.75
C13 EF2 RA . 22.00 -39.43 11.29
C14 EF2 RA . 20.66 -39.16 11.01
O16 EF2 RA . 23.91 -38.14 11.10
O18 EF2 RA . 19.62 -37.25 10.20
C19 EF2 RA . 19.69 -40.15 11.18
C20 EF2 RA . 20.07 -41.40 11.63
C3 EF2 RA . 20.64 -37.87 10.49
C4 EF2 RA . 22.70 -38.30 10.89
ZN ZN SA . 6.20 -26.68 16.83
S SO4 TA . 30.24 -15.21 12.37
O1 SO4 TA . 31.22 -14.46 13.19
O2 SO4 TA . 29.01 -14.42 12.20
O3 SO4 TA . 30.85 -15.47 11.05
O4 SO4 TA . 29.91 -16.49 13.03
S SO4 UA . 25.89 -13.57 15.86
O1 SO4 UA . 26.64 -12.76 14.88
O2 SO4 UA . 24.86 -12.73 16.51
O3 SO4 UA . 26.82 -14.09 16.89
O4 SO4 UA . 25.25 -14.72 15.17
S SO4 VA . 30.60 -39.44 5.70
O1 SO4 VA . 29.46 -38.88 4.94
O2 SO4 VA . 31.74 -38.49 5.62
O3 SO4 VA . 30.99 -40.74 5.13
O4 SO4 VA . 30.21 -39.61 7.11
O01 EF2 WA . 10.61 -4.84 33.33
C02 EF2 WA . 11.57 -4.97 32.56
N03 EF2 WA . 11.72 -6.18 31.90
C04 EF2 WA . 12.68 -6.32 30.87
O05 EF2 WA . 12.77 -7.39 30.29
C06 EF2 WA . 13.58 -5.15 30.48
C07 EF2 WA . 13.75 -4.18 31.64
C08 EF2 WA . 12.37 -3.74 32.13
N09 EF2 WA . 12.51 -2.78 33.22
C11 EF2 WA . 12.54 -0.33 37.08
C12 EF2 WA . 12.75 -1.63 36.61
C13 EF2 WA . 12.61 -1.90 35.26
C14 EF2 WA . 12.23 -0.90 34.38
O16 EF2 WA . 13.03 -4.17 34.96
O18 EF2 WA . 11.86 -0.93 32.07
C19 EF2 WA . 12.03 0.40 34.83
C20 EF2 WA . 12.20 0.67 36.19
C3 EF2 WA . 12.14 -1.50 33.13
C4 EF2 WA . 12.66 -3.07 34.52
ZN ZN XA . 19.49 8.78 18.82
S SO4 YA . 22.53 -17.60 18.17
O1 SO4 YA . 22.62 -17.16 16.77
O2 SO4 YA . 22.44 -16.42 19.05
O3 SO4 YA . 23.73 -18.40 18.52
O4 SO4 YA . 21.34 -18.46 18.35
O01 EF2 ZA . -25.41 18.81 17.69
C02 EF2 ZA . -24.96 19.36 16.69
N03 EF2 ZA . -23.64 19.81 16.68
C04 EF2 ZA . -23.06 20.34 15.53
O05 EF2 ZA . -21.89 20.73 15.56
C06 EF2 ZA . -23.88 20.52 14.25
C07 EF2 ZA . -25.37 20.60 14.58
C08 EF2 ZA . -25.76 19.37 15.39
N09 EF2 ZA . -27.21 19.40 15.67
C11 EF2 ZA . -31.43 19.44 17.39
C12 EF2 ZA . -30.19 20.05 17.55
C13 EF2 ZA . -29.12 19.66 16.73
C14 EF2 ZA . -29.30 18.65 15.81
O16 EF2 ZA . -27.27 20.95 17.31
O18 EF2 ZA . -27.80 17.67 14.31
C19 EF2 ZA . -30.53 18.04 15.65
C20 EF2 ZA . -31.60 18.44 16.44
C3 EF2 ZA . -28.07 18.52 15.17
C4 EF2 ZA . -27.77 19.99 16.71
ZN ZN AB . -28.75 15.68 -3.68
S SO4 BB . -7.95 29.23 6.15
O1 SO4 BB . -7.65 30.68 6.04
O2 SO4 BB . -9.40 29.05 6.37
O3 SO4 BB . -7.19 28.67 7.29
O4 SO4 BB . -7.57 28.54 4.89
O01 EF2 CB . 12.70 35.42 7.09
C02 EF2 CB . 11.51 35.13 7.17
N03 EF2 CB . 10.73 35.19 6.01
C04 EF2 CB . 9.43 34.67 6.00
O05 EF2 CB . 8.78 34.73 4.96
C06 EF2 CB . 8.78 34.11 7.26
C07 EF2 CB . 9.46 34.65 8.52
C08 EF2 CB . 10.96 34.42 8.41
N09 EF2 CB . 11.63 34.90 9.62
C11 EF2 CB . 13.98 36.99 12.91
C12 EF2 CB . 13.24 37.27 11.77
C13 EF2 CB . 12.67 36.23 11.05
C14 EF2 CB . 12.92 34.91 11.42
O16 EF2 CB . 11.50 37.15 9.28
O18 EF2 CB . 12.23 32.89 10.49
C19 EF2 CB . 13.64 34.62 12.57
C20 EF2 CB . 14.17 35.67 13.31
C3 EF2 CB . 12.24 34.12 10.51
C4 EF2 CB . 11.96 36.17 9.86
ZN ZN DB . 2.52 19.37 17.78
S SO4 EB . -10.49 29.18 0.94
O1 SO4 EB . -11.31 28.16 1.64
O2 SO4 EB . -10.98 30.53 1.30
O3 SO4 EB . -10.62 28.99 -0.52
O4 SO4 EB . -9.07 29.05 1.35
S SO4 FB . -7.78 32.04 -3.12
O1 SO4 FB . -6.99 32.08 -1.86
O2 SO4 FB . -8.87 33.04 -3.06
O3 SO4 FB . -6.91 32.36 -4.26
O4 SO4 FB . -8.34 30.68 -3.27
S SO4 GB . 14.43 41.15 1.92
O1 SO4 GB . 13.39 42.19 1.67
O2 SO4 GB . 14.89 41.26 3.32
O3 SO4 GB . 15.57 41.35 0.99
O4 SO4 GB . 13.84 39.81 1.70
O01 EF2 HB . -18.43 33.28 -22.41
C02 EF2 HB . -17.78 33.35 -21.37
N03 EF2 HB . -18.32 32.83 -20.18
C04 EF2 HB . -17.54 32.65 -19.04
O05 EF2 HB . -18.05 32.17 -18.03
C06 EF2 HB . -16.10 33.19 -18.99
C07 EF2 HB . -15.88 34.27 -20.05
C08 EF2 HB . -16.30 33.74 -21.42
N09 EF2 HB . -16.05 34.76 -22.46
C11 EF2 HB . -16.23 37.80 -25.86
C12 EF2 HB . -16.88 37.47 -24.68
C13 EF2 HB . -16.44 36.38 -23.93
C14 EF2 HB . -15.36 35.62 -24.38
O16 EF2 HB . -17.80 36.15 -22.07
O18 EF2 HB . -14.34 33.72 -23.52
C19 EF2 HB . -14.72 35.95 -25.56
C20 EF2 HB . -15.14 37.05 -26.30
C3 EF2 HB . -15.23 34.57 -23.47
C4 EF2 HB . -16.92 35.71 -22.80
ZN ZN IB . 3.01 30.63 -18.45
S SO4 JB . -16.22 28.22 0.40
O1 SO4 JB . -15.94 29.25 -0.61
O2 SO4 JB . -16.44 28.86 1.71
O3 SO4 JB . -15.06 27.30 0.48
O4 SO4 JB . -17.43 27.46 0.02
O01 EF2 KB . -5.13 -0.82 -49.95
C02 EF2 KB . -4.00 -1.14 -49.60
N03 EF2 KB . -3.13 -0.14 -49.15
C04 EF2 KB . -1.90 -0.47 -48.56
O05 EF2 KB . -1.16 0.43 -48.16
C06 EF2 KB . -1.45 -1.93 -48.44
C07 EF2 KB . -2.14 -2.80 -49.49
C08 EF2 KB . -3.64 -2.60 -49.38
N09 EF2 KB . -4.32 -3.47 -50.36
C11 EF2 KB . -7.03 -6.37 -52.61
C12 EF2 KB . -6.55 -6.09 -51.33
C13 EF2 KB . -5.68 -5.04 -51.13
C14 EF2 KB . -5.30 -4.22 -52.20
O16 EF2 KB . -5.20 -4.95 -48.87
O18 EF2 KB . -3.94 -2.33 -52.29
C19 EF2 KB . -5.80 -4.47 -53.47
C20 EF2 KB . -6.66 -5.56 -53.67
C3 EF2 KB . -4.50 -3.22 -51.65
C4 EF2 KB . -5.08 -4.50 -50.01
ZN ZN LB . 2.30 -17.96 -38.65
S SO4 MB . -5.72 6.18 -53.50
O1 SO4 MB . -4.37 6.75 -53.73
O2 SO4 MB . -6.69 7.29 -53.32
O3 SO4 MB . -5.71 5.33 -52.29
O4 SO4 MB . -6.12 5.37 -54.67
S SO4 NB . 15.54 4.91 -41.29
O1 SO4 NB . 14.80 6.18 -41.08
O2 SO4 NB . 15.93 4.34 -39.97
O3 SO4 NB . 16.76 5.19 -42.08
O4 SO4 NB . 14.70 3.93 -42.00
O01 EF2 OB . 27.77 21.72 -34.09
C02 EF2 OB . 27.03 20.86 -34.55
N03 EF2 OB . 27.44 19.52 -34.52
C04 EF2 OB . 26.55 18.50 -34.86
O05 EF2 OB . 26.92 17.32 -34.76
C06 EF2 OB . 25.16 18.81 -35.43
C07 EF2 OB . 25.12 20.22 -36.02
C08 EF2 OB . 25.60 21.23 -34.98
N09 EF2 OB . 25.56 22.59 -35.53
C11 EF2 OB . 25.20 27.10 -36.15
C12 EF2 OB . 24.57 26.04 -35.51
C13 EF2 OB . 25.12 24.77 -35.58
C14 EF2 OB . 26.25 24.53 -36.35
O16 EF2 OB . 23.81 23.34 -34.30
O18 EF2 OB . 27.46 22.60 -36.77
C19 EF2 OB . 26.88 25.58 -37.01
C20 EF2 OB . 26.35 26.87 -36.90
C3 EF2 OB . 26.58 23.19 -36.14
C4 EF2 OB . 24.72 23.53 -35.10
ZN ZN PB . 5.90 19.58 -34.76
S SO4 QB . 23.21 -0.79 -38.51
O1 SO4 QB . 21.91 -1.05 -37.83
O2 SO4 QB . 23.19 0.57 -39.09
O3 SO4 QB . 23.43 -1.78 -39.58
O4 SO4 QB . 24.32 -0.91 -37.53
S SO4 RB . 17.62 -0.28 -40.01
O1 SO4 RB . 17.84 0.96 -39.22
O2 SO4 RB . 16.17 -0.53 -40.15
O3 SO4 RB . 18.23 -0.13 -41.34
O4 SO4 RB . 18.25 -1.42 -39.31
S SO4 SB . 35.68 20.70 -34.35
O1 SO4 SB . 34.79 21.72 -34.95
O2 SO4 SB . 36.71 21.37 -33.52
O3 SO4 SB . 36.34 19.92 -35.43
O4 SO4 SB . 34.88 19.78 -33.50
O01 EF2 TB . 29.88 -21.32 -35.97
C02 EF2 TB . 29.58 -20.14 -36.13
N03 EF2 TB . 28.31 -19.81 -36.61
C04 EF2 TB . 27.91 -18.48 -36.76
O05 EF2 TB . 26.78 -18.23 -37.20
C06 EF2 TB . 28.83 -17.34 -36.33
C07 EF2 TB . 30.30 -17.76 -36.39
C08 EF2 TB . 30.50 -19.05 -35.59
N09 EF2 TB . 31.91 -19.47 -35.62
C11 EF2 TB . 35.94 -21.58 -35.99
C12 EF2 TB . 34.78 -21.32 -36.71
C13 EF2 TB . 33.75 -20.59 -36.14
C14 EF2 TB . 33.87 -20.14 -34.83
O16 EF2 TB . 32.01 -20.42 -37.67
O18 EF2 TB . 32.39 -19.00 -33.45
C19 EF2 TB . 35.01 -20.41 -34.09
C20 EF2 TB . 36.06 -21.11 -34.67
C3 EF2 TB . 32.67 -19.52 -34.53
C4 EF2 TB . 32.44 -20.29 -36.53
ZN ZN UB . 34.51 -3.35 -24.42
S SO4 VB . 14.69 -4.78 -42.30
O1 SO4 VB . 14.51 -4.07 -43.59
O2 SO4 VB . 14.35 -3.90 -41.18
O3 SO4 VB . 16.10 -5.21 -42.16
O4 SO4 VB . 13.81 -5.97 -42.30
O01 EF2 WB . -7.89 0.18 -48.74
C02 EF2 WB . -9.04 -0.26 -48.77
N03 EF2 WB . -9.77 -0.16 -49.95
C04 EF2 WB . -11.05 -0.74 -50.05
O05 EF2 WB . -11.65 -0.66 -51.12
C06 EF2 WB . -11.74 -1.29 -48.80
C07 EF2 WB . -11.14 -0.67 -47.55
C08 EF2 WB . -9.65 -0.94 -47.55
N09 EF2 WB . -9.05 -0.44 -46.32
C11 EF2 WB . -6.48 0.37 -42.63
C12 EF2 WB . -6.99 -0.68 -43.38
C13 EF2 WB . -7.74 -0.41 -44.52
C14 EF2 WB . -8.00 0.90 -44.90
O16 EF2 WB . -8.39 -2.44 -45.46
O18 EF2 WB . -9.18 1.81 -46.68
C19 EF2 WB . -7.47 1.95 -44.16
C20 EF2 WB . -6.73 1.69 -43.02
C3 EF2 WB . -8.72 0.83 -46.09
C4 EF2 WB . -8.35 -1.21 -45.48
ZN ZN XB . -18.67 -16.20 -38.35
S SO4 YB . -28.33 -6.65 -51.15
O1 SO4 YB . -27.89 -5.23 -51.16
O2 SO4 YB . -29.81 -6.69 -51.11
O3 SO4 YB . -27.77 -7.31 -49.94
O4 SO4 YB . -27.86 -7.34 -52.37
S SO4 ZB . -30.36 -6.63 -56.61
O1 SO4 ZB . -30.89 -5.31 -56.22
O2 SO4 ZB . -31.16 -7.68 -55.91
O3 SO4 ZB . -28.96 -6.74 -56.22
O4 SO4 ZB . -30.51 -6.83 -58.07
#